data_6T0U
#
_entry.id   6T0U
#
_cell.length_a   1.00
_cell.length_b   1.00
_cell.length_c   1.00
_cell.angle_alpha   90.00
_cell.angle_beta   90.00
_cell.angle_gamma   90.00
#
_symmetry.space_group_name_H-M   'P 1'
#
loop_
_entity.id
_entity.type
_entity.pdbx_description
1 polymer 'Polymerase acidic protein'
2 polymer 'RNA-directed RNA polymerase catalytic subunit'
3 polymer 'Polymerase basic protein 2'
4 polymer vRNA
#
loop_
_entity_poly.entity_id
_entity_poly.type
_entity_poly.pdbx_seq_one_letter_code
_entity_poly.pdbx_strand_id
1 'polypeptide(L)'
;GSHHHHHHHHGSGSMENFVRTNFNPMILERAEKTMKEYGENPQNEGNKFAAISTHMEVCFMYSDFHFIDLEGNTIVKEND
DDNAMLKHRFEIIEGQERNIAWTIVNSICNMTENSKPRFLPDLYDYKTNKFIEIGVTRRKVEDYYYEAASKLKGENVYIH
IFSFDGEEMATDDEYILDEESRARIKTRLFVLRQELATAGLWDSFRQSEKGEETLEEEFSYPPTFQRLANQSLPPSFKDY
HQFKAYVSSFKANGNIEAKLGAMSEKVNAQIESFDPRTIRELELPEGKFCTQRSKFLLMDAMKLSVLNPAHEGEGIPMKD
AKACLDTFWGWKKATIIKKHEKGVNTNYLMIWEQLLESIKEMEGKFLNLKKTNHLKWGLGEGQAPEKMDFEDCKEVPDLF
QYKSEPPEKRKLASWIQSEFNKASELTNSNWIEFDELGNDVAPIEHIASRRRNFFTAEVSQCRASEYIMKAVYINTALLN
SSCTAMEEYQVIPIITKCRDTSGQRRTNLYGFIIKGRSHLRNDTDVVNFISLEFSLTDPRNEIHKWEKYCVLEIGDMEIR
TSISTIMKPVYLYVRTNGTSKIKMKWGMEMRRCLLQSLQQVESMIEAESAVKEKDMTEPFFRNRENDWPIGESPQGIEKG
TIGKVCRVLLAKSVFNSIYASAQLEGFSAESRKLLLLIQAFRDNLDPGTFDLKGLYEAIEECIINDPWVLLNASWFNSFL
KAVQLSMGSGSGENLYFQ
;
A
2 'polypeptide(L)'
;GSGSGSGSGMDVNPMLIFLKVPVQNAISTTFPYTGDPPYSHGTGTGYTMDTVIRTHDYSSRGIWKTNSETGAQQLNPIDG
PLPEDNEPSGYAQTDCVLELIEGLDRSHPGLFETACQETIDAIQQTRVDKLTQGRQTYDWTLNRNQPAATALANTIEVFR
KNGYKLNESGRLIDFLKDVLLSFENDSMEVTTHFQKKKRIRDNHSKKMITQRTIGKKRVKLTKKNYLIRALTLNTMTKDA
ERGKLKRRAIATPGMQIRGFVYFVELLARNICERLEQSGLPVGGNEKKAKLANVIKKMMAKSTDEELSYTITGDNTKWNE
NQNPRIFLAMVLRITAGQPEWFRDLLAVAPIMFSNKVARLGRGYMFESKSMHLRTQISAENLSDINLRYFNEDTKKKIEK
IRHLMVEGTASLSPGMMMGMFNMLSTVLGVSVLNLGQREILKRTYWWDGLQSSDDFALIINGHFKEDIQQGVNHFYRTCK
LVGINMSQKKSYINKTGTFEFTSFFYRYGFVANFSMELPSFGVAGNNESADMSIGTTVIKTNMINNDLGPATAQMAIQLF
IKDYRYTYRCHRGDTNLETRRTKSIKRLWTETISKAGLLVADGGPNPYNLRNLHIPEVCLKWSLMDPDYRGRLCNPNNPF
VHHMEVESTNLAVVMPAHGPAKSLEYDAVATTHSWTPKRNRSILNTNQRGILEDERIYQKCCQVFEKFFPSSTYRRPIGM
ASMLDAMLSRARIDARIDLESGRISSQDFSEITNTCKAIEALKRQGSGSGENLYFQ
;
B
3 'polypeptide(L)'
;GSGSGSGSGMERIKELMEMVKNSRMREILTTTSVDHMAVIKKYTSGRQEKNPALRMKWMMAMKYPISASSRIREMIPEKD
EDGNTLWTNTKDAGSNRVLVSPNAVTWWNRAGPVSDVVHYPRVYKMYFDRLERLTHGTFGPVKFYNQVKVRKRVDINPGH
KDLTSREAQEVIMEVVFPNEVGARTLSSDAQLTITKEKKEELKNCKISPIMVAYMLERELVRRTRFLPIAGATSSTYVEV
LHLTQGTCWEQQYTPGGEAENDDLDQTLIIASRNIVRRSIVAIDPLASLLSMCHTTSISSEPLVEILRSNPTDEQAVNIC
KAALGIRINNSFSFGGYNFKRVKGSSQRTEKAVLTGNLQTLTMTIFEGYEEFNVSGKRASAVLKKGAQRLIQAIIGGRTL
EDILNLMITLMVFSQEEKMLKAVRGDLNFVNRANQRLNPMYQLLRHFQKDSSTLLKNWGTEEIDPIMGIAGIMPDGTINK
TQTLMGVRLSQGGVDEYSFNERIRVNIDKYLRVRNEKGELLISPEEVSEAQGQEKLPINYNSSLMWEVNGPESILTNTYH
WIIKNWELLKTQWMTDPTVLYNRIEFEPFQTLIPKGNRAIYSGFTRTLFQQMRDVEGTFDSIQIIKLLPFSAHPPSLGRT
QFSSFTLNIRGAPLRLLIRGNSQVFNYNQMENVIIVLGKSVGSPERSILTESSSIESAVLRGFLILGKANSKYGPVLTIG
ELDKLGRGEKANVLIGQGDTVLVMKRKRDSSILTDSQTALKRIRLEESKGWSHPQFEKGGGSGGGSGGSAWSHPQFEKGR
SGGENLYFQ
;
C
4 'polyribonucleotide' AGUAGUAACAAGAGCAUUUUUUCCGUCUCGCCUCUGCUUCUGCU V
#
# COMPACT_ATOMS: atom_id res chain seq x y z
N MET A 15 -3.43 -31.22 -46.31
CA MET A 15 -2.96 -29.95 -45.75
C MET A 15 -4.08 -29.26 -45.00
N GLU A 16 -3.78 -28.08 -44.46
CA GLU A 16 -4.82 -27.24 -43.87
C GLU A 16 -5.80 -26.75 -44.93
N ASN A 17 -5.32 -26.57 -46.17
CA ASN A 17 -6.22 -26.19 -47.25
C ASN A 17 -7.15 -27.35 -47.64
N PHE A 18 -6.72 -28.58 -47.43
CA PHE A 18 -7.61 -29.73 -47.61
C PHE A 18 -8.75 -29.70 -46.59
N VAL A 19 -8.47 -29.20 -45.38
CA VAL A 19 -9.52 -29.01 -44.39
C VAL A 19 -10.44 -27.86 -44.80
N ARG A 20 -9.85 -26.76 -45.27
CA ARG A 20 -10.62 -25.57 -45.61
C ARG A 20 -11.32 -25.66 -46.97
N THR A 21 -11.10 -26.74 -47.71
CA THR A 21 -11.77 -26.93 -49.00
C THR A 21 -13.19 -27.43 -48.83
N ASN A 22 -13.39 -28.51 -48.08
CA ASN A 22 -14.64 -29.26 -48.11
C ASN A 22 -15.37 -29.36 -46.78
N PHE A 23 -14.80 -28.84 -45.69
CA PHE A 23 -15.50 -28.85 -44.41
C PHE A 23 -16.34 -27.57 -44.25
N ASN A 24 -17.24 -27.60 -43.28
CA ASN A 24 -18.06 -26.45 -42.99
C ASN A 24 -17.24 -25.37 -42.28
N PRO A 25 -17.56 -24.09 -42.51
CA PRO A 25 -16.80 -23.02 -41.82
C PRO A 25 -17.04 -22.97 -40.33
N MET A 26 -18.20 -23.41 -39.86
CA MET A 26 -18.43 -23.50 -38.41
C MET A 26 -17.60 -24.61 -37.79
N ILE A 27 -17.42 -25.72 -38.51
CA ILE A 27 -16.52 -26.78 -38.06
C ILE A 27 -15.09 -26.30 -38.05
N LEU A 28 -14.71 -25.48 -39.04
CA LEU A 28 -13.37 -24.88 -39.06
C LEU A 28 -13.18 -23.93 -37.89
N GLU A 29 -14.21 -23.17 -37.53
CA GLU A 29 -14.14 -22.27 -36.38
C GLU A 29 -13.99 -23.06 -35.07
N ARG A 30 -14.76 -24.15 -34.92
CA ARG A 30 -14.67 -24.98 -33.73
C ARG A 30 -13.30 -25.65 -33.63
N ALA A 31 -12.76 -26.12 -34.74
CA ALA A 31 -11.45 -26.77 -34.71
C ALA A 31 -10.32 -25.77 -34.49
N GLU A 32 -10.47 -24.55 -35.00
CA GLU A 32 -9.48 -23.51 -34.75
C GLU A 32 -9.48 -23.10 -33.28
N LYS A 33 -10.65 -23.02 -32.66
CA LYS A 33 -10.71 -22.74 -31.23
C LYS A 33 -10.18 -23.91 -30.40
N THR A 34 -10.39 -25.14 -30.87
CA THR A 34 -9.86 -26.32 -30.18
C THR A 34 -8.33 -26.35 -30.25
N MET A 35 -7.76 -25.93 -31.39
CA MET A 35 -6.30 -25.86 -31.49
C MET A 35 -5.74 -24.70 -30.68
N LYS A 36 -6.44 -23.56 -30.67
CA LYS A 36 -6.00 -22.42 -29.86
C LYS A 36 -6.13 -22.68 -28.37
N GLU A 37 -6.96 -23.64 -27.96
CA GLU A 37 -6.98 -24.09 -26.58
C GLU A 37 -5.63 -24.67 -26.17
N TYR A 38 -5.13 -25.66 -26.93
CA TYR A 38 -3.90 -26.33 -26.58
C TYR A 38 -2.65 -25.51 -26.86
N GLY A 39 -2.78 -24.37 -27.54
CA GLY A 39 -1.65 -23.51 -27.77
C GLY A 39 -0.74 -23.97 -28.90
N GLU A 40 -1.27 -24.04 -30.11
CA GLU A 40 -0.45 -24.36 -31.26
C GLU A 40 -0.99 -23.66 -32.49
N ASN A 41 -0.09 -23.35 -33.42
CA ASN A 41 -0.20 -22.77 -34.75
C ASN A 41 -0.34 -23.90 -35.78
N PRO A 42 -1.19 -23.73 -36.81
CA PRO A 42 -1.42 -24.83 -37.76
C PRO A 42 -0.30 -25.13 -38.75
N GLN A 43 0.88 -24.54 -38.56
CA GLN A 43 2.03 -24.85 -39.39
C GLN A 43 2.74 -26.12 -38.95
N ASN A 44 2.92 -26.31 -37.64
CA ASN A 44 3.65 -27.48 -37.15
C ASN A 44 2.80 -28.75 -37.24
N GLU A 45 1.52 -28.65 -36.92
CA GLU A 45 0.60 -29.77 -36.98
C GLU A 45 -0.67 -29.33 -37.71
N GLY A 46 -0.88 -29.87 -38.90
CA GLY A 46 -2.12 -29.63 -39.64
C GLY A 46 -2.98 -30.88 -39.68
N ASN A 47 -2.33 -32.03 -39.44
CA ASN A 47 -3.08 -33.27 -39.29
C ASN A 47 -3.95 -33.25 -38.05
N LYS A 48 -3.52 -32.51 -37.01
CA LYS A 48 -4.39 -32.28 -35.87
C LYS A 48 -5.61 -31.47 -36.26
N PHE A 49 -5.43 -30.46 -37.13
CA PHE A 49 -6.55 -29.67 -37.62
C PHE A 49 -7.54 -30.52 -38.42
N ALA A 50 -7.01 -31.39 -39.28
CA ALA A 50 -7.86 -32.29 -40.07
C ALA A 50 -8.57 -33.31 -39.19
N ALA A 51 -7.88 -33.86 -38.18
CA ALA A 51 -8.49 -34.87 -37.33
C ALA A 51 -9.56 -34.27 -36.41
N ILE A 52 -9.29 -33.08 -35.86
CA ILE A 52 -10.27 -32.42 -35.00
C ILE A 52 -11.49 -31.98 -35.82
N SER A 53 -11.27 -31.51 -37.06
CA SER A 53 -12.40 -31.13 -37.89
C SER A 53 -13.23 -32.34 -38.32
N THR A 54 -12.56 -33.46 -38.60
CA THR A 54 -13.25 -34.69 -38.97
C THR A 54 -14.10 -35.22 -37.81
N HIS A 55 -13.50 -35.30 -36.61
CA HIS A 55 -14.21 -35.77 -35.43
C HIS A 55 -15.34 -34.81 -35.05
N MET A 56 -15.13 -33.51 -35.23
CA MET A 56 -16.17 -32.54 -34.90
C MET A 56 -17.34 -32.61 -35.87
N GLU A 57 -17.05 -32.83 -37.16
CA GLU A 57 -18.15 -32.97 -38.12
C GLU A 57 -18.88 -34.29 -37.93
N VAL A 58 -18.18 -35.34 -37.49
CA VAL A 58 -18.83 -36.60 -37.15
C VAL A 58 -19.78 -36.41 -35.96
N CYS A 59 -19.32 -35.69 -34.93
CA CYS A 59 -20.19 -35.40 -33.79
C CYS A 59 -21.36 -34.50 -34.16
N PHE A 60 -21.14 -33.55 -35.08
CA PHE A 60 -22.22 -32.66 -35.51
C PHE A 60 -23.27 -33.41 -36.30
N MET A 61 -22.85 -34.26 -37.25
CA MET A 61 -23.79 -35.08 -38.00
C MET A 61 -24.45 -36.13 -37.11
N TYR A 62 -23.80 -36.53 -36.02
CA TYR A 62 -24.48 -37.35 -35.02
C TYR A 62 -25.53 -36.54 -34.28
N SER A 63 -25.33 -35.22 -34.14
CA SER A 63 -26.29 -34.37 -33.45
C SER A 63 -27.18 -33.56 -34.37
N ASP A 64 -26.92 -33.57 -35.68
CA ASP A 64 -27.77 -32.82 -36.61
C ASP A 64 -29.10 -33.53 -36.83
N PHE A 65 -30.19 -32.78 -36.65
CA PHE A 65 -31.57 -33.20 -36.91
C PHE A 65 -31.96 -34.43 -36.07
N HIS A 66 -31.94 -34.24 -34.76
CA HIS A 66 -32.40 -35.24 -33.79
C HIS A 66 -33.16 -34.49 -32.72
N PHE A 67 -34.49 -34.51 -32.80
CA PHE A 67 -35.33 -33.66 -31.98
C PHE A 67 -36.16 -34.50 -31.00
N ILE A 68 -36.74 -33.81 -30.02
CA ILE A 68 -37.71 -34.36 -29.10
C ILE A 68 -38.88 -33.39 -29.01
N ASP A 69 -40.09 -33.88 -29.27
CA ASP A 69 -41.27 -33.03 -29.26
C ASP A 69 -41.79 -32.84 -27.84
N LEU A 70 -43.00 -32.28 -27.72
CA LEU A 70 -43.59 -32.05 -26.40
C LEU A 70 -44.10 -33.35 -25.77
N GLU A 71 -44.55 -34.30 -26.59
CA GLU A 71 -44.93 -35.61 -26.07
C GLU A 71 -43.70 -36.38 -25.59
N GLY A 72 -42.58 -36.28 -26.33
CA GLY A 72 -41.35 -36.87 -25.87
C GLY A 72 -40.82 -37.99 -26.75
N ASN A 73 -41.09 -37.92 -28.05
CA ASN A 73 -40.62 -38.94 -28.99
C ASN A 73 -39.55 -38.36 -29.89
N THR A 74 -38.60 -39.22 -30.27
CA THR A 74 -37.51 -38.82 -31.15
C THR A 74 -38.04 -38.69 -32.58
N ILE A 75 -38.37 -37.47 -32.97
CA ILE A 75 -38.88 -37.19 -34.31
C ILE A 75 -37.80 -36.42 -35.05
N VAL A 76 -37.20 -37.04 -36.05
CA VAL A 76 -36.24 -36.36 -36.92
C VAL A 76 -37.01 -35.43 -37.84
N LYS A 77 -36.79 -34.14 -37.69
CA LYS A 77 -37.40 -33.11 -38.52
C LYS A 77 -36.33 -32.44 -39.37
N GLU A 78 -36.76 -31.52 -40.22
CA GLU A 78 -35.82 -30.70 -41.00
C GLU A 78 -35.92 -29.22 -40.66
N ASN A 79 -37.11 -28.63 -40.76
CA ASN A 79 -37.28 -27.20 -40.56
C ASN A 79 -38.60 -26.90 -39.88
N ASN A 83 -38.17 -27.01 -33.67
CA ASN A 83 -37.39 -25.82 -33.38
C ASN A 83 -38.25 -24.79 -32.64
N ALA A 84 -39.51 -24.69 -33.06
CA ALA A 84 -40.46 -23.79 -32.41
C ALA A 84 -41.36 -24.51 -31.40
N MET A 85 -41.79 -25.73 -31.72
CA MET A 85 -42.61 -26.52 -30.83
C MET A 85 -41.84 -27.64 -30.15
N LEU A 86 -40.61 -27.90 -30.56
CA LEU A 86 -39.83 -29.00 -30.05
C LEU A 86 -38.48 -28.49 -29.55
N LYS A 87 -37.65 -29.43 -29.09
CA LYS A 87 -36.31 -29.13 -28.63
C LYS A 87 -35.32 -30.12 -29.22
N HIS A 88 -34.08 -30.09 -28.78
CA HIS A 88 -33.07 -31.03 -29.25
C HIS A 88 -33.05 -32.29 -28.40
N ARG A 89 -32.53 -33.36 -28.98
CA ARG A 89 -32.30 -34.60 -28.25
C ARG A 89 -30.87 -34.73 -27.74
N PHE A 90 -29.91 -34.25 -28.51
CA PHE A 90 -28.50 -34.33 -28.16
C PHE A 90 -27.98 -32.98 -27.70
N GLU A 91 -27.23 -33.00 -26.60
CA GLU A 91 -26.47 -31.85 -26.13
C GLU A 91 -25.03 -32.04 -26.57
N ILE A 92 -24.52 -31.10 -27.36
CA ILE A 92 -23.16 -31.20 -27.88
C ILE A 92 -22.20 -30.68 -26.81
N ILE A 93 -21.28 -31.54 -26.39
CA ILE A 93 -20.28 -31.18 -25.39
C ILE A 93 -18.92 -30.93 -26.03
N GLU A 94 -18.55 -31.76 -27.02
CA GLU A 94 -17.27 -31.59 -27.69
C GLU A 94 -17.33 -30.42 -28.66
N GLY A 95 -16.26 -29.64 -28.70
CA GLY A 95 -16.18 -28.45 -29.53
C GLY A 95 -16.30 -27.16 -28.77
N GLN A 96 -16.76 -27.20 -27.52
CA GLN A 96 -16.82 -26.02 -26.67
C GLN A 96 -15.46 -25.77 -26.04
N GLU A 97 -15.41 -24.88 -25.06
CA GLU A 97 -14.22 -24.71 -24.26
C GLU A 97 -14.15 -25.84 -23.24
N ARG A 98 -13.05 -25.91 -22.47
CA ARG A 98 -12.92 -26.95 -21.46
C ARG A 98 -13.85 -26.69 -20.29
N ASN A 99 -13.82 -25.48 -19.73
CA ASN A 99 -14.61 -25.18 -18.54
C ASN A 99 -16.08 -25.03 -18.86
N ILE A 100 -16.41 -24.59 -20.07
CA ILE A 100 -17.80 -24.55 -20.52
C ILE A 100 -18.37 -25.95 -20.61
N ALA A 101 -17.59 -26.88 -21.19
CA ALA A 101 -18.03 -28.26 -21.30
C ALA A 101 -18.14 -28.93 -19.94
N TRP A 102 -17.24 -28.60 -19.02
CA TRP A 102 -17.33 -29.20 -17.70
C TRP A 102 -18.49 -28.62 -16.89
N THR A 103 -18.84 -27.35 -17.11
CA THR A 103 -20.04 -26.80 -16.50
C THR A 103 -21.29 -27.45 -17.08
N ILE A 104 -21.26 -27.77 -18.38
CA ILE A 104 -22.35 -28.51 -19.01
C ILE A 104 -22.49 -29.90 -18.41
N VAL A 105 -21.37 -30.60 -18.23
CA VAL A 105 -21.36 -31.95 -17.67
C VAL A 105 -21.85 -31.94 -16.22
N ASN A 106 -21.38 -30.98 -15.42
CA ASN A 106 -21.82 -30.90 -14.03
C ASN A 106 -23.28 -30.48 -13.92
N SER A 107 -23.76 -29.61 -14.81
CA SER A 107 -25.15 -29.21 -14.78
C SER A 107 -26.07 -30.32 -15.26
N ILE A 108 -25.56 -31.25 -16.06
CA ILE A 108 -26.35 -32.43 -16.42
C ILE A 108 -26.35 -33.44 -15.27
N CYS A 109 -25.17 -33.70 -14.69
CA CYS A 109 -25.03 -34.70 -13.64
C CYS A 109 -25.70 -34.30 -12.34
N ASN A 110 -25.83 -33.00 -12.07
CA ASN A 110 -26.53 -32.58 -10.87
C ASN A 110 -28.03 -32.79 -10.99
N MET A 111 -28.57 -32.71 -12.20
CA MET A 111 -29.99 -32.94 -12.39
C MET A 111 -30.31 -34.43 -12.45
N THR A 112 -29.54 -35.19 -13.23
CA THR A 112 -29.86 -36.60 -13.44
C THR A 112 -29.24 -37.51 -12.39
N GLU A 113 -28.52 -36.95 -11.42
CA GLU A 113 -27.86 -37.69 -10.32
C GLU A 113 -26.86 -38.72 -10.83
N ASN A 114 -26.24 -38.46 -11.97
CA ASN A 114 -25.23 -39.34 -12.53
C ASN A 114 -23.86 -39.00 -11.97
N SER A 115 -22.98 -39.99 -11.96
CA SER A 115 -21.60 -39.74 -11.60
C SER A 115 -20.86 -39.08 -12.75
N LYS A 116 -19.93 -38.22 -12.41
CA LYS A 116 -19.18 -37.50 -13.43
C LYS A 116 -18.16 -38.43 -14.08
N PRO A 117 -18.01 -38.40 -15.40
CA PRO A 117 -16.95 -39.17 -16.04
C PRO A 117 -15.58 -38.60 -15.74
N ARG A 118 -14.56 -39.42 -15.98
CA ARG A 118 -13.18 -38.99 -15.73
C ARG A 118 -12.75 -37.91 -16.71
N PHE A 119 -13.15 -38.02 -17.97
CA PHE A 119 -12.83 -37.04 -19.00
C PHE A 119 -14.12 -36.48 -19.58
N LEU A 120 -13.97 -35.62 -20.58
CA LEU A 120 -15.11 -34.96 -21.19
C LEU A 120 -15.74 -35.86 -22.24
N PRO A 121 -17.03 -36.19 -22.13
CA PRO A 121 -17.72 -36.87 -23.22
C PRO A 121 -17.96 -35.92 -24.39
N ASP A 122 -18.40 -36.49 -25.50
CA ASP A 122 -18.59 -35.71 -26.71
C ASP A 122 -20.05 -35.37 -27.00
N LEU A 123 -20.99 -36.06 -26.36
CA LEU A 123 -22.40 -35.78 -26.58
C LEU A 123 -23.16 -36.23 -25.34
N TYR A 124 -24.41 -35.77 -25.23
CA TYR A 124 -25.28 -36.28 -24.19
C TYR A 124 -26.66 -36.54 -24.77
N ASP A 125 -27.23 -37.69 -24.43
CA ASP A 125 -28.57 -38.06 -24.85
C ASP A 125 -29.52 -37.91 -23.66
N TYR A 126 -30.48 -36.99 -23.81
CA TYR A 126 -31.54 -36.83 -22.82
C TYR A 126 -32.54 -37.97 -22.90
N LYS A 127 -32.67 -38.61 -24.06
CA LYS A 127 -33.59 -39.72 -24.20
C LYS A 127 -33.07 -40.95 -23.46
N THR A 128 -31.86 -41.40 -23.81
CA THR A 128 -31.24 -42.52 -23.13
C THR A 128 -30.56 -42.11 -21.82
N ASN A 129 -30.44 -40.81 -21.57
CA ASN A 129 -29.74 -40.23 -20.42
C ASN A 129 -28.30 -40.76 -20.32
N LYS A 130 -27.58 -40.65 -21.42
CA LYS A 130 -26.26 -41.28 -21.50
C LYS A 130 -25.25 -40.36 -22.16
N PHE A 131 -24.04 -40.35 -21.62
CA PHE A 131 -22.92 -39.62 -22.21
C PHE A 131 -22.33 -40.42 -23.34
N ILE A 132 -22.26 -39.82 -24.53
CA ILE A 132 -21.75 -40.47 -25.72
C ILE A 132 -20.32 -40.01 -25.96
N GLU A 133 -19.40 -40.97 -26.06
CA GLU A 133 -18.03 -40.70 -26.45
C GLU A 133 -17.82 -41.23 -27.86
N ILE A 134 -17.58 -40.32 -28.80
CA ILE A 134 -17.49 -40.65 -30.22
C ILE A 134 -16.04 -40.47 -30.66
N GLY A 135 -15.44 -41.54 -31.17
CA GLY A 135 -14.05 -41.48 -31.56
C GLY A 135 -13.78 -41.91 -32.98
N VAL A 136 -13.19 -41.03 -33.78
CA VAL A 136 -12.85 -41.31 -35.17
C VAL A 136 -11.36 -41.63 -35.23
N THR A 137 -11.03 -42.81 -35.74
CA THR A 137 -9.65 -43.28 -35.83
C THR A 137 -9.30 -43.59 -37.28
N ARG A 138 -8.02 -43.91 -37.50
CA ARG A 138 -7.55 -44.40 -38.79
C ARG A 138 -7.02 -45.82 -38.75
N ARG A 139 -6.70 -46.35 -37.57
CA ARG A 139 -6.31 -47.74 -37.43
C ARG A 139 -7.57 -48.62 -37.39
N LYS A 140 -7.41 -49.88 -37.03
CA LYS A 140 -8.54 -50.80 -37.02
C LYS A 140 -9.45 -50.51 -35.83
N VAL A 141 -10.74 -50.76 -36.04
CA VAL A 141 -11.78 -50.32 -35.10
C VAL A 141 -11.78 -51.15 -33.83
N GLU A 142 -11.30 -52.39 -33.89
CA GLU A 142 -11.41 -53.29 -32.74
C GLU A 142 -10.43 -52.90 -31.64
N ASP A 143 -9.17 -52.66 -32.01
CA ASP A 143 -8.15 -52.29 -31.03
C ASP A 143 -8.45 -50.94 -30.40
N TYR A 144 -8.90 -49.97 -31.21
CA TYR A 144 -9.22 -48.66 -30.67
C TYR A 144 -10.49 -48.68 -29.82
N TYR A 145 -11.47 -49.50 -30.19
CA TYR A 145 -12.68 -49.63 -29.39
C TYR A 145 -12.40 -50.26 -28.03
N TYR A 146 -11.57 -51.32 -28.01
CA TYR A 146 -11.27 -51.94 -26.73
C TYR A 146 -10.30 -51.10 -25.90
N GLU A 147 -9.46 -50.29 -26.57
CA GLU A 147 -8.62 -49.34 -25.85
C GLU A 147 -9.46 -48.23 -25.21
N ALA A 148 -10.50 -47.77 -25.92
CA ALA A 148 -11.38 -46.76 -25.34
C ALA A 148 -12.29 -47.34 -24.28
N ALA A 149 -12.63 -48.63 -24.38
CA ALA A 149 -13.42 -49.28 -23.34
C ALA A 149 -12.60 -49.53 -22.08
N SER A 150 -11.32 -49.85 -22.23
CA SER A 150 -10.44 -49.93 -21.07
C SER A 150 -10.13 -48.54 -20.51
N LYS A 151 -10.20 -47.52 -21.37
CA LYS A 151 -10.01 -46.15 -20.90
C LYS A 151 -11.19 -45.67 -20.08
N LEU A 152 -12.40 -46.14 -20.41
CA LEU A 152 -13.62 -45.73 -19.73
C LEU A 152 -14.29 -46.92 -19.02
N LYS A 153 -13.49 -47.75 -18.36
CA LYS A 153 -14.02 -48.89 -17.64
C LYS A 153 -14.62 -48.44 -16.31
N GLY A 154 -15.93 -48.62 -16.15
CA GLY A 154 -16.65 -48.29 -14.94
C GLY A 154 -17.68 -47.20 -15.14
N GLU A 155 -17.37 -46.17 -15.90
CA GLU A 155 -18.28 -45.06 -16.12
C GLU A 155 -19.31 -45.45 -17.18
N ASN A 156 -20.58 -45.18 -16.89
CA ASN A 156 -21.69 -45.54 -17.77
C ASN A 156 -21.70 -44.60 -18.97
N VAL A 157 -20.81 -44.88 -19.92
CA VAL A 157 -20.59 -44.04 -21.09
C VAL A 157 -20.80 -44.88 -22.33
N TYR A 158 -21.73 -44.46 -23.18
CA TYR A 158 -21.95 -45.11 -24.47
C TYR A 158 -20.83 -44.70 -25.42
N ILE A 159 -20.01 -45.67 -25.83
CA ILE A 159 -18.90 -45.42 -26.74
C ILE A 159 -19.39 -45.68 -28.16
N HIS A 160 -18.76 -45.00 -29.11
CA HIS A 160 -19.09 -45.17 -30.53
C HIS A 160 -17.85 -44.80 -31.33
N ILE A 161 -17.23 -45.79 -31.96
CA ILE A 161 -15.97 -45.62 -32.67
C ILE A 161 -16.25 -45.72 -34.16
N PHE A 162 -15.88 -44.66 -34.88
CA PHE A 162 -15.90 -44.62 -36.33
C PHE A 162 -14.47 -44.64 -36.85
N SER A 163 -14.32 -45.05 -38.11
CA SER A 163 -13.00 -45.12 -38.70
C SER A 163 -13.08 -44.76 -40.17
N PHE A 164 -11.91 -44.56 -40.77
CA PHE A 164 -11.77 -44.40 -42.21
C PHE A 164 -11.68 -45.75 -42.93
N ASP A 165 -11.69 -46.86 -42.18
CA ASP A 165 -11.76 -48.20 -42.73
C ASP A 165 -13.18 -48.59 -43.11
N GLY A 166 -14.18 -47.78 -42.76
CA GLY A 166 -15.54 -48.06 -43.17
C GLY A 166 -16.32 -48.96 -42.24
N GLU A 167 -16.17 -48.80 -40.93
CA GLU A 167 -16.91 -49.58 -39.96
C GLU A 167 -17.34 -48.69 -38.80
N GLU A 168 -18.06 -49.27 -37.85
CA GLU A 168 -18.55 -48.56 -36.68
C GLU A 168 -18.77 -49.55 -35.56
N MET A 169 -18.24 -49.25 -34.38
CA MET A 169 -18.23 -50.19 -33.26
C MET A 169 -18.70 -49.48 -32.00
N ALA A 170 -19.74 -50.00 -31.37
CA ALA A 170 -20.36 -49.35 -30.23
C ALA A 170 -20.38 -50.28 -29.03
N THR A 171 -20.94 -49.77 -27.93
CA THR A 171 -21.07 -50.54 -26.71
C THR A 171 -22.31 -51.42 -26.78
N ASP A 172 -22.11 -52.73 -26.53
CA ASP A 172 -23.11 -53.80 -26.62
C ASP A 172 -23.73 -53.90 -28.02
N ASP A 173 -23.03 -53.40 -29.05
CA ASP A 173 -23.45 -53.38 -30.44
C ASP A 173 -24.81 -52.71 -30.66
N GLU A 174 -25.15 -51.75 -29.79
CA GLU A 174 -26.40 -51.02 -29.89
C GLU A 174 -26.17 -49.69 -30.59
N TYR A 175 -27.12 -49.30 -31.44
CA TYR A 175 -27.06 -48.06 -32.19
C TYR A 175 -28.27 -47.22 -31.83
N ILE A 176 -28.05 -46.09 -31.16
CA ILE A 176 -29.15 -45.19 -30.81
C ILE A 176 -29.54 -44.28 -31.97
N LEU A 177 -28.78 -44.30 -33.06
CA LEU A 177 -29.11 -43.57 -34.27
C LEU A 177 -29.75 -44.52 -35.29
N ASP A 178 -30.45 -43.92 -36.25
CA ASP A 178 -31.10 -44.71 -37.29
C ASP A 178 -30.08 -45.18 -38.32
N GLU A 179 -30.53 -46.06 -39.22
CA GLU A 179 -29.61 -46.66 -40.18
C GLU A 179 -29.19 -45.68 -41.26
N GLU A 180 -30.12 -44.84 -41.74
CA GLU A 180 -29.79 -43.86 -42.76
C GLU A 180 -28.86 -42.78 -42.22
N SER A 181 -28.92 -42.52 -40.91
CA SER A 181 -28.02 -41.54 -40.29
C SER A 181 -26.56 -42.00 -40.36
N ARG A 182 -26.31 -43.23 -39.91
CA ARG A 182 -24.96 -43.78 -39.98
C ARG A 182 -24.55 -44.07 -41.42
N ALA A 183 -25.51 -44.33 -42.30
CA ALA A 183 -25.21 -44.45 -43.72
C ALA A 183 -24.71 -43.13 -44.29
N ARG A 184 -25.33 -42.01 -43.89
CA ARG A 184 -24.86 -40.69 -44.30
C ARG A 184 -23.47 -40.39 -43.75
N ILE A 185 -23.24 -40.74 -42.48
CA ILE A 185 -21.95 -40.46 -41.85
C ILE A 185 -20.84 -41.29 -42.49
N LYS A 186 -21.11 -42.57 -42.76
CA LYS A 186 -20.10 -43.41 -43.40
C LYS A 186 -19.92 -43.06 -44.88
N THR A 187 -20.96 -42.53 -45.53
CA THR A 187 -20.81 -42.01 -46.89
C THR A 187 -19.88 -40.82 -46.92
N ARG A 188 -20.06 -39.89 -45.97
CA ARG A 188 -19.16 -38.75 -45.85
C ARG A 188 -17.74 -39.19 -45.48
N LEU A 189 -17.61 -40.24 -44.68
CA LEU A 189 -16.28 -40.74 -44.32
C LEU A 189 -15.58 -41.40 -45.50
N PHE A 190 -16.33 -42.09 -46.36
CA PHE A 190 -15.74 -42.63 -47.58
C PHE A 190 -15.40 -41.53 -48.58
N VAL A 191 -16.20 -40.45 -48.62
CA VAL A 191 -15.87 -39.29 -49.44
C VAL A 191 -14.56 -38.64 -48.97
N LEU A 192 -14.39 -38.51 -47.65
CA LEU A 192 -13.14 -37.99 -47.10
C LEU A 192 -11.97 -38.94 -47.35
N ARG A 193 -12.22 -40.26 -47.31
CA ARG A 193 -11.18 -41.24 -47.60
C ARG A 193 -10.71 -41.15 -49.04
N GLN A 194 -11.65 -40.95 -49.98
CA GLN A 194 -11.27 -40.78 -51.37
C GLN A 194 -10.57 -39.45 -51.60
N GLU A 195 -11.00 -38.39 -50.91
CA GLU A 195 -10.38 -37.09 -51.06
C GLU A 195 -9.00 -37.00 -50.40
N LEU A 196 -8.69 -37.90 -49.47
CA LEU A 196 -7.34 -37.95 -48.92
C LEU A 196 -6.37 -38.68 -49.83
N ALA A 197 -6.85 -39.67 -50.57
CA ALA A 197 -5.99 -40.52 -51.40
C ALA A 197 -5.90 -40.05 -52.84
N THR A 198 -6.14 -38.76 -53.10
CA THR A 198 -5.97 -38.18 -54.42
C THR A 198 -4.97 -37.03 -54.46
N ALA A 199 -4.98 -36.17 -53.45
CA ALA A 199 -4.06 -35.03 -53.39
C ALA A 199 -2.74 -35.38 -52.70
N GLY A 200 -2.47 -36.66 -52.48
CA GLY A 200 -1.23 -37.07 -51.85
C GLY A 200 -1.13 -36.72 -50.38
N LEU A 201 -2.21 -36.96 -49.62
CA LEU A 201 -2.28 -36.56 -48.22
C LEU A 201 -2.77 -37.66 -47.30
N TRP A 202 -3.07 -38.85 -47.82
CA TRP A 202 -3.68 -39.91 -47.02
C TRP A 202 -2.67 -40.55 -46.07
N ASP A 203 -1.52 -41.00 -46.59
CA ASP A 203 -0.53 -41.66 -45.76
C ASP A 203 0.18 -40.68 -44.83
N SER A 204 0.29 -39.41 -45.23
CA SER A 204 0.93 -38.42 -44.37
C SER A 204 0.03 -37.99 -43.22
N PHE A 205 -1.28 -38.21 -43.33
CA PHE A 205 -2.21 -37.98 -42.24
C PHE A 205 -2.43 -39.23 -41.39
N ARG A 206 -2.36 -40.41 -42.01
CA ARG A 206 -2.77 -41.65 -41.34
C ARG A 206 -1.76 -42.07 -40.28
N GLN A 207 -0.46 -41.92 -40.56
CA GLN A 207 0.59 -42.48 -39.71
C GLN A 207 1.04 -41.52 -38.62
N SER A 208 0.19 -40.59 -38.20
CA SER A 208 0.52 -39.69 -37.09
C SER A 208 -0.13 -40.18 -35.80
N GLU A 216 10.30 -29.05 -24.32
CA GLU A 216 10.38 -28.00 -23.30
C GLU A 216 9.53 -26.80 -23.67
N GLU A 217 9.85 -25.67 -23.05
CA GLU A 217 9.23 -24.40 -23.38
C GLU A 217 10.01 -23.76 -24.53
N GLU A 218 9.72 -22.50 -24.83
CA GLU A 218 10.48 -21.79 -25.86
C GLU A 218 10.47 -20.32 -25.53
N PHE A 219 11.65 -19.71 -25.52
CA PHE A 219 11.77 -18.27 -25.31
C PHE A 219 12.99 -17.81 -26.10
N SER A 220 12.77 -17.37 -27.33
CA SER A 220 13.83 -16.89 -28.19
C SER A 220 13.69 -15.40 -28.39
N TYR A 221 14.79 -14.75 -28.70
CA TYR A 221 14.71 -13.30 -28.82
C TYR A 221 14.35 -12.91 -30.24
N PRO A 222 13.40 -12.00 -30.43
CA PRO A 222 13.22 -11.35 -31.73
C PRO A 222 14.46 -10.55 -32.11
N PRO A 223 14.64 -10.20 -33.39
CA PRO A 223 15.89 -9.54 -33.80
C PRO A 223 16.11 -8.16 -33.21
N THR A 224 15.04 -7.40 -32.96
CA THR A 224 15.18 -6.08 -32.32
C THR A 224 15.67 -6.23 -30.89
N PHE A 225 15.09 -7.17 -30.15
CA PHE A 225 15.61 -7.42 -28.82
C PHE A 225 16.93 -8.16 -28.85
N GLN A 226 17.29 -8.79 -29.97
CA GLN A 226 18.64 -9.34 -30.08
C GLN A 226 19.67 -8.22 -30.23
N ARG A 227 19.32 -7.16 -30.96
CA ARG A 227 20.21 -6.01 -31.05
C ARG A 227 20.25 -5.23 -29.74
N LEU A 228 19.16 -5.24 -28.98
CA LEU A 228 19.20 -4.66 -27.64
C LEU A 228 20.02 -5.53 -26.69
N ALA A 229 20.03 -6.84 -26.90
CA ALA A 229 20.80 -7.76 -26.08
C ALA A 229 22.29 -7.66 -26.36
N ASN A 230 22.67 -7.40 -27.61
CA ASN A 230 24.09 -7.21 -27.92
C ASN A 230 24.62 -5.90 -27.38
N GLN A 231 23.75 -4.91 -27.16
CA GLN A 231 24.16 -3.60 -26.72
C GLN A 231 24.35 -3.50 -25.21
N SER A 232 24.02 -4.54 -24.47
CA SER A 232 23.97 -4.46 -23.01
C SER A 232 24.97 -5.41 -22.37
N LEU A 233 26.19 -5.41 -22.85
CA LEU A 233 27.20 -6.36 -22.41
C LEU A 233 28.41 -5.62 -21.81
N PRO A 234 29.33 -6.33 -21.15
CA PRO A 234 30.64 -5.77 -20.91
C PRO A 234 31.34 -5.41 -22.20
N PRO A 235 32.24 -4.43 -22.18
CA PRO A 235 32.81 -3.92 -23.44
C PRO A 235 33.77 -4.86 -24.15
N SER A 236 34.08 -6.01 -23.57
CA SER A 236 34.92 -7.01 -24.23
C SER A 236 34.12 -7.95 -25.12
N PHE A 237 32.80 -7.80 -25.17
CA PHE A 237 31.93 -8.74 -25.87
C PHE A 237 31.03 -8.01 -26.85
N LYS A 238 30.82 -8.62 -28.02
CA LYS A 238 29.98 -8.06 -29.06
C LYS A 238 28.72 -8.87 -29.31
N ASP A 239 28.59 -10.05 -28.72
CA ASP A 239 27.47 -10.94 -28.95
C ASP A 239 26.93 -11.41 -27.61
N TYR A 240 25.60 -11.53 -27.51
CA TYR A 240 25.00 -12.01 -26.28
C TYR A 240 25.24 -13.50 -26.09
N HIS A 241 25.26 -14.26 -27.20
CA HIS A 241 25.55 -15.68 -27.12
C HIS A 241 26.99 -15.93 -26.68
N GLN A 242 27.91 -15.06 -27.13
CA GLN A 242 29.31 -15.17 -26.74
C GLN A 242 29.51 -14.87 -25.26
N PHE A 243 28.85 -13.82 -24.76
CA PHE A 243 28.94 -13.50 -23.33
C PHE A 243 28.26 -14.55 -22.47
N LYS A 244 27.17 -15.11 -22.96
CA LYS A 244 26.48 -16.18 -22.23
C LYS A 244 27.33 -17.44 -22.14
N ALA A 245 28.04 -17.77 -23.22
CA ALA A 245 28.94 -18.92 -23.20
C ALA A 245 30.19 -18.64 -22.37
N TYR A 246 30.61 -17.37 -22.28
CA TYR A 246 31.71 -17.03 -21.37
C TYR A 246 31.31 -17.18 -19.92
N VAL A 247 30.10 -16.73 -19.57
CA VAL A 247 29.68 -16.78 -18.17
C VAL A 247 29.38 -18.21 -17.74
N SER A 248 28.76 -19.00 -18.63
CA SER A 248 28.45 -20.38 -18.26
C SER A 248 29.68 -21.27 -18.21
N SER A 249 30.77 -20.87 -18.87
CA SER A 249 32.00 -21.65 -18.86
C SER A 249 33.14 -20.85 -18.24
N PHE A 250 32.87 -20.21 -17.12
CA PHE A 250 33.85 -19.41 -16.40
C PHE A 250 34.40 -20.20 -15.23
N LYS A 251 35.70 -20.08 -15.02
CA LYS A 251 36.36 -20.66 -13.84
C LYS A 251 37.32 -19.63 -13.27
N ALA A 252 37.17 -19.33 -11.99
CA ALA A 252 37.97 -18.29 -11.36
C ALA A 252 39.38 -18.79 -11.12
N ASN A 253 40.36 -17.94 -11.46
CA ASN A 253 41.78 -18.26 -11.32
C ASN A 253 42.45 -17.20 -10.45
N GLY A 254 41.80 -16.84 -9.36
CA GLY A 254 42.29 -15.80 -8.48
C GLY A 254 42.24 -14.42 -9.12
N ASN A 255 41.03 -13.96 -9.43
CA ASN A 255 40.86 -12.67 -10.10
C ASN A 255 40.72 -11.53 -9.11
N ILE A 256 40.07 -11.79 -7.97
CA ILE A 256 39.91 -10.75 -6.95
C ILE A 256 41.26 -10.38 -6.35
N GLU A 257 42.11 -11.37 -6.06
CA GLU A 257 43.42 -11.07 -5.50
C GLU A 257 44.32 -10.36 -6.51
N ALA A 258 44.17 -10.65 -7.80
CA ALA A 258 44.95 -9.96 -8.81
C ALA A 258 44.51 -8.51 -8.97
N LYS A 259 43.20 -8.27 -8.91
CA LYS A 259 42.71 -6.89 -8.97
C LYS A 259 43.02 -6.11 -7.70
N LEU A 260 43.08 -6.80 -6.55
CA LEU A 260 43.45 -6.13 -5.31
C LEU A 260 44.94 -5.85 -5.26
N GLY A 261 45.74 -6.64 -5.97
CA GLY A 261 47.12 -6.25 -6.19
C GLY A 261 47.22 -5.06 -7.12
N ALA A 262 46.40 -5.03 -8.16
CA ALA A 262 46.46 -3.95 -9.15
C ALA A 262 45.84 -2.65 -8.66
N MET A 263 44.97 -2.70 -7.67
CA MET A 263 44.29 -1.49 -7.20
C MET A 263 45.23 -0.64 -6.37
N SER A 264 44.99 0.67 -6.39
CA SER A 264 45.82 1.64 -5.68
C SER A 264 45.70 1.48 -4.17
N GLU A 265 46.67 2.05 -3.46
CA GLU A 265 46.68 2.02 -2.01
C GLU A 265 45.91 3.17 -1.39
N LYS A 266 45.52 4.18 -2.19
CA LYS A 266 44.70 5.26 -1.68
C LYS A 266 43.26 4.83 -1.46
N VAL A 267 42.83 3.74 -2.08
CA VAL A 267 41.52 3.15 -1.82
C VAL A 267 41.65 2.30 -0.56
N ASN A 268 41.34 2.87 0.59
CA ASN A 268 41.43 2.14 1.84
C ASN A 268 40.49 2.78 2.84
N ALA A 269 39.94 1.96 3.73
CA ALA A 269 39.11 2.42 4.83
C ALA A 269 39.98 2.40 6.08
N GLN A 270 40.60 3.54 6.37
CA GLN A 270 41.51 3.65 7.50
C GLN A 270 40.72 4.03 8.74
N ILE A 271 40.82 3.21 9.78
CA ILE A 271 40.06 3.40 11.01
C ILE A 271 40.74 4.48 11.84
N GLU A 272 40.05 5.61 12.02
CA GLU A 272 40.50 6.64 12.95
C GLU A 272 39.87 6.37 14.31
N SER A 273 40.66 6.47 15.36
CA SER A 273 40.17 6.18 16.71
C SER A 273 39.30 7.32 17.20
N PHE A 274 38.21 6.97 17.88
CA PHE A 274 37.23 7.93 18.36
C PHE A 274 37.39 8.10 19.86
N ASP A 275 37.71 9.32 20.28
CA ASP A 275 37.72 9.68 21.70
C ASP A 275 36.86 10.92 21.86
N PRO A 276 35.74 10.86 22.58
CA PRO A 276 34.88 12.05 22.71
C PRO A 276 35.47 13.15 23.57
N ARG A 277 36.55 12.89 24.29
CA ARG A 277 37.28 13.93 25.01
C ARG A 277 38.13 14.79 24.09
N THR A 278 38.30 14.40 22.82
CA THR A 278 39.07 15.16 21.86
C THR A 278 38.24 15.68 20.68
N ILE A 279 37.02 15.19 20.48
CA ILE A 279 36.23 15.65 19.35
C ILE A 279 35.69 17.05 19.65
N ARG A 280 35.44 17.81 18.58
CA ARG A 280 35.00 19.17 18.72
C ARG A 280 33.48 19.23 18.84
N GLU A 281 32.96 20.44 19.00
CA GLU A 281 31.53 20.65 19.09
C GLU A 281 30.94 20.93 17.71
N LEU A 282 29.62 20.95 17.65
CA LEU A 282 28.95 21.31 16.41
C LEU A 282 29.03 22.80 16.19
N GLU A 283 29.21 23.20 14.93
CA GLU A 283 29.25 24.61 14.56
C GLU A 283 27.82 25.08 14.31
N LEU A 284 27.32 25.92 15.17
CA LEU A 284 26.02 26.51 14.93
C LEU A 284 26.18 27.74 14.02
N PRO A 285 25.22 28.02 13.16
CA PRO A 285 25.38 29.13 12.21
C PRO A 285 25.25 30.49 12.88
N GLU A 286 25.49 31.52 12.08
CA GLU A 286 25.44 32.90 12.54
C GLU A 286 24.61 33.71 11.57
N GLY A 287 24.11 34.84 12.06
CA GLY A 287 23.28 35.72 11.28
C GLY A 287 22.38 36.56 12.16
N LYS A 288 21.10 36.63 11.82
CA LYS A 288 20.13 37.21 12.73
C LYS A 288 19.64 36.14 13.70
N PHE A 289 18.90 36.58 14.71
CA PHE A 289 18.33 35.64 15.66
C PHE A 289 17.12 34.95 15.05
N CYS A 290 16.91 33.70 15.45
CA CYS A 290 15.79 32.93 14.95
C CYS A 290 14.49 33.42 15.55
N THR A 291 13.48 33.58 14.71
CA THR A 291 12.20 34.11 15.13
C THR A 291 11.22 32.98 15.42
N GLN A 292 10.13 33.34 16.08
CA GLN A 292 9.11 32.36 16.43
C GLN A 292 8.33 31.92 15.20
N ARG A 293 8.21 30.62 14.99
CA ARG A 293 7.54 30.10 13.80
C ARG A 293 6.45 29.10 14.15
N SER A 294 5.96 29.11 15.38
CA SER A 294 4.83 28.26 15.72
C SER A 294 3.54 28.86 15.17
N LYS A 295 2.53 28.00 15.03
CA LYS A 295 1.24 28.46 14.53
C LYS A 295 0.46 29.24 15.58
N PHE A 296 0.66 28.91 16.86
CA PHE A 296 0.01 29.60 17.97
C PHE A 296 1.05 29.92 19.03
N LEU A 297 0.69 30.86 19.91
CA LEU A 297 1.61 31.27 20.97
C LEU A 297 1.69 30.19 22.05
N LEU A 298 2.90 29.87 22.49
CA LEU A 298 3.04 28.75 23.40
C LEU A 298 3.09 29.18 24.87
N MET A 299 4.14 29.90 25.27
CA MET A 299 4.28 30.30 26.66
C MET A 299 3.86 31.74 26.90
N ASP A 300 3.65 32.52 25.84
CA ASP A 300 3.16 33.87 25.94
C ASP A 300 1.65 33.95 25.77
N ALA A 301 0.98 32.82 25.60
CA ALA A 301 -0.44 32.80 25.34
C ALA A 301 -1.24 33.15 26.59
N MET A 302 -2.27 33.97 26.42
CA MET A 302 -3.19 34.34 27.48
C MET A 302 -4.58 33.87 27.08
N LYS A 303 -5.31 33.29 28.03
CA LYS A 303 -6.63 32.74 27.76
C LYS A 303 -7.68 33.47 28.60
N LEU A 304 -8.79 33.83 27.96
CA LEU A 304 -9.99 34.26 28.66
C LEU A 304 -10.85 33.04 28.87
N SER A 305 -11.19 32.75 30.12
CA SER A 305 -11.87 31.51 30.45
C SER A 305 -13.27 31.77 31.01
N VAL A 306 -14.14 30.80 30.80
CA VAL A 306 -15.42 30.71 31.51
C VAL A 306 -15.42 29.42 32.32
N LEU A 307 -15.87 29.52 33.56
CA LEU A 307 -15.96 28.39 34.47
C LEU A 307 -17.40 27.89 34.48
N ASN A 308 -17.58 26.58 34.22
CA ASN A 308 -18.86 25.88 34.08
C ASN A 308 -19.77 26.58 33.09
N PRO A 309 -19.50 26.50 31.78
CA PRO A 309 -20.25 27.30 30.82
C PRO A 309 -21.64 26.72 30.58
N ALA A 310 -22.65 27.60 30.63
CA ALA A 310 -24.00 27.28 30.16
C ALA A 310 -24.59 28.59 29.65
N HIS A 311 -24.46 28.83 28.35
CA HIS A 311 -24.76 30.14 27.78
C HIS A 311 -25.50 30.02 26.45
N GLU A 312 -26.28 28.95 26.29
CA GLU A 312 -27.24 28.68 25.21
C GLU A 312 -26.58 28.37 23.87
N GLY A 313 -25.28 28.55 23.73
CA GLY A 313 -24.57 27.93 22.64
C GLY A 313 -23.89 26.66 23.09
N GLU A 314 -23.01 26.81 24.09
CA GLU A 314 -22.39 25.76 24.88
C GLU A 314 -21.77 24.64 24.04
N GLY A 315 -20.78 25.01 23.25
CA GLY A 315 -20.08 24.02 22.46
C GLY A 315 -19.82 24.51 21.06
N ILE A 316 -20.72 25.33 20.54
CA ILE A 316 -20.52 26.00 19.26
C ILE A 316 -19.41 27.01 19.50
N PRO A 317 -18.33 26.98 18.71
CA PRO A 317 -17.12 27.71 19.11
C PRO A 317 -17.23 29.22 19.03
N MET A 318 -18.09 29.76 18.16
CA MET A 318 -18.28 31.21 18.19
C MET A 318 -19.12 31.65 19.38
N LYS A 319 -20.03 30.80 19.85
CA LYS A 319 -20.76 31.10 21.08
C LYS A 319 -19.85 31.05 22.30
N ASP A 320 -18.94 30.08 22.34
CA ASP A 320 -17.94 30.03 23.41
C ASP A 320 -16.97 31.20 23.32
N ALA A 321 -16.65 31.63 22.10
CA ALA A 321 -15.76 32.77 21.93
C ALA A 321 -16.41 34.06 22.40
N LYS A 322 -17.70 34.25 22.11
CA LYS A 322 -18.41 35.42 22.61
C LYS A 322 -18.57 35.36 24.13
N ALA A 323 -18.82 34.18 24.69
CA ALA A 323 -18.96 34.06 26.14
C ALA A 323 -17.63 34.28 26.85
N CYS A 324 -16.51 33.92 26.23
CA CYS A 324 -15.21 34.19 26.83
C CYS A 324 -14.78 35.64 26.65
N LEU A 325 -15.13 36.26 25.51
CA LEU A 325 -14.87 37.68 25.32
C LEU A 325 -15.70 38.56 26.23
N ASP A 326 -16.87 38.08 26.66
CA ASP A 326 -17.71 38.84 27.58
C ASP A 326 -17.15 38.89 29.00
N THR A 327 -16.14 38.08 29.31
CA THR A 327 -15.51 38.12 30.62
C THR A 327 -14.45 39.22 30.74
N PHE A 328 -13.99 39.75 29.62
CA PHE A 328 -12.93 40.76 29.61
C PHE A 328 -13.56 42.12 29.37
N TRP A 329 -13.84 42.84 30.46
CA TRP A 329 -14.16 44.25 30.38
C TRP A 329 -12.89 45.05 30.54
N GLY A 330 -12.73 46.10 29.76
CA GLY A 330 -11.50 46.86 29.81
C GLY A 330 -10.74 46.88 28.51
N TRP A 331 -11.46 46.86 27.39
CA TRP A 331 -10.85 47.10 26.10
C TRP A 331 -10.39 48.54 25.99
N LYS A 332 -9.47 48.79 25.06
CA LYS A 332 -9.03 50.13 24.71
C LYS A 332 -9.08 50.29 23.20
N LYS A 333 -8.78 51.49 22.74
CA LYS A 333 -8.51 51.70 21.32
C LYS A 333 -7.17 51.07 21.00
N ALA A 334 -7.16 50.13 20.06
CA ALA A 334 -5.94 49.39 19.77
C ALA A 334 -4.96 50.25 18.99
N THR A 335 -3.70 50.22 19.42
CA THR A 335 -2.61 50.95 18.80
C THR A 335 -1.46 49.99 18.54
N ILE A 336 -0.78 50.17 17.42
CA ILE A 336 0.29 49.26 16.99
C ILE A 336 1.53 49.47 17.86
N ILE A 337 1.77 48.54 18.78
CA ILE A 337 2.93 48.63 19.66
C ILE A 337 4.19 48.27 18.91
N LYS A 338 4.19 47.13 18.23
CA LYS A 338 5.37 46.62 17.53
C LYS A 338 5.00 46.34 16.09
N LYS A 339 5.68 46.99 15.16
CA LYS A 339 5.33 46.92 13.75
C LYS A 339 5.98 45.73 13.06
N HIS A 340 5.21 45.04 12.24
CA HIS A 340 5.75 44.05 11.32
C HIS A 340 6.48 44.77 10.20
N GLU A 341 7.78 44.54 10.09
CA GLU A 341 8.61 45.40 9.26
C GLU A 341 8.44 45.16 7.77
N LYS A 342 8.01 43.98 7.35
CA LYS A 342 7.79 43.71 5.93
C LYS A 342 6.38 44.03 5.48
N GLY A 343 5.40 44.06 6.37
CA GLY A 343 4.04 44.24 5.95
C GLY A 343 3.39 45.53 6.40
N VAL A 344 2.29 45.89 5.76
CA VAL A 344 1.49 47.04 6.17
C VAL A 344 0.79 46.73 7.48
N ASN A 345 1.04 47.56 8.50
CA ASN A 345 0.51 47.30 9.82
C ASN A 345 -0.86 47.92 10.06
N THR A 346 -1.20 48.96 9.30
CA THR A 346 -2.53 49.53 9.37
C THR A 346 -3.58 48.55 8.88
N ASN A 347 -3.20 47.66 7.96
CA ASN A 347 -4.08 46.58 7.55
C ASN A 347 -4.36 45.62 8.70
N TYR A 348 -3.34 45.33 9.52
CA TYR A 348 -3.52 44.45 10.67
C TYR A 348 -4.41 45.09 11.72
N LEU A 349 -4.25 46.41 11.94
CA LEU A 349 -5.09 47.11 12.89
C LEU A 349 -6.55 47.16 12.41
N MET A 350 -6.76 47.40 11.11
CA MET A 350 -8.12 47.39 10.57
C MET A 350 -8.72 46.00 10.57
N ILE A 351 -7.88 44.96 10.44
CA ILE A 351 -8.35 43.58 10.52
C ILE A 351 -8.86 43.27 11.92
N TRP A 352 -8.13 43.72 12.95
CA TRP A 352 -8.59 43.51 14.32
C TRP A 352 -9.86 44.29 14.61
N GLU A 353 -9.97 45.52 14.09
CA GLU A 353 -11.17 46.31 14.32
C GLU A 353 -12.39 45.72 13.59
N GLN A 354 -12.18 45.20 12.39
CA GLN A 354 -13.27 44.55 11.65
C GLN A 354 -13.72 43.27 12.34
N LEU A 355 -12.76 42.46 12.82
CA LEU A 355 -13.10 41.23 13.52
C LEU A 355 -13.85 41.52 14.82
N LEU A 356 -13.39 42.52 15.57
CA LEU A 356 -14.05 42.87 16.82
C LEU A 356 -15.43 43.47 16.60
N GLU A 357 -15.62 44.18 15.47
CA GLU A 357 -16.94 44.73 15.19
C GLU A 357 -17.89 43.67 14.62
N SER A 358 -17.36 42.65 13.95
CA SER A 358 -18.21 41.61 13.38
C SER A 358 -18.59 40.55 14.39
N ILE A 359 -17.75 40.31 15.40
CA ILE A 359 -18.13 39.37 16.45
C ILE A 359 -19.26 39.95 17.30
N LYS A 360 -19.26 41.26 17.52
CA LYS A 360 -20.26 41.93 18.34
C LYS A 360 -21.64 41.97 17.70
N GLU A 361 -21.78 41.61 16.42
CA GLU A 361 -23.04 41.71 15.72
C GLU A 361 -23.41 40.46 14.93
N MET A 362 -22.64 39.38 15.06
CA MET A 362 -22.90 38.18 14.27
C MET A 362 -24.08 37.40 14.84
N GLU A 363 -24.81 36.74 13.95
CA GLU A 363 -25.93 35.90 14.31
C GLU A 363 -25.75 34.54 13.64
N GLY A 364 -25.74 33.48 14.43
CA GLY A 364 -25.59 32.14 13.91
C GLY A 364 -24.40 31.43 14.53
N LYS A 365 -24.00 30.34 13.89
CA LYS A 365 -22.92 29.52 14.40
C LYS A 365 -21.57 29.92 13.82
N PHE A 366 -21.53 30.44 12.60
CA PHE A 366 -20.28 30.70 11.90
C PHE A 366 -20.23 32.16 11.46
N LEU A 367 -19.03 32.69 11.36
CA LEU A 367 -18.81 34.08 11.01
C LEU A 367 -17.88 34.16 9.82
N ASN A 368 -18.39 34.68 8.70
CA ASN A 368 -17.60 34.94 7.50
C ASN A 368 -17.45 36.44 7.35
N LEU A 369 -16.21 36.91 7.34
CA LEU A 369 -15.96 38.34 7.28
C LEU A 369 -16.06 38.85 5.86
N LYS A 370 -16.46 40.12 5.75
CA LYS A 370 -16.56 40.77 4.44
C LYS A 370 -15.16 41.01 3.88
N LYS A 371 -14.94 40.60 2.63
CA LYS A 371 -13.62 40.67 2.03
C LYS A 371 -13.24 42.09 1.66
N THR A 372 -12.71 42.84 2.63
CA THR A 372 -12.27 44.21 2.39
C THR A 372 -10.85 44.17 1.82
N ASN A 373 -10.25 45.35 1.63
CA ASN A 373 -8.93 45.41 1.03
C ASN A 373 -7.85 44.98 2.00
N HIS A 374 -7.97 45.37 3.27
CA HIS A 374 -6.98 44.98 4.26
C HIS A 374 -7.02 43.49 4.56
N LEU A 375 -8.22 42.89 4.54
CA LEU A 375 -8.31 41.46 4.77
C LEU A 375 -7.82 40.67 3.56
N LYS A 376 -8.07 41.21 2.35
CA LYS A 376 -7.51 40.61 1.14
C LYS A 376 -5.99 40.67 1.14
N TRP A 377 -5.42 41.76 1.65
CA TRP A 377 -3.98 41.85 1.75
C TRP A 377 -3.44 40.88 2.79
N GLY A 378 -4.08 40.83 3.96
CA GLY A 378 -3.60 40.00 5.04
C GLY A 378 -3.70 38.52 4.76
N LEU A 379 -4.71 38.11 4.00
CA LEU A 379 -4.81 36.72 3.60
C LEU A 379 -4.12 36.44 2.27
N GLY A 380 -3.66 37.47 1.57
CA GLY A 380 -2.88 37.30 0.37
C GLY A 380 -3.68 36.82 -0.82
N GLU A 381 -4.82 37.46 -1.07
CA GLU A 381 -5.65 37.13 -2.23
C GLU A 381 -5.21 37.98 -3.41
N GLY A 382 -4.89 37.31 -4.51
CA GLY A 382 -4.42 37.98 -5.71
C GLY A 382 -2.93 37.97 -5.90
N GLN A 383 -2.18 37.31 -5.02
CA GLN A 383 -0.74 37.28 -5.13
C GLN A 383 -0.22 36.18 -6.04
N ALA A 384 -1.03 35.16 -6.29
CA ALA A 384 -0.61 34.10 -7.21
C ALA A 384 -0.69 34.62 -8.64
N PRO A 385 0.35 34.40 -9.45
CA PRO A 385 0.23 34.71 -10.88
C PRO A 385 -0.72 33.76 -11.57
N GLU A 386 -1.33 34.24 -12.65
CA GLU A 386 -2.38 33.48 -13.32
C GLU A 386 -1.76 32.32 -14.09
N LYS A 387 -2.11 31.10 -13.69
CA LYS A 387 -1.54 29.90 -14.31
C LYS A 387 -2.21 29.67 -15.66
N MET A 388 -1.40 29.69 -16.73
CA MET A 388 -1.87 29.48 -18.08
C MET A 388 -1.17 28.26 -18.67
N ASP A 389 -1.64 27.86 -19.85
CA ASP A 389 -0.98 26.80 -20.60
C ASP A 389 0.12 27.39 -21.46
N PHE A 390 1.14 26.58 -21.73
CA PHE A 390 2.37 27.10 -22.33
C PHE A 390 2.17 27.47 -23.81
N GLU A 391 1.24 26.82 -24.50
CA GLU A 391 1.01 27.17 -25.90
C GLU A 391 0.33 28.52 -26.06
N ASP A 392 -0.27 29.04 -25.00
CA ASP A 392 -0.74 30.41 -24.98
C ASP A 392 0.30 31.38 -24.43
N CYS A 393 1.43 30.87 -23.95
CA CYS A 393 2.50 31.68 -23.38
C CYS A 393 3.79 31.61 -24.19
N LYS A 394 3.74 31.11 -25.42
CA LYS A 394 4.96 30.88 -26.19
C LYS A 394 5.59 32.21 -26.61
N GLU A 395 4.77 33.20 -26.93
CA GLU A 395 5.26 34.52 -27.31
C GLU A 395 5.32 35.46 -26.11
N VAL A 396 5.96 35.00 -25.03
CA VAL A 396 6.12 35.81 -23.82
C VAL A 396 7.61 35.97 -23.55
N PRO A 397 8.14 37.20 -23.63
CA PRO A 397 9.61 37.35 -23.57
C PRO A 397 10.18 37.19 -22.18
N ASP A 398 9.56 37.78 -21.17
CA ASP A 398 10.12 37.80 -19.82
C ASP A 398 9.48 36.70 -18.98
N LEU A 399 9.95 35.49 -19.20
CA LEU A 399 9.34 34.26 -18.69
C LEU A 399 10.37 33.44 -17.93
N PHE A 400 11.03 34.08 -16.96
CA PHE A 400 12.09 33.42 -16.21
C PHE A 400 11.54 32.36 -15.24
N GLN A 401 12.40 31.42 -14.89
CA GLN A 401 12.05 30.30 -14.04
C GLN A 401 11.80 30.76 -12.61
N TYR A 402 11.05 29.93 -11.87
CA TYR A 402 10.95 30.07 -10.42
C TYR A 402 12.34 29.92 -9.80
N LYS A 403 12.61 30.71 -8.79
CA LYS A 403 13.89 30.66 -8.11
C LYS A 403 13.80 29.74 -6.90
N SER A 404 14.83 28.92 -6.73
CA SER A 404 14.91 27.96 -5.64
C SER A 404 16.17 28.25 -4.85
N GLU A 405 16.01 28.85 -3.68
CA GLU A 405 17.12 29.25 -2.84
C GLU A 405 17.14 28.43 -1.55
N PRO A 406 18.32 28.18 -0.99
CA PRO A 406 18.39 27.54 0.33
C PRO A 406 17.95 28.52 1.41
N PRO A 407 17.61 28.02 2.60
CA PRO A 407 17.22 28.93 3.69
C PRO A 407 18.39 29.80 4.17
N GLU A 408 18.05 30.97 4.67
CA GLU A 408 19.04 31.86 5.28
C GLU A 408 19.35 31.38 6.69
N LYS A 409 20.63 31.33 7.04
CA LYS A 409 21.03 30.80 8.33
C LYS A 409 20.69 31.78 9.44
N ARG A 410 20.41 31.24 10.62
CA ARG A 410 19.99 32.03 11.76
C ARG A 410 20.76 31.62 13.01
N LYS A 411 21.02 32.59 13.86
CA LYS A 411 21.72 32.39 15.11
C LYS A 411 20.75 31.89 16.18
N LEU A 412 21.24 31.05 17.07
CA LEU A 412 20.41 30.51 18.14
C LEU A 412 20.15 31.57 19.20
N ALA A 413 18.88 31.83 19.48
CA ALA A 413 18.47 32.77 20.50
C ALA A 413 17.92 32.01 21.70
N SER A 414 17.89 32.70 22.84
CA SER A 414 17.63 32.08 24.13
C SER A 414 16.15 31.96 24.45
N TRP A 415 15.25 32.28 23.51
CA TRP A 415 13.84 32.19 23.83
C TRP A 415 13.31 30.76 23.69
N ILE A 416 13.91 29.96 22.81
CA ILE A 416 13.38 28.62 22.55
C ILE A 416 13.73 27.68 23.69
N GLN A 417 14.87 27.88 24.35
CA GLN A 417 15.16 27.15 25.57
C GLN A 417 14.20 27.54 26.70
N SER A 418 13.79 28.80 26.75
CA SER A 418 12.81 29.21 27.75
C SER A 418 11.43 28.64 27.45
N GLU A 419 11.10 28.50 26.16
CA GLU A 419 9.87 27.82 25.76
C GLU A 419 9.87 26.36 26.21
N PHE A 420 11.01 25.68 26.02
CA PHE A 420 11.07 24.29 26.43
C PHE A 420 11.13 24.15 27.94
N ASN A 421 11.64 25.16 28.66
CA ASN A 421 11.57 25.14 30.11
C ASN A 421 10.13 25.27 30.59
N LYS A 422 9.38 26.23 30.05
CA LYS A 422 8.01 26.42 30.48
C LYS A 422 7.06 25.37 29.93
N ALA A 423 7.46 24.60 28.92
CA ALA A 423 6.61 23.56 28.38
C ALA A 423 6.64 22.27 29.18
N SER A 424 7.63 22.07 30.04
CA SER A 424 7.76 20.84 30.82
C SER A 424 7.33 21.01 32.26
N GLU A 425 6.49 22.01 32.53
CA GLU A 425 6.05 22.32 33.87
C GLU A 425 4.58 21.98 34.03
N LEU A 426 4.16 21.88 35.29
CA LEU A 426 2.79 21.52 35.60
C LEU A 426 1.90 22.76 35.50
N THR A 427 0.60 22.50 35.43
CA THR A 427 -0.42 23.54 35.48
C THR A 427 -1.41 23.17 36.58
N ASN A 428 -2.48 23.97 36.68
CA ASN A 428 -3.55 23.68 37.62
C ASN A 428 -4.68 22.87 37.00
N SER A 429 -4.70 22.75 35.68
CA SER A 429 -5.80 22.11 34.98
C SER A 429 -5.44 20.67 34.64
N ASN A 430 -6.42 19.95 34.08
CA ASN A 430 -6.23 18.59 33.60
C ASN A 430 -6.63 18.61 32.12
N TRP A 431 -5.67 18.44 31.24
CA TRP A 431 -5.89 18.74 29.83
C TRP A 431 -6.30 17.54 28.99
N ILE A 432 -6.00 16.32 29.41
CA ILE A 432 -6.34 15.13 28.65
C ILE A 432 -7.31 14.29 29.46
N GLU A 433 -8.46 13.99 28.85
CA GLU A 433 -9.45 13.08 29.41
C GLU A 433 -9.56 11.91 28.44
N PHE A 434 -8.84 10.83 28.74
CA PHE A 434 -8.89 9.66 27.89
C PHE A 434 -10.21 8.93 28.06
N ASP A 435 -10.58 8.14 27.05
CA ASP A 435 -11.82 7.41 27.10
C ASP A 435 -11.68 6.17 27.97
N GLU A 436 -12.80 5.49 28.19
CA GLU A 436 -12.82 4.34 29.08
C GLU A 436 -12.17 3.13 28.40
N LEU A 437 -11.78 2.17 29.23
CA LEU A 437 -11.30 0.89 28.78
C LEU A 437 -12.23 -0.20 29.30
N GLY A 438 -11.98 -1.43 28.87
CA GLY A 438 -12.66 -2.56 29.47
C GLY A 438 -12.11 -2.83 30.85
N ASN A 439 -12.85 -3.65 31.60
CA ASN A 439 -12.37 -4.06 32.91
C ASN A 439 -11.21 -5.03 32.75
N ASP A 440 -10.20 -4.85 33.61
CA ASP A 440 -8.98 -5.61 33.51
C ASP A 440 -9.17 -7.00 34.11
N VAL A 441 -8.65 -8.01 33.42
CA VAL A 441 -8.80 -9.40 33.82
C VAL A 441 -7.44 -10.07 33.99
N ALA A 442 -6.58 -9.98 32.97
CA ALA A 442 -5.26 -10.58 33.02
C ALA A 442 -4.37 -9.80 33.99
N PRO A 443 -3.35 -10.47 34.55
CA PRO A 443 -2.36 -9.72 35.35
C PRO A 443 -1.55 -8.74 34.55
N ILE A 444 -1.29 -9.01 33.26
CA ILE A 444 -0.57 -8.05 32.44
C ILE A 444 -1.44 -6.83 32.14
N GLU A 445 -2.77 -6.97 32.20
CA GLU A 445 -3.63 -5.81 32.06
C GLU A 445 -3.55 -4.92 33.29
N HIS A 446 -3.39 -5.52 34.48
CA HIS A 446 -3.20 -4.74 35.69
C HIS A 446 -1.84 -4.05 35.71
N ILE A 447 -0.81 -4.75 35.21
CA ILE A 447 0.53 -4.17 35.11
C ILE A 447 0.53 -3.00 34.15
N ALA A 448 -0.10 -3.17 32.98
CA ALA A 448 -0.18 -2.10 32.00
C ALA A 448 -1.03 -0.94 32.48
N SER A 449 -2.09 -1.23 33.25
CA SER A 449 -2.93 -0.18 33.80
C SER A 449 -2.16 0.63 34.84
N ARG A 450 -1.37 -0.04 35.69
CA ARG A 450 -0.57 0.66 36.69
C ARG A 450 0.47 1.54 36.02
N ARG A 451 1.13 1.02 34.99
CA ARG A 451 2.17 1.78 34.28
C ARG A 451 1.59 2.98 33.54
N ARG A 452 0.50 2.76 32.79
CA ARG A 452 -0.15 3.82 32.03
C ARG A 452 -0.76 4.86 32.96
N ASN A 453 -1.31 4.45 34.09
CA ASN A 453 -1.88 5.39 35.03
C ASN A 453 -0.82 6.22 35.73
N PHE A 454 0.35 5.62 36.01
CA PHE A 454 1.47 6.40 36.56
C PHE A 454 1.93 7.46 35.57
N PHE A 455 2.11 7.08 34.31
CA PHE A 455 2.55 8.06 33.30
C PHE A 455 1.51 9.13 33.05
N THR A 456 0.22 8.76 33.02
CA THR A 456 -0.84 9.72 32.82
C THR A 456 -0.96 10.68 34.01
N ALA A 457 -0.88 10.15 35.24
CA ALA A 457 -0.96 10.98 36.43
C ALA A 457 0.23 11.93 36.55
N GLU A 458 1.39 11.56 36.01
CA GLU A 458 2.49 12.51 36.00
C GLU A 458 2.43 13.49 34.84
N VAL A 459 1.77 13.15 33.73
CA VAL A 459 1.91 13.92 32.51
C VAL A 459 0.66 14.72 32.12
N SER A 460 -0.49 14.47 32.75
CA SER A 460 -1.75 15.05 32.26
C SER A 460 -1.89 16.54 32.56
N GLN A 461 -1.24 17.04 33.61
CA GLN A 461 -1.34 18.44 34.00
C GLN A 461 -0.20 19.28 33.44
N CYS A 462 0.56 18.74 32.50
CA CYS A 462 1.70 19.43 31.92
C CYS A 462 1.23 20.53 30.96
N ARG A 463 2.13 21.46 30.64
CA ARG A 463 1.82 22.50 29.67
C ARG A 463 1.84 21.97 28.25
N ALA A 464 2.64 20.92 28.01
CA ALA A 464 2.69 20.31 26.69
C ALA A 464 1.37 19.63 26.34
N SER A 465 0.60 19.20 27.33
CA SER A 465 -0.74 18.68 27.05
C SER A 465 -1.68 19.80 26.63
N GLU A 466 -1.49 21.00 27.18
CA GLU A 466 -2.25 22.16 26.72
C GLU A 466 -1.88 22.50 25.29
N TYR A 467 -0.61 22.32 24.91
CA TYR A 467 -0.22 22.57 23.53
C TYR A 467 -0.78 21.49 22.59
N ILE A 468 -0.83 20.24 23.07
CA ILE A 468 -1.43 19.15 22.32
C ILE A 468 -2.90 19.46 22.03
N MET A 469 -3.64 19.88 23.06
N MET A 469 -3.62 19.90 23.06
CA MET A 469 -5.06 20.17 22.86
CA MET A 469 -5.05 20.18 22.88
C MET A 469 -5.27 21.42 22.02
C MET A 469 -5.27 21.41 22.03
N LYS A 470 -4.39 22.41 22.14
CA LYS A 470 -4.48 23.60 21.30
C LYS A 470 -4.28 23.26 19.84
N ALA A 471 -3.29 22.42 19.54
CA ALA A 471 -3.02 22.06 18.16
C ALA A 471 -4.11 21.16 17.59
N VAL A 472 -4.64 20.25 18.42
CA VAL A 472 -5.74 19.38 18.00
C VAL A 472 -6.97 20.21 17.65
N TYR A 473 -7.34 21.15 18.52
CA TYR A 473 -8.53 21.98 18.27
C TYR A 473 -8.33 22.91 17.08
N ILE A 474 -7.15 23.55 16.98
CA ILE A 474 -6.89 24.51 15.92
C ILE A 474 -6.85 23.83 14.56
N ASN A 475 -6.12 22.72 14.45
CA ASN A 475 -6.00 22.08 13.14
C ASN A 475 -7.27 21.34 12.75
N THR A 476 -8.03 20.82 13.73
CA THR A 476 -9.32 20.21 13.42
C THR A 476 -10.31 21.25 12.89
N ALA A 477 -10.41 22.39 13.57
CA ALA A 477 -11.34 23.41 13.12
C ALA A 477 -10.86 24.10 11.84
N LEU A 478 -9.55 24.20 11.65
CA LEU A 478 -9.02 24.75 10.41
C LEU A 478 -9.29 23.81 9.23
N LEU A 479 -9.22 22.50 9.46
CA LEU A 479 -9.53 21.54 8.40
C LEU A 479 -11.00 21.57 8.05
N ASN A 480 -11.88 21.59 9.07
CA ASN A 480 -13.32 21.61 8.82
C ASN A 480 -13.76 22.88 8.12
N SER A 481 -13.24 24.03 8.56
CA SER A 481 -13.55 25.28 7.88
C SER A 481 -12.87 25.38 6.52
N SER A 482 -11.75 24.70 6.32
CA SER A 482 -11.10 24.73 5.02
C SER A 482 -11.83 23.89 3.99
N CYS A 483 -12.52 22.85 4.45
CA CYS A 483 -13.21 21.97 3.52
C CYS A 483 -14.69 22.30 3.35
N THR A 484 -15.32 22.98 4.31
CA THR A 484 -16.73 23.33 4.16
C THR A 484 -16.96 24.80 3.86
N ALA A 485 -15.94 25.64 3.95
CA ALA A 485 -16.06 27.08 3.73
C ALA A 485 -14.92 27.58 2.86
N MET A 486 -14.74 26.94 1.70
CA MET A 486 -13.57 27.17 0.85
C MET A 486 -13.49 28.62 0.35
N GLU A 487 -14.59 29.18 -0.09
CA GLU A 487 -14.56 30.51 -0.70
C GLU A 487 -14.73 31.64 0.31
N GLU A 488 -14.84 31.34 1.60
CA GLU A 488 -15.22 32.31 2.61
C GLU A 488 -14.07 32.60 3.57
N TYR A 489 -14.15 33.76 4.21
CA TYR A 489 -13.15 34.20 5.19
C TYR A 489 -13.66 33.87 6.58
N GLN A 490 -13.47 32.62 6.97
CA GLN A 490 -14.04 32.11 8.21
C GLN A 490 -13.21 32.55 9.42
N VAL A 491 -13.91 32.85 10.51
CA VAL A 491 -13.29 33.10 11.80
C VAL A 491 -13.35 31.81 12.61
N ILE A 492 -12.20 31.37 13.10
CA ILE A 492 -12.07 30.16 13.91
C ILE A 492 -11.46 30.57 15.25
N PRO A 493 -12.17 30.44 16.36
CA PRO A 493 -11.57 30.76 17.65
C PRO A 493 -10.59 29.69 18.09
N ILE A 494 -9.80 30.03 19.10
CA ILE A 494 -8.84 29.08 19.65
C ILE A 494 -9.34 28.62 21.02
N ILE A 495 -10.05 27.52 21.02
CA ILE A 495 -10.74 27.02 22.22
C ILE A 495 -9.95 25.84 22.77
N THR A 496 -9.78 25.80 24.08
CA THR A 496 -9.48 24.56 24.77
C THR A 496 -10.49 24.39 25.89
N LYS A 497 -10.61 23.16 26.36
CA LYS A 497 -11.54 22.81 27.43
C LYS A 497 -10.80 21.93 28.42
N CYS A 498 -10.75 22.36 29.67
CA CYS A 498 -10.02 21.64 30.70
C CYS A 498 -10.91 21.39 31.89
N ARG A 499 -10.40 20.59 32.82
CA ARG A 499 -11.02 20.36 34.12
C ARG A 499 -10.06 20.77 35.22
N ASP A 500 -10.61 21.28 36.31
CA ASP A 500 -9.80 21.75 37.42
C ASP A 500 -9.52 20.61 38.38
N THR A 501 -8.87 20.93 39.51
CA THR A 501 -8.55 19.92 40.51
C THR A 501 -9.78 19.41 41.25
N SER A 502 -10.84 20.20 41.29
CA SER A 502 -12.10 19.79 41.91
C SER A 502 -13.07 19.15 40.92
N GLY A 503 -12.67 19.00 39.66
CA GLY A 503 -13.52 18.34 38.68
C GLY A 503 -14.56 19.24 38.05
N GLN A 504 -14.22 20.49 37.76
CA GLN A 504 -15.13 21.44 37.16
C GLN A 504 -14.61 21.84 35.79
N ARG A 505 -15.51 21.89 34.80
CA ARG A 505 -15.11 22.21 33.44
C ARG A 505 -14.79 23.69 33.31
N ARG A 506 -13.98 24.01 32.30
CA ARG A 506 -13.57 25.38 32.05
C ARG A 506 -13.22 25.50 30.57
N THR A 507 -13.68 26.56 29.93
CA THR A 507 -13.47 26.78 28.50
C THR A 507 -12.60 28.01 28.31
N ASN A 508 -11.45 27.84 27.67
CA ASN A 508 -10.45 28.89 27.49
C ASN A 508 -10.37 29.31 26.03
N LEU A 509 -10.24 30.62 25.82
CA LEU A 509 -10.14 31.22 24.50
C LEU A 509 -8.82 31.98 24.43
N TYR A 510 -8.00 31.67 23.41
CA TYR A 510 -6.69 32.25 23.28
C TYR A 510 -6.59 33.32 22.20
N GLY A 511 -7.56 33.39 21.30
CA GLY A 511 -7.49 34.32 20.20
C GLY A 511 -8.39 33.83 19.07
N PHE A 512 -8.05 34.26 17.86
CA PHE A 512 -8.83 33.91 16.68
C PHE A 512 -7.90 33.66 15.50
N ILE A 513 -8.47 33.02 14.48
CA ILE A 513 -7.79 32.71 13.24
C ILE A 513 -8.76 33.05 12.11
N ILE A 514 -8.43 34.06 11.32
CA ILE A 514 -9.24 34.39 10.15
C ILE A 514 -8.69 33.56 8.99
N LYS A 515 -9.46 32.58 8.56
CA LYS A 515 -9.05 31.68 7.49
C LYS A 515 -9.20 32.37 6.14
N GLY A 516 -8.33 32.04 5.21
CA GLY A 516 -8.36 32.60 3.87
C GLY A 516 -9.26 31.82 2.96
N ARG A 517 -8.89 31.79 1.68
CA ARG A 517 -9.54 30.90 0.74
C ARG A 517 -8.72 29.62 0.64
N SER A 518 -9.40 28.49 0.68
CA SER A 518 -8.74 27.20 0.81
C SER A 518 -9.29 26.27 -0.25
N HIS A 519 -8.72 26.34 -1.45
CA HIS A 519 -8.97 25.36 -2.49
C HIS A 519 -7.71 24.52 -2.58
N LEU A 520 -7.64 23.50 -1.73
CA LEU A 520 -6.42 22.73 -1.51
C LEU A 520 -6.50 21.47 -2.35
N ARG A 521 -5.72 21.42 -3.43
CA ARG A 521 -5.72 20.29 -4.34
C ARG A 521 -4.54 19.35 -4.15
N ASN A 522 -3.40 19.86 -3.72
CA ASN A 522 -2.27 19.03 -3.37
C ASN A 522 -2.24 18.80 -1.87
N ASP A 523 -1.32 17.93 -1.45
CA ASP A 523 -1.08 17.75 -0.02
C ASP A 523 -0.31 18.90 0.59
N THR A 524 0.33 19.74 -0.24
CA THR A 524 1.14 20.85 0.24
C THR A 524 0.65 22.19 -0.29
N ASP A 525 -0.62 22.29 -0.66
CA ASP A 525 -1.18 23.59 -0.99
C ASP A 525 -1.39 24.38 0.28
N VAL A 526 -1.14 25.69 0.21
CA VAL A 526 -1.09 26.54 1.39
C VAL A 526 -2.43 27.23 1.55
N VAL A 527 -3.07 27.02 2.70
CA VAL A 527 -4.17 27.86 3.15
C VAL A 527 -3.58 28.92 4.06
N ASN A 528 -3.76 30.19 3.68
CA ASN A 528 -3.28 31.32 4.45
C ASN A 528 -4.32 31.69 5.50
N PHE A 529 -3.85 32.13 6.65
CA PHE A 529 -4.75 32.61 7.67
C PHE A 529 -4.08 33.73 8.44
N ILE A 530 -4.84 34.36 9.32
CA ILE A 530 -4.36 35.45 10.16
C ILE A 530 -4.63 35.06 11.60
N SER A 531 -3.57 34.90 12.38
CA SER A 531 -3.70 34.55 13.78
C SER A 531 -3.59 35.79 14.64
N LEU A 532 -4.60 36.03 15.47
CA LEU A 532 -4.65 37.15 16.40
C LEU A 532 -4.77 36.58 17.80
N GLU A 533 -3.69 36.65 18.57
CA GLU A 533 -3.60 35.95 19.84
C GLU A 533 -3.47 36.92 21.01
N PHE A 534 -4.27 36.69 22.04
CA PHE A 534 -4.17 37.48 23.27
C PHE A 534 -2.90 37.14 24.02
N SER A 535 -2.32 38.14 24.67
CA SER A 535 -1.09 37.93 25.42
C SER A 535 -0.90 39.04 26.44
N LEU A 536 -0.06 38.76 27.43
CA LEU A 536 0.39 39.77 28.37
C LEU A 536 1.84 40.17 28.15
N THR A 537 2.57 39.46 27.29
CA THR A 537 4.00 39.68 27.12
C THR A 537 4.26 40.95 26.33
N ASP A 538 5.11 41.81 26.87
CA ASP A 538 5.58 42.98 26.15
C ASP A 538 6.48 42.53 25.02
N PRO A 539 6.13 42.75 23.75
CA PRO A 539 6.94 42.23 22.64
C PRO A 539 8.23 42.96 22.42
N ARG A 540 8.42 44.14 23.03
CA ARG A 540 9.61 44.94 22.80
C ARG A 540 10.78 44.55 23.69
N ASN A 541 10.63 43.49 24.49
CA ASN A 541 11.74 42.98 25.29
C ASN A 541 12.55 41.92 24.56
N GLU A 542 11.91 41.18 23.66
CA GLU A 542 12.50 40.10 22.88
C GLU A 542 12.10 40.22 21.43
N ILE A 543 12.34 41.40 20.85
CA ILE A 543 11.76 41.81 19.57
C ILE A 543 12.19 40.90 18.42
N HIS A 544 13.37 40.27 18.51
CA HIS A 544 13.83 39.35 17.47
C HIS A 544 13.00 38.07 17.42
N LYS A 545 12.34 37.71 18.51
CA LYS A 545 11.41 36.59 18.51
C LYS A 545 10.16 36.89 17.69
N TRP A 546 9.84 38.17 17.47
CA TRP A 546 8.56 38.55 16.88
C TRP A 546 8.75 39.24 15.54
N GLU A 547 9.55 38.65 14.65
CA GLU A 547 9.83 39.27 13.37
C GLU A 547 8.58 39.32 12.48
N LYS A 548 7.81 38.24 12.44
CA LYS A 548 6.66 38.15 11.56
C LYS A 548 5.39 38.73 12.15
N TYR A 549 5.41 39.11 13.42
CA TYR A 549 4.22 39.56 14.12
C TYR A 549 4.07 41.07 14.07
N CYS A 550 2.83 41.52 14.15
CA CYS A 550 2.50 42.93 14.40
C CYS A 550 1.67 42.98 15.65
N VAL A 551 2.24 43.52 16.73
CA VAL A 551 1.62 43.45 18.05
C VAL A 551 0.93 44.78 18.33
N LEU A 552 -0.37 44.69 18.65
CA LEU A 552 -1.17 45.82 19.08
C LEU A 552 -1.32 45.78 20.61
N GLU A 553 -1.88 46.84 21.17
CA GLU A 553 -2.23 46.89 22.58
C GLU A 553 -3.73 47.08 22.68
N ILE A 554 -4.44 46.06 23.14
CA ILE A 554 -5.89 46.06 23.06
C ILE A 554 -6.58 46.31 24.38
N GLY A 555 -5.89 46.22 25.51
CA GLY A 555 -6.58 46.52 26.75
C GLY A 555 -5.69 46.57 27.96
N ASP A 556 -6.33 46.50 29.13
CA ASP A 556 -5.65 46.42 30.42
C ASP A 556 -6.35 45.37 31.27
N MET A 557 -5.60 44.75 32.18
CA MET A 557 -6.13 43.67 33.00
C MET A 557 -5.55 43.77 34.41
N GLU A 558 -6.41 43.61 35.41
CA GLU A 558 -5.99 43.60 36.81
C GLU A 558 -5.34 42.25 37.11
N ILE A 559 -4.02 42.22 37.11
CA ILE A 559 -3.28 41.03 37.47
C ILE A 559 -3.16 40.98 38.98
N ARG A 560 -3.67 39.92 39.59
CA ARG A 560 -3.74 39.79 41.03
C ARG A 560 -2.79 38.71 41.53
N THR A 561 -2.31 38.89 42.76
CA THR A 561 -1.39 37.96 43.39
C THR A 561 -1.71 37.94 44.88
N SER A 562 -0.77 37.42 45.68
CA SER A 562 -0.99 37.30 47.12
C SER A 562 -0.95 38.65 47.80
N ILE A 563 -0.11 39.57 47.32
CA ILE A 563 0.01 40.91 47.86
C ILE A 563 -0.19 41.96 46.76
N SER A 564 0.54 41.85 45.67
CA SER A 564 0.51 42.84 44.61
C SER A 564 -0.71 42.67 43.72
N THR A 565 -1.27 43.79 43.27
CA THR A 565 -2.40 43.79 42.35
C THR A 565 -2.23 44.97 41.40
N ILE A 566 -1.87 44.69 40.14
CA ILE A 566 -1.47 45.73 39.20
C ILE A 566 -2.37 45.73 37.98
N MET A 567 -2.12 46.66 37.06
CA MET A 567 -2.94 46.84 35.86
C MET A 567 -2.03 46.71 34.65
N LYS A 568 -1.86 45.48 34.16
CA LYS A 568 -0.91 45.36 33.06
C LYS A 568 -1.63 45.36 31.72
N PRO A 569 -1.00 45.88 30.67
CA PRO A 569 -1.67 45.91 29.36
C PRO A 569 -1.77 44.54 28.72
N VAL A 570 -2.89 44.32 28.05
CA VAL A 570 -3.17 43.12 27.28
C VAL A 570 -2.89 43.45 25.83
N TYR A 571 -1.95 42.72 25.24
CA TYR A 571 -1.52 42.86 23.86
C TYR A 571 -2.17 41.80 22.98
N LEU A 572 -2.12 42.04 21.67
CA LEU A 572 -2.65 41.12 20.67
C LEU A 572 -1.61 40.94 19.58
N TYR A 573 -1.12 39.71 19.45
CA TYR A 573 -0.12 39.36 18.45
C TYR A 573 -0.83 38.96 17.17
N VAL A 574 -0.72 39.80 16.14
CA VAL A 574 -1.35 39.58 14.86
C VAL A 574 -0.27 39.19 13.86
N ARG A 575 -0.49 38.11 13.14
CA ARG A 575 0.42 37.77 12.04
C ARG A 575 -0.34 37.01 10.96
N THR A 576 0.26 37.00 9.78
CA THR A 576 -0.17 36.15 8.68
C THR A 576 0.62 34.86 8.74
N ASN A 577 -0.07 33.74 8.76
CA ASN A 577 0.59 32.44 8.75
C ASN A 577 -0.06 31.60 7.66
N GLY A 578 0.41 30.37 7.52
CA GLY A 578 -0.15 29.48 6.53
C GLY A 578 0.11 28.04 6.92
N THR A 579 -0.73 27.16 6.42
CA THR A 579 -0.57 25.75 6.72
C THR A 579 -1.05 24.95 5.50
N SER A 580 -1.05 23.62 5.63
CA SER A 580 -1.37 22.75 4.52
C SER A 580 -2.12 21.54 5.07
N LYS A 581 -2.61 20.69 4.16
CA LYS A 581 -3.33 19.50 4.59
C LYS A 581 -2.43 18.51 5.30
N ILE A 582 -1.14 18.50 4.96
CA ILE A 582 -0.19 17.63 5.66
C ILE A 582 0.05 18.13 7.07
N LYS A 583 0.28 19.44 7.22
CA LYS A 583 0.55 20.01 8.53
C LYS A 583 -0.69 19.98 9.42
N MET A 584 -1.88 20.23 8.84
CA MET A 584 -3.11 20.14 9.62
C MET A 584 -3.43 18.71 10.00
N LYS A 585 -3.17 17.76 9.08
CA LYS A 585 -3.38 16.35 9.38
C LYS A 585 -2.47 15.88 10.52
N TRP A 586 -1.21 16.28 10.50
CA TRP A 586 -0.31 15.89 11.56
C TRP A 586 -0.48 16.72 12.83
N GLY A 587 -1.17 17.86 12.74
CA GLY A 587 -1.48 18.62 13.94
C GLY A 587 -2.69 18.12 14.68
N MET A 588 -3.69 17.61 13.95
CA MET A 588 -4.83 16.98 14.59
C MET A 588 -4.47 15.70 15.33
N GLU A 589 -3.36 15.05 14.94
CA GLU A 589 -2.92 13.81 15.54
C GLU A 589 -1.82 14.01 16.56
N MET A 590 -1.74 15.18 17.21
CA MET A 590 -0.64 15.45 18.11
C MET A 590 -0.74 14.66 19.42
N ARG A 591 -1.87 14.02 19.70
CA ARG A 591 -1.97 13.13 20.85
C ARG A 591 -1.06 11.91 20.74
N ARG A 592 -0.58 11.60 19.54
CA ARG A 592 0.43 10.56 19.36
C ARG A 592 1.75 10.91 20.04
N CYS A 593 2.01 12.20 20.30
CA CYS A 593 3.12 12.58 21.17
C CYS A 593 2.96 11.95 22.54
N LEU A 594 1.73 12.01 23.07
CA LEU A 594 1.36 11.30 24.29
C LEU A 594 1.62 9.81 24.20
N LEU A 595 1.49 9.24 23.00
CA LEU A 595 1.83 7.84 22.85
C LEU A 595 3.33 7.64 22.86
N GLN A 596 4.07 8.49 22.14
CA GLN A 596 5.49 8.24 21.93
C GLN A 596 6.27 8.42 23.22
N SER A 597 5.92 9.44 24.00
CA SER A 597 6.48 9.63 25.33
C SER A 597 6.14 8.48 26.27
N LEU A 598 5.01 7.79 26.06
CA LEU A 598 4.77 6.59 26.85
C LEU A 598 5.56 5.41 26.28
N GLN A 599 5.77 5.39 24.96
CA GLN A 599 6.51 4.29 24.34
C GLN A 599 7.97 4.32 24.75
N GLN A 600 8.53 5.50 25.01
CA GLN A 600 9.91 5.59 25.45
C GLN A 600 10.07 5.12 26.89
N VAL A 601 9.31 5.73 27.81
CA VAL A 601 9.42 5.47 29.24
C VAL A 601 9.19 4.00 29.54
N GLU A 602 8.14 3.42 28.95
CA GLU A 602 7.83 2.01 29.12
C GLU A 602 8.96 1.12 28.62
N SER A 603 9.63 1.53 27.53
CA SER A 603 10.76 0.76 27.02
C SER A 603 11.91 0.74 28.03
N MET A 604 12.11 1.84 28.77
CA MET A 604 13.05 1.83 29.87
C MET A 604 12.62 0.81 30.93
N ILE A 605 11.33 0.77 31.24
CA ILE A 605 10.81 -0.25 32.14
C ILE A 605 10.85 -1.62 31.48
N GLU A 606 10.85 -1.66 30.14
CA GLU A 606 11.04 -2.92 29.44
C GLU A 606 12.50 -3.19 29.13
N ALA A 607 13.42 -2.46 29.76
CA ALA A 607 14.83 -2.83 29.80
C ALA A 607 15.27 -3.27 31.19
N GLU A 608 14.91 -2.49 32.22
CA GLU A 608 15.21 -2.86 33.59
C GLU A 608 14.48 -4.12 34.03
N SER A 609 13.38 -4.48 33.37
CA SER A 609 12.73 -5.75 33.62
C SER A 609 13.31 -6.89 32.79
N ALA A 610 14.09 -6.58 31.76
CA ALA A 610 14.75 -7.62 30.98
C ALA A 610 16.06 -8.09 31.58
N VAL A 611 16.46 -7.55 32.73
CA VAL A 611 17.66 -7.97 33.44
C VAL A 611 17.30 -8.35 34.86
N LYS A 612 16.62 -7.44 35.57
CA LYS A 612 16.28 -7.69 36.97
C LYS A 612 15.15 -8.69 37.14
N GLU A 613 14.41 -8.99 36.06
CA GLU A 613 13.45 -10.09 35.98
C GLU A 613 12.31 -9.95 36.98
N LYS A 614 11.88 -8.71 37.24
CA LYS A 614 10.68 -8.44 38.03
C LYS A 614 9.88 -7.36 37.33
N ASP A 615 8.78 -6.95 37.94
CA ASP A 615 8.01 -5.80 37.47
C ASP A 615 8.70 -4.55 38.01
N MET A 616 9.44 -3.86 37.14
CA MET A 616 10.16 -2.65 37.50
C MET A 616 9.30 -1.40 37.35
N THR A 617 7.97 -1.53 37.38
CA THR A 617 7.11 -0.36 37.29
C THR A 617 7.12 0.42 38.59
N GLU A 618 7.04 -0.27 39.71
CA GLU A 618 6.98 0.37 41.02
C GLU A 618 8.33 0.89 41.53
N PRO A 619 9.48 0.23 41.32
CA PRO A 619 10.75 0.94 41.60
C PRO A 619 10.99 2.14 40.71
N PHE A 620 10.45 2.14 39.49
CA PHE A 620 10.51 3.31 38.64
C PHE A 620 9.65 4.43 39.18
N PHE A 621 8.39 4.14 39.50
CA PHE A 621 7.39 5.16 39.70
C PHE A 621 7.03 5.43 41.16
N ARG A 622 7.72 4.82 42.11
CA ARG A 622 7.52 5.17 43.51
C ARG A 622 8.76 5.70 44.19
N ASN A 623 9.94 5.41 43.65
CA ASN A 623 11.18 6.01 44.16
C ASN A 623 11.34 7.37 43.48
N ARG A 624 10.60 8.35 44.01
CA ARG A 624 10.60 9.71 43.46
C ARG A 624 11.68 10.56 44.13
N GLU A 625 12.90 10.09 43.95
CA GLU A 625 14.11 10.78 44.39
C GLU A 625 14.54 11.75 43.28
N ASN A 626 15.78 12.22 43.33
CA ASN A 626 16.27 13.19 42.36
C ASN A 626 17.48 12.63 41.63
N ASP A 627 17.33 11.44 41.03
CA ASP A 627 18.43 10.75 40.39
C ASP A 627 18.34 10.74 38.86
N TRP A 628 17.62 11.68 38.26
CA TRP A 628 17.48 11.70 36.79
C TRP A 628 18.01 13.01 36.23
N PRO A 629 19.18 13.05 35.59
CA PRO A 629 19.78 14.34 35.18
C PRO A 629 19.08 14.91 33.95
N ILE A 630 18.44 16.08 34.11
CA ILE A 630 17.77 16.69 32.98
C ILE A 630 18.03 18.18 32.85
N GLY A 631 18.99 18.72 33.59
CA GLY A 631 19.10 20.15 33.70
C GLY A 631 20.53 20.64 33.57
N GLU A 632 20.64 21.93 33.25
CA GLU A 632 21.93 22.60 33.12
C GLU A 632 21.83 23.93 33.85
N SER A 633 22.11 23.92 35.13
CA SER A 633 22.19 25.13 35.92
C SER A 633 23.60 25.70 35.85
N PRO A 634 23.81 26.97 36.21
CA PRO A 634 25.18 27.49 36.30
C PRO A 634 26.02 26.81 37.38
N GLN A 635 25.41 26.16 38.36
CA GLN A 635 26.13 25.40 39.38
C GLN A 635 26.37 23.95 38.98
N GLY A 636 26.04 23.58 37.75
CA GLY A 636 26.29 22.21 37.31
C GLY A 636 25.10 21.54 36.63
N ILE A 637 24.94 20.25 36.87
CA ILE A 637 23.89 19.45 36.25
C ILE A 637 22.79 19.20 37.28
N GLU A 638 21.57 19.59 36.96
CA GLU A 638 20.44 19.38 37.84
C GLU A 638 19.73 18.09 37.49
N LYS A 639 19.25 17.41 38.52
CA LYS A 639 18.54 16.15 38.39
C LYS A 639 17.14 16.30 38.93
N GLY A 640 16.16 15.86 38.15
CA GLY A 640 14.79 15.73 38.58
C GLY A 640 14.39 14.29 38.79
N THR A 641 13.09 14.10 39.00
CA THR A 641 12.50 12.81 39.31
C THR A 641 12.12 12.09 38.02
N ILE A 642 11.33 11.02 38.15
CA ILE A 642 10.86 10.30 36.97
C ILE A 642 9.68 11.02 36.32
N GLY A 643 8.86 11.71 37.12
CA GLY A 643 7.75 12.46 36.56
C GLY A 643 8.22 13.68 35.78
N LYS A 644 9.30 14.31 36.25
CA LYS A 644 9.89 15.40 35.49
C LYS A 644 10.48 14.90 34.19
N VAL A 645 11.06 13.69 34.20
CA VAL A 645 11.61 13.10 32.99
C VAL A 645 10.51 12.80 31.98
N CYS A 646 9.35 12.31 32.46
CA CYS A 646 8.26 12.02 31.54
C CYS A 646 7.63 13.30 30.98
N ARG A 647 7.56 14.36 31.79
CA ARG A 647 7.10 15.64 31.25
C ARG A 647 8.07 16.24 30.24
N VAL A 648 9.37 16.05 30.46
CA VAL A 648 10.37 16.57 29.52
C VAL A 648 10.33 15.80 28.21
N LEU A 649 10.14 14.48 28.28
CA LEU A 649 10.00 13.68 27.06
C LEU A 649 8.73 14.01 26.30
N LEU A 650 7.64 14.29 27.02
CA LEU A 650 6.41 14.73 26.36
C LEU A 650 6.59 16.08 25.68
N ALA A 651 7.28 17.03 26.35
CA ALA A 651 7.51 18.32 25.73
C ALA A 651 8.46 18.25 24.55
N LYS A 652 9.40 17.29 24.57
CA LYS A 652 10.27 17.09 23.41
C LYS A 652 9.49 16.53 22.23
N SER A 653 8.55 15.62 22.49
CA SER A 653 7.71 15.12 21.39
C SER A 653 6.78 16.21 20.86
N VAL A 654 6.27 17.06 21.75
CA VAL A 654 5.39 18.14 21.34
C VAL A 654 6.14 19.15 20.50
N PHE A 655 7.36 19.49 20.88
CA PHE A 655 8.15 20.42 20.09
C PHE A 655 8.70 19.80 18.81
N ASN A 656 8.87 18.48 18.79
CA ASN A 656 9.13 17.79 17.52
C ASN A 656 7.95 17.89 16.59
N SER A 657 6.73 17.90 17.12
CA SER A 657 5.55 18.00 16.26
C SER A 657 5.25 19.43 15.85
N ILE A 658 5.49 20.40 16.72
CA ILE A 658 5.20 21.81 16.39
C ILE A 658 6.21 22.34 15.40
N TYR A 659 7.50 22.13 15.67
CA TYR A 659 8.59 22.68 14.87
C TYR A 659 9.18 21.64 13.94
N ALA A 660 8.34 20.80 13.34
CA ALA A 660 8.83 19.78 12.43
C ALA A 660 9.30 20.40 11.12
N SER A 661 10.43 19.90 10.62
CA SER A 661 11.00 20.35 9.36
C SER A 661 11.89 19.24 8.83
N ALA A 662 12.50 19.49 7.68
CA ALA A 662 13.49 18.56 7.14
C ALA A 662 14.80 18.67 7.88
N GLN A 663 15.09 19.85 8.44
CA GLN A 663 16.33 20.09 9.17
C GLN A 663 16.40 19.26 10.43
N LEU A 664 15.27 19.13 11.14
CA LEU A 664 15.23 18.34 12.36
C LEU A 664 15.44 16.86 12.06
N GLU A 665 14.81 16.35 11.01
CA GLU A 665 14.96 14.95 10.65
C GLU A 665 16.38 14.63 10.20
N GLY A 666 16.98 15.53 9.41
CA GLY A 666 18.36 15.33 8.99
C GLY A 666 19.34 15.38 10.14
N PHE A 667 19.18 16.35 11.05
CA PHE A 667 20.06 16.46 12.20
C PHE A 667 19.92 15.28 13.13
N SER A 668 18.69 14.81 13.36
CA SER A 668 18.47 13.67 14.24
C SER A 668 19.09 12.41 13.67
N ALA A 669 18.87 12.16 12.37
CA ALA A 669 19.42 10.96 11.74
C ALA A 669 20.93 10.98 11.67
N GLU A 670 21.55 12.16 11.52
CA GLU A 670 22.99 12.20 11.41
C GLU A 670 23.72 12.36 12.74
N SER A 671 23.04 12.83 13.79
CA SER A 671 23.65 12.93 15.11
C SER A 671 23.39 11.71 15.98
N ARG A 672 22.44 10.86 15.59
CA ARG A 672 22.26 9.58 16.28
C ARG A 672 23.50 8.71 16.19
N LYS A 673 24.24 8.79 15.07
CA LYS A 673 25.48 8.04 14.94
C LYS A 673 26.53 8.52 15.92
N LEU A 674 26.60 9.84 16.16
CA LEU A 674 27.56 10.37 17.12
C LEU A 674 27.17 10.00 18.55
N LEU A 675 25.87 9.94 18.82
CA LEU A 675 25.41 9.47 20.14
C LEU A 675 25.77 8.01 20.36
N LEU A 676 25.59 7.17 19.35
CA LEU A 676 25.96 5.76 19.48
C LEU A 676 27.47 5.57 19.54
N LEU A 677 28.24 6.47 18.94
CA LEU A 677 29.69 6.42 19.08
C LEU A 677 30.15 6.78 20.49
N ILE A 678 29.51 7.78 21.08
CA ILE A 678 29.81 8.13 22.47
C ILE A 678 29.44 6.98 23.41
N GLN A 679 28.29 6.35 23.17
CA GLN A 679 27.91 5.18 23.97
C GLN A 679 28.84 3.99 23.74
N ALA A 680 29.37 3.85 22.53
CA ALA A 680 30.34 2.79 22.28
C ALA A 680 31.65 3.06 23.01
N PHE A 681 32.00 4.34 23.20
CA PHE A 681 33.17 4.62 24.02
C PHE A 681 32.90 4.37 25.50
N ARG A 682 31.70 4.70 25.97
CA ARG A 682 31.40 4.56 27.39
C ARG A 682 31.29 3.11 27.84
N ASP A 683 31.03 2.18 26.92
CA ASP A 683 31.01 0.77 27.24
C ASP A 683 32.37 0.11 27.08
N ASN A 684 33.42 0.91 26.84
CA ASN A 684 34.80 0.46 26.60
C ASN A 684 34.85 -0.52 25.43
N LEU A 685 34.12 -0.20 24.36
CA LEU A 685 34.06 -1.04 23.18
C LEU A 685 34.98 -0.57 22.07
N ASP A 686 35.84 0.42 22.36
CA ASP A 686 36.86 0.98 21.48
C ASP A 686 36.30 1.40 20.13
N PRO A 687 35.52 2.48 20.06
CA PRO A 687 34.90 2.84 18.80
C PRO A 687 35.91 3.46 17.85
N GLY A 688 35.57 3.40 16.56
CA GLY A 688 36.42 3.96 15.54
C GLY A 688 35.61 4.42 14.35
N THR A 689 36.01 5.52 13.75
CA THR A 689 35.34 6.06 12.58
C THR A 689 36.25 5.95 11.37
N PHE A 690 35.64 5.99 10.20
CA PHE A 690 36.41 6.05 8.96
C PHE A 690 36.54 7.45 8.42
N ASP A 691 35.51 8.29 8.58
CA ASP A 691 35.58 9.69 8.19
C ASP A 691 34.66 10.47 9.13
N LEU A 692 35.25 11.00 10.21
CA LEU A 692 34.47 11.76 11.19
C LEU A 692 34.19 13.18 10.72
N LYS A 693 35.08 13.74 9.91
CA LYS A 693 34.93 15.11 9.43
C LYS A 693 33.74 15.23 8.48
N GLY A 694 33.54 14.24 7.63
CA GLY A 694 32.38 14.24 6.76
C GLY A 694 31.08 14.05 7.50
N LEU A 695 31.10 13.28 8.58
CA LEU A 695 29.92 13.13 9.43
C LEU A 695 29.59 14.43 10.14
N TYR A 696 30.62 15.14 10.62
CA TYR A 696 30.40 16.46 11.22
C TYR A 696 29.86 17.46 10.20
N GLU A 697 30.36 17.41 8.97
CA GLU A 697 29.83 18.29 7.92
C GLU A 697 28.40 17.94 7.55
N ALA A 698 28.04 16.66 7.58
CA ALA A 698 26.66 16.28 7.32
C ALA A 698 25.72 16.68 8.45
N ILE A 699 26.20 16.69 9.69
CA ILE A 699 25.37 17.17 10.79
C ILE A 699 25.21 18.68 10.72
N GLU A 700 26.30 19.41 10.43
CA GLU A 700 26.25 20.86 10.37
C GLU A 700 25.55 21.38 9.12
N GLU A 701 25.37 20.53 8.10
CA GLU A 701 24.60 20.94 6.92
C GLU A 701 23.13 21.13 7.27
N CYS A 702 22.62 20.44 8.29
CA CYS A 702 21.20 20.47 8.59
C CYS A 702 20.81 21.55 9.57
N ILE A 703 21.73 22.07 10.37
CA ILE A 703 21.44 23.11 11.35
C ILE A 703 21.43 24.43 10.58
N ILE A 704 20.24 24.86 10.13
CA ILE A 704 20.20 26.05 9.29
C ILE A 704 19.44 27.20 9.94
N ASN A 705 18.12 27.07 10.11
CA ASN A 705 17.39 28.18 10.71
C ASN A 705 16.21 27.78 11.59
N ASP A 706 15.93 26.52 11.80
CA ASP A 706 14.83 26.12 12.66
C ASP A 706 15.25 26.32 14.11
N PRO A 707 14.46 27.03 14.92
CA PRO A 707 14.84 27.24 16.33
C PRO A 707 14.96 25.95 17.13
N TRP A 708 14.15 24.95 16.82
CA TRP A 708 14.22 23.69 17.54
C TRP A 708 15.47 22.91 17.18
N VAL A 709 15.92 23.00 15.92
CA VAL A 709 17.13 22.26 15.55
C VAL A 709 18.37 22.98 16.09
N LEU A 710 18.33 24.31 16.26
CA LEU A 710 19.46 24.99 16.88
C LEU A 710 19.51 24.70 18.36
N LEU A 711 18.34 24.62 19.00
CA LEU A 711 18.30 24.22 20.41
C LEU A 711 18.78 22.79 20.61
N ASN A 712 18.44 21.89 19.68
CA ASN A 712 18.90 20.51 19.80
C ASN A 712 20.39 20.38 19.51
N ALA A 713 20.94 21.23 18.64
CA ALA A 713 22.38 21.20 18.42
C ALA A 713 23.13 21.72 19.64
N SER A 714 22.62 22.79 20.28
CA SER A 714 23.25 23.26 21.52
C SER A 714 23.06 22.26 22.66
N TRP A 715 21.96 21.51 22.64
CA TRP A 715 21.77 20.43 23.58
C TRP A 715 22.78 19.32 23.38
N PHE A 716 23.09 18.99 22.13
CA PHE A 716 24.09 17.97 21.87
C PHE A 716 25.48 18.43 22.29
N ASN A 717 25.78 19.72 22.10
CA ASN A 717 27.04 20.27 22.59
C ASN A 717 27.12 20.24 24.12
N SER A 718 26.00 20.51 24.80
CA SER A 718 25.99 20.47 26.25
C SER A 718 26.12 19.05 26.78
N PHE A 719 25.50 18.09 26.11
CA PHE A 719 25.67 16.68 26.50
C PHE A 719 27.08 16.20 26.25
N LEU A 720 27.71 16.66 25.17
CA LEU A 720 29.09 16.30 24.89
C LEU A 720 30.04 16.89 25.94
N LYS A 721 29.80 18.13 26.35
CA LYS A 721 30.61 18.72 27.41
C LYS A 721 30.39 18.02 28.75
N ALA A 722 29.16 17.58 29.03
CA ALA A 722 28.90 16.83 30.26
C ALA A 722 29.56 15.47 30.25
N VAL A 723 29.54 14.78 29.10
CA VAL A 723 30.17 13.47 29.00
C VAL A 723 31.69 13.58 28.93
N GLN A 724 32.22 14.76 28.61
CA GLN A 724 33.66 14.99 28.75
C GLN A 724 34.02 15.27 30.20
N LEU A 725 33.26 16.13 30.88
CA LEU A 725 33.58 16.48 32.26
C LEU A 725 33.27 15.36 33.24
N SER A 726 32.52 14.34 32.84
CA SER A 726 32.40 13.14 33.67
C SER A 726 33.61 12.23 33.57
N MET A 727 34.59 12.55 32.71
CA MET A 727 35.79 11.75 32.56
C MET A 727 37.06 12.58 32.70
N GLY A 728 36.99 13.73 33.34
CA GLY A 728 38.16 14.58 33.52
C GLY A 728 37.82 15.92 34.14
N MET B 10 17.59 27.05 35.63
CA MET B 10 17.92 25.71 35.17
C MET B 10 17.37 25.44 33.78
N ASP B 11 18.26 25.32 32.81
CA ASP B 11 17.88 25.01 31.45
C ASP B 11 17.72 23.50 31.29
N VAL B 12 16.61 23.09 30.68
CA VAL B 12 16.27 21.67 30.56
C VAL B 12 16.92 21.09 29.32
N ASN B 13 17.59 19.95 29.47
CA ASN B 13 18.26 19.26 28.38
C ASN B 13 17.90 17.78 28.44
N PRO B 14 17.10 17.29 27.49
CA PRO B 14 16.73 15.87 27.53
C PRO B 14 17.86 14.93 27.16
N MET B 15 18.86 15.39 26.41
CA MET B 15 19.99 14.55 26.03
C MET B 15 20.84 14.13 27.22
N LEU B 16 20.79 14.89 28.32
CA LEU B 16 21.44 14.51 29.56
C LEU B 16 20.81 13.28 30.20
N ILE B 17 19.61 12.88 29.75
CA ILE B 17 19.04 11.58 30.08
C ILE B 17 19.97 10.44 29.70
N PHE B 18 20.76 10.62 28.63
CA PHE B 18 21.76 9.64 28.22
C PHE B 18 22.93 9.53 29.18
N LEU B 19 23.06 10.44 30.16
CA LEU B 19 24.09 10.26 31.18
C LEU B 19 23.72 9.18 32.19
N LYS B 20 22.44 8.86 32.32
CA LYS B 20 21.98 7.81 33.22
C LYS B 20 21.74 6.49 32.51
N VAL B 21 20.91 6.49 31.48
CA VAL B 21 20.60 5.26 30.73
C VAL B 21 21.54 5.18 29.53
N PRO B 22 21.76 4.00 28.95
CA PRO B 22 22.48 3.93 27.68
C PRO B 22 21.68 4.54 26.55
N VAL B 23 22.36 4.74 25.43
CA VAL B 23 21.72 5.40 24.29
C VAL B 23 20.74 4.45 23.61
N GLN B 24 21.07 3.16 23.55
CA GLN B 24 20.15 2.20 22.94
C GLN B 24 18.91 1.97 23.79
N ASN B 25 18.99 2.18 25.10
CA ASN B 25 17.82 2.05 25.96
C ASN B 25 16.86 3.20 25.78
N ALA B 26 17.32 4.35 25.30
CA ALA B 26 16.48 5.51 25.07
C ALA B 26 16.73 6.08 23.68
N ILE B 27 16.80 5.20 22.68
CA ILE B 27 17.06 5.65 21.32
C ILE B 27 15.82 6.24 20.68
N SER B 28 14.62 5.93 21.20
CA SER B 28 13.38 6.44 20.62
C SER B 28 13.22 7.93 20.83
N THR B 29 13.95 8.53 21.75
CA THR B 29 13.97 9.98 21.89
C THR B 29 14.62 10.66 20.69
N THR B 30 15.49 9.95 19.97
CA THR B 30 16.22 10.52 18.84
C THR B 30 15.51 10.29 17.51
N PHE B 31 14.23 9.95 17.55
CA PHE B 31 13.41 9.77 16.35
C PHE B 31 12.26 10.76 16.42
N PRO B 32 12.35 11.91 15.74
CA PRO B 32 11.30 12.93 15.82
C PRO B 32 10.10 12.64 14.91
N TYR B 33 9.50 11.46 15.11
CA TYR B 33 8.52 10.92 14.17
C TYR B 33 7.10 11.29 14.53
N THR B 34 6.90 12.38 15.28
CA THR B 34 5.56 12.85 15.58
C THR B 34 5.14 14.03 14.73
N GLY B 35 6.08 14.73 14.11
CA GLY B 35 5.74 15.82 13.24
C GLY B 35 5.56 15.37 11.82
N ASP B 36 5.13 16.30 10.98
CA ASP B 36 4.87 15.99 9.58
C ASP B 36 6.19 15.71 8.86
N PRO B 37 6.27 14.63 8.09
CA PRO B 37 7.50 14.30 7.38
C PRO B 37 7.70 15.25 6.22
N PRO B 38 8.95 15.42 5.76
CA PRO B 38 9.20 16.41 4.71
C PRO B 38 8.63 15.96 3.37
N TYR B 39 7.63 16.68 2.89
CA TYR B 39 7.08 16.48 1.57
C TYR B 39 7.80 17.36 0.56
N SER B 40 7.73 16.95 -0.69
CA SER B 40 8.32 17.72 -1.77
C SER B 40 7.24 18.57 -2.43
N HIS B 41 7.64 19.74 -2.90
CA HIS B 41 6.77 20.66 -3.60
C HIS B 41 7.20 20.72 -5.05
N GLY B 42 6.25 21.00 -5.93
CA GLY B 42 6.57 21.16 -7.33
C GLY B 42 6.90 19.87 -8.04
N THR B 43 7.96 19.88 -8.85
CA THR B 43 8.28 18.78 -9.73
C THR B 43 9.33 17.86 -9.14
N GLY B 44 9.48 16.70 -9.77
CA GLY B 44 10.58 15.82 -9.49
C GLY B 44 11.52 15.78 -10.68
N THR B 45 11.61 16.90 -11.39
CA THR B 45 12.48 17.00 -12.56
C THR B 45 13.92 17.26 -12.16
N GLY B 46 14.14 18.18 -11.22
CA GLY B 46 15.49 18.50 -10.80
C GLY B 46 16.19 17.38 -10.08
N TYR B 47 15.44 16.61 -9.29
CA TYR B 47 16.02 15.46 -8.61
C TYR B 47 16.29 14.32 -9.58
N THR B 48 15.48 14.20 -10.63
CA THR B 48 15.73 13.23 -11.69
C THR B 48 17.00 13.57 -12.45
N MET B 49 17.16 14.85 -12.83
CA MET B 49 18.38 15.25 -13.52
C MET B 49 19.60 15.15 -12.62
N ASP B 50 19.43 15.37 -11.32
CA ASP B 50 20.53 15.16 -10.38
C ASP B 50 20.92 13.69 -10.29
N THR B 51 19.93 12.79 -10.29
CA THR B 51 20.21 11.36 -10.27
C THR B 51 20.92 10.92 -11.55
N VAL B 52 20.48 11.42 -12.71
CA VAL B 52 21.09 11.07 -13.98
C VAL B 52 22.52 11.61 -14.07
N ILE B 53 22.73 12.85 -13.62
CA ILE B 53 24.05 13.46 -13.70
C ILE B 53 25.02 12.80 -12.72
N ARG B 54 24.56 12.48 -11.52
CA ARG B 54 25.42 11.78 -10.56
C ARG B 54 25.73 10.37 -11.01
N THR B 55 24.76 9.71 -11.67
CA THR B 55 24.99 8.34 -12.14
C THR B 55 25.99 8.33 -13.30
N HIS B 56 25.95 9.36 -14.14
CA HIS B 56 26.92 9.44 -15.23
C HIS B 56 28.24 10.04 -14.79
N ASP B 57 28.32 10.66 -13.61
CA ASP B 57 29.55 11.27 -13.16
C ASP B 57 30.39 10.34 -12.30
N TYR B 58 29.77 9.39 -11.61
CA TYR B 58 30.52 8.34 -10.95
C TYR B 58 31.09 7.35 -11.95
N SER B 59 30.55 7.32 -13.15
CA SER B 59 30.85 6.32 -14.17
C SER B 59 31.49 6.93 -15.40
N SER B 60 32.03 8.14 -15.29
CA SER B 60 32.40 8.95 -16.45
C SER B 60 33.61 8.41 -17.20
N ARG B 61 34.39 7.53 -16.61
CA ARG B 61 35.53 6.93 -17.28
C ARG B 61 35.17 5.63 -17.99
N GLY B 62 33.91 5.45 -18.35
CA GLY B 62 33.47 4.31 -19.12
C GLY B 62 33.53 4.57 -20.61
N ILE B 63 32.87 3.69 -21.35
CA ILE B 63 32.90 3.70 -22.80
C ILE B 63 31.55 4.20 -23.30
N TRP B 64 31.56 5.31 -24.03
CA TRP B 64 30.35 5.88 -24.59
C TRP B 64 30.03 5.21 -25.92
N LYS B 65 28.77 4.77 -26.05
CA LYS B 65 28.30 4.18 -27.28
C LYS B 65 26.85 4.62 -27.50
N THR B 66 26.38 4.39 -28.71
CA THR B 66 25.01 4.70 -29.09
C THR B 66 24.26 3.38 -29.27
N ASN B 67 23.00 3.36 -28.85
CA ASN B 67 22.19 2.17 -29.04
C ASN B 67 21.84 2.00 -30.52
N SER B 68 21.84 0.76 -30.98
CA SER B 68 21.53 0.47 -32.37
C SER B 68 20.07 0.73 -32.70
N GLU B 69 19.20 0.73 -31.70
CA GLU B 69 17.77 0.83 -31.88
C GLU B 69 17.18 2.15 -31.42
N THR B 70 17.48 2.56 -30.19
CA THR B 70 16.86 3.75 -29.63
C THR B 70 17.60 5.03 -29.97
N GLY B 71 18.84 4.95 -30.44
CA GLY B 71 19.61 6.14 -30.72
C GLY B 71 20.15 6.84 -29.51
N ALA B 72 20.05 6.24 -28.32
CA ALA B 72 20.40 6.90 -27.07
C ALA B 72 21.86 6.69 -26.74
N GLN B 73 22.50 7.73 -26.21
CA GLN B 73 23.88 7.63 -25.76
C GLN B 73 23.96 6.77 -24.52
N GLN B 74 24.74 5.70 -24.58
CA GLN B 74 24.87 4.77 -23.47
C GLN B 74 26.30 4.77 -22.95
N LEU B 75 26.43 4.71 -21.63
CA LEU B 75 27.72 4.69 -20.96
C LEU B 75 27.95 3.32 -20.33
N ASN B 76 29.16 2.80 -20.51
CA ASN B 76 29.52 1.43 -20.11
C ASN B 76 30.67 1.51 -19.12
N PRO B 77 30.39 1.63 -17.82
CA PRO B 77 31.48 1.78 -16.85
C PRO B 77 32.15 0.48 -16.45
N ILE B 78 31.51 -0.67 -16.63
CA ILE B 78 32.05 -1.88 -16.04
C ILE B 78 33.22 -2.40 -16.86
N ASP B 79 34.07 -3.18 -16.19
CA ASP B 79 35.41 -3.59 -16.67
C ASP B 79 36.25 -2.38 -17.08
N GLY B 80 36.11 -1.29 -16.33
CA GLY B 80 36.80 -0.07 -16.63
C GLY B 80 38.02 0.09 -15.75
N PRO B 81 38.51 1.32 -15.62
CA PRO B 81 39.67 1.55 -14.76
C PRO B 81 39.30 1.43 -13.29
N LEU B 82 40.22 0.86 -12.52
CA LEU B 82 40.04 0.73 -11.09
C LEU B 82 40.05 2.11 -10.43
N PRO B 83 39.38 2.28 -9.30
CA PRO B 83 39.38 3.58 -8.64
C PRO B 83 40.73 3.93 -8.03
N GLU B 84 41.04 5.22 -8.03
CA GLU B 84 42.27 5.74 -7.45
C GLU B 84 42.03 6.47 -6.14
N ASP B 85 40.78 6.70 -5.75
CA ASP B 85 40.45 7.38 -4.51
C ASP B 85 39.12 6.86 -4.01
N ASN B 86 38.68 7.39 -2.86
CA ASN B 86 37.49 6.92 -2.18
C ASN B 86 36.22 7.63 -2.63
N GLU B 87 36.22 8.20 -3.83
CA GLU B 87 34.97 8.63 -4.43
C GLU B 87 34.14 7.42 -4.81
N PRO B 88 32.81 7.53 -4.82
CA PRO B 88 31.96 6.40 -5.22
C PRO B 88 32.15 6.07 -6.69
N SER B 89 32.65 4.88 -6.95
CA SER B 89 32.93 4.43 -8.32
C SER B 89 31.81 3.55 -8.82
N GLY B 90 31.70 3.47 -10.14
CA GLY B 90 30.74 2.58 -10.77
C GLY B 90 31.41 1.55 -11.64
N TYR B 91 32.74 1.45 -11.53
CA TYR B 91 33.53 0.57 -12.41
C TYR B 91 33.66 -0.79 -11.75
N ALA B 92 32.63 -1.61 -11.94
CA ALA B 92 32.62 -2.96 -11.42
C ALA B 92 33.33 -3.90 -12.38
N GLN B 93 34.05 -4.86 -11.83
CA GLN B 93 34.80 -5.82 -12.64
C GLN B 93 33.99 -7.09 -12.81
N THR B 94 33.91 -7.60 -14.05
CA THR B 94 33.09 -8.76 -14.33
C THR B 94 33.69 -10.03 -13.75
N ASP B 95 35.02 -10.15 -13.79
CA ASP B 95 35.69 -11.34 -13.28
C ASP B 95 35.53 -11.47 -11.77
N CYS B 96 35.54 -10.35 -11.04
CA CYS B 96 35.36 -10.40 -9.60
C CYS B 96 33.92 -10.73 -9.23
N VAL B 97 32.95 -10.22 -10.00
CA VAL B 97 31.55 -10.54 -9.75
C VAL B 97 31.27 -12.00 -10.01
N LEU B 98 31.82 -12.53 -11.11
CA LEU B 98 31.63 -13.95 -11.41
C LEU B 98 32.37 -14.84 -10.42
N GLU B 99 33.53 -14.40 -9.91
CA GLU B 99 34.22 -15.17 -8.87
C GLU B 99 33.45 -15.15 -7.56
N LEU B 100 32.79 -14.03 -7.23
CA LEU B 100 32.02 -13.98 -6.00
C LEU B 100 30.76 -14.82 -6.10
N ILE B 101 30.12 -14.86 -7.27
CA ILE B 101 28.95 -15.72 -7.44
C ILE B 101 29.36 -17.19 -7.45
N GLU B 102 30.51 -17.50 -8.03
CA GLU B 102 31.05 -18.85 -8.00
C GLU B 102 31.40 -19.28 -6.57
N GLY B 103 31.92 -18.35 -5.76
CA GLY B 103 32.20 -18.67 -4.37
C GLY B 103 30.94 -18.83 -3.54
N LEU B 104 29.91 -18.03 -3.81
CA LEU B 104 28.62 -18.22 -3.16
C LEU B 104 27.98 -19.53 -3.55
N ASP B 105 28.25 -20.02 -4.76
CA ASP B 105 27.80 -21.33 -5.17
C ASP B 105 28.58 -22.44 -4.47
N ARG B 106 29.90 -22.25 -4.31
CA ARG B 106 30.73 -23.25 -3.66
C ARG B 106 30.41 -23.38 -2.18
N SER B 107 30.02 -22.28 -1.53
CA SER B 107 29.72 -22.36 -0.10
C SER B 107 28.37 -23.01 0.16
N HIS B 108 27.37 -22.73 -0.69
CA HIS B 108 26.03 -23.28 -0.58
C HIS B 108 25.79 -24.17 -1.78
N PRO B 109 26.11 -25.46 -1.69
CA PRO B 109 25.90 -26.36 -2.85
C PRO B 109 24.42 -26.70 -3.02
N GLY B 110 23.98 -26.65 -4.27
CA GLY B 110 22.60 -26.95 -4.59
C GLY B 110 21.62 -25.85 -4.31
N LEU B 111 22.08 -24.67 -3.89
CA LEU B 111 21.18 -23.54 -3.66
C LEU B 111 20.69 -22.96 -4.98
N PHE B 112 21.61 -22.76 -5.93
CA PHE B 112 21.26 -22.16 -7.21
C PHE B 112 20.35 -23.08 -8.02
N GLU B 113 20.64 -24.39 -7.98
CA GLU B 113 19.84 -25.37 -8.72
C GLU B 113 18.42 -25.48 -8.15
N THR B 114 18.29 -25.50 -6.83
CA THR B 114 16.97 -25.60 -6.22
C THR B 114 16.15 -24.34 -6.41
N ALA B 115 16.79 -23.17 -6.31
CA ALA B 115 16.06 -21.93 -6.51
C ALA B 115 15.68 -21.74 -7.98
N CYS B 116 16.56 -22.14 -8.91
CA CYS B 116 16.20 -22.10 -10.32
C CYS B 116 15.10 -23.08 -10.66
N GLN B 117 15.08 -24.25 -10.00
CA GLN B 117 14.04 -25.22 -10.28
C GLN B 117 12.70 -24.74 -9.73
N GLU B 118 12.71 -24.07 -8.58
CA GLU B 118 11.48 -23.46 -8.08
C GLU B 118 11.01 -22.30 -8.96
N THR B 119 11.95 -21.55 -9.53
CA THR B 119 11.56 -20.47 -10.43
C THR B 119 10.99 -21.01 -11.74
N ILE B 120 11.52 -22.12 -12.24
CA ILE B 120 10.95 -22.74 -13.44
C ILE B 120 9.57 -23.33 -13.12
N ASP B 121 9.41 -23.90 -11.92
CA ASP B 121 8.10 -24.40 -11.52
C ASP B 121 7.08 -23.28 -11.33
N ALA B 122 7.53 -22.08 -10.98
CA ALA B 122 6.61 -20.96 -10.81
C ALA B 122 6.43 -20.14 -12.07
N ILE B 123 7.29 -20.30 -13.08
CA ILE B 123 7.14 -19.57 -14.32
C ILE B 123 5.99 -20.14 -15.14
N GLN B 124 5.88 -21.46 -15.19
CA GLN B 124 4.89 -22.12 -16.02
C GLN B 124 3.49 -22.09 -15.43
N GLN B 125 3.36 -21.75 -14.14
CA GLN B 125 2.07 -21.77 -13.48
C GLN B 125 1.60 -20.39 -13.03
N THR B 126 2.24 -19.32 -13.49
CA THR B 126 1.86 -17.97 -13.11
C THR B 126 1.08 -17.33 -14.25
N ARG B 127 -0.07 -16.74 -13.91
CA ARG B 127 -0.96 -16.12 -14.88
C ARG B 127 -0.63 -14.64 -15.04
N VAL B 128 -1.33 -14.00 -15.99
CA VAL B 128 -1.12 -12.58 -16.24
C VAL B 128 -1.69 -11.72 -15.12
N ASP B 129 -2.67 -12.25 -14.39
CA ASP B 129 -3.35 -11.49 -13.33
C ASP B 129 -2.43 -11.17 -12.16
N LYS B 130 -1.30 -11.86 -12.04
CA LYS B 130 -0.30 -11.50 -11.03
C LYS B 130 0.28 -10.11 -11.28
N LEU B 131 0.26 -9.65 -12.52
CA LEU B 131 0.68 -8.29 -12.80
C LEU B 131 -0.37 -7.24 -12.46
N THR B 132 -1.57 -7.64 -12.04
CA THR B 132 -2.51 -6.65 -11.52
C THR B 132 -2.23 -6.29 -10.07
N GLN B 133 -1.32 -6.99 -9.42
CA GLN B 133 -0.96 -6.72 -8.04
C GLN B 133 0.19 -5.71 -7.98
N GLY B 134 0.56 -5.34 -6.77
CA GLY B 134 1.69 -4.47 -6.57
C GLY B 134 1.34 -3.00 -6.52
N ARG B 135 2.29 -2.16 -6.91
CA ARG B 135 2.16 -0.71 -6.83
C ARG B 135 1.52 -0.19 -8.12
N GLN B 136 1.55 1.13 -8.30
CA GLN B 136 1.08 1.72 -9.53
C GLN B 136 2.16 1.68 -10.60
N THR B 137 1.77 1.32 -11.81
CA THR B 137 2.69 1.09 -12.92
C THR B 137 2.64 2.26 -13.89
N TYR B 138 3.79 2.60 -14.46
CA TYR B 138 3.85 3.64 -15.47
C TYR B 138 3.18 3.15 -16.75
N ASP B 139 2.08 3.79 -17.11
CA ASP B 139 1.35 3.42 -18.33
C ASP B 139 1.98 4.13 -19.51
N TRP B 140 2.63 3.37 -20.40
CA TRP B 140 3.23 3.94 -21.59
C TRP B 140 2.21 4.45 -22.58
N THR B 141 0.96 4.00 -22.46
CA THR B 141 -0.13 4.50 -23.28
C THR B 141 -0.46 5.94 -22.94
N LEU B 142 -0.57 6.24 -21.64
CA LEU B 142 -1.05 7.52 -21.16
C LEU B 142 0.06 8.42 -20.61
N ASN B 143 1.31 7.92 -20.55
CA ASN B 143 2.47 8.62 -19.97
C ASN B 143 2.23 9.02 -18.52
N ARG B 144 1.51 8.18 -17.78
CA ARG B 144 1.13 8.49 -16.41
C ARG B 144 1.13 7.20 -15.60
N ASN B 145 1.15 7.35 -14.29
CA ASN B 145 1.19 6.21 -13.38
C ASN B 145 -0.24 5.78 -13.06
N GLN B 146 -0.79 4.95 -13.93
CA GLN B 146 -2.04 4.29 -13.66
C GLN B 146 -1.82 3.17 -12.64
N PRO B 147 -2.88 2.62 -12.05
CA PRO B 147 -2.72 1.40 -11.26
C PRO B 147 -2.32 0.21 -12.11
N ALA B 148 -2.01 -0.89 -11.43
CA ALA B 148 -1.43 -2.05 -12.09
C ALA B 148 -2.42 -2.72 -13.04
N ALA B 149 -3.68 -2.85 -12.61
CA ALA B 149 -4.67 -3.50 -13.46
C ALA B 149 -5.07 -2.62 -14.63
N THR B 150 -5.10 -1.30 -14.43
CA THR B 150 -5.43 -0.39 -15.52
C THR B 150 -4.33 -0.37 -16.58
N ALA B 151 -3.07 -0.34 -16.14
CA ALA B 151 -1.95 -0.35 -17.09
C ALA B 151 -1.85 -1.68 -17.80
N LEU B 152 -2.11 -2.79 -17.09
CA LEU B 152 -2.08 -4.10 -17.73
C LEU B 152 -3.22 -4.25 -18.74
N ALA B 153 -4.40 -3.73 -18.43
CA ALA B 153 -5.52 -3.80 -19.35
C ALA B 153 -5.28 -2.94 -20.58
N ASN B 154 -4.68 -1.76 -20.40
CA ASN B 154 -4.36 -0.92 -21.55
C ASN B 154 -3.28 -1.55 -22.42
N THR B 155 -2.29 -2.20 -21.80
CA THR B 155 -1.25 -2.88 -22.57
C THR B 155 -1.81 -4.06 -23.35
N ILE B 156 -2.71 -4.83 -22.73
CA ILE B 156 -3.33 -5.96 -23.41
C ILE B 156 -4.25 -5.49 -24.54
N GLU B 157 -4.95 -4.37 -24.34
CA GLU B 157 -5.80 -3.80 -25.39
C GLU B 157 -4.97 -3.32 -26.59
N VAL B 158 -3.83 -2.66 -26.34
CA VAL B 158 -3.01 -2.19 -27.45
C VAL B 158 -2.31 -3.37 -28.13
N PHE B 159 -2.00 -4.44 -27.39
CA PHE B 159 -1.45 -5.63 -28.03
C PHE B 159 -2.48 -6.34 -28.88
N ARG B 160 -3.73 -6.39 -28.42
CA ARG B 160 -4.78 -7.13 -29.11
C ARG B 160 -5.30 -6.35 -30.30
N LYS B 161 -5.30 -5.02 -30.25
CA LYS B 161 -5.66 -4.24 -31.42
C LYS B 161 -4.57 -4.20 -32.48
N ASN B 162 -3.37 -4.64 -32.14
CA ASN B 162 -2.35 -5.01 -33.10
C ASN B 162 -2.33 -6.54 -33.21
N GLY B 163 -1.35 -7.08 -33.91
CA GLY B 163 -1.36 -8.51 -34.16
C GLY B 163 -0.68 -9.37 -33.11
N TYR B 164 -0.88 -9.08 -31.83
CA TYR B 164 -0.22 -9.78 -30.75
C TYR B 164 -1.27 -10.30 -29.77
N LYS B 165 -1.52 -11.62 -29.80
CA LYS B 165 -2.60 -12.20 -29.04
C LYS B 165 -2.19 -13.48 -28.34
N LEU B 166 -0.89 -13.63 -28.02
CA LEU B 166 -0.47 -14.78 -27.21
C LEU B 166 -0.89 -14.65 -25.76
N ASN B 167 -1.11 -13.42 -25.29
CA ASN B 167 -1.58 -13.18 -23.93
C ASN B 167 -3.01 -13.65 -23.69
N GLU B 168 -3.73 -14.04 -24.74
CA GLU B 168 -5.01 -14.72 -24.61
C GLU B 168 -4.86 -16.16 -24.12
N SER B 169 -3.63 -16.69 -24.05
CA SER B 169 -3.43 -18.02 -23.49
C SER B 169 -3.63 -18.04 -21.98
N GLY B 170 -3.54 -16.89 -21.31
CA GLY B 170 -3.85 -16.79 -19.90
C GLY B 170 -2.65 -16.90 -18.98
N ARG B 171 -1.50 -17.33 -19.48
CA ARG B 171 -0.29 -17.44 -18.67
C ARG B 171 0.63 -16.26 -18.94
N LEU B 172 1.52 -16.01 -17.97
CA LEU B 172 2.31 -14.78 -17.99
C LEU B 172 3.42 -14.83 -19.03
N ILE B 173 4.02 -16.00 -19.24
CA ILE B 173 5.16 -16.14 -20.13
C ILE B 173 4.76 -15.88 -21.59
N ASP B 174 3.52 -16.17 -21.95
CA ASP B 174 3.06 -15.84 -23.29
C ASP B 174 2.82 -14.35 -23.46
N PHE B 175 2.40 -13.66 -22.40
CA PHE B 175 2.34 -12.20 -22.44
C PHE B 175 3.72 -11.60 -22.54
N LEU B 176 4.72 -12.22 -21.93
CA LEU B 176 6.09 -11.72 -22.05
C LEU B 176 6.65 -11.95 -23.44
N LYS B 177 6.29 -13.07 -24.06
CA LYS B 177 6.65 -13.30 -25.45
C LYS B 177 5.96 -12.31 -26.38
N ASP B 178 4.74 -11.90 -26.05
CA ASP B 178 4.06 -10.85 -26.81
C ASP B 178 4.75 -9.50 -26.62
N VAL B 179 5.20 -9.21 -25.39
CA VAL B 179 5.96 -8.00 -25.09
C VAL B 179 7.23 -7.94 -25.93
N LEU B 180 7.93 -9.07 -26.02
CA LEU B 180 9.15 -9.11 -26.81
C LEU B 180 8.88 -9.06 -28.32
N LEU B 181 7.77 -9.64 -28.76
CA LEU B 181 7.43 -9.58 -30.18
C LEU B 181 6.87 -8.24 -30.61
N SER B 182 6.39 -7.42 -29.67
CA SER B 182 5.83 -6.12 -30.03
C SER B 182 6.90 -5.11 -30.44
N PHE B 183 8.17 -5.38 -30.20
CA PHE B 183 9.23 -4.45 -30.55
C PHE B 183 9.52 -4.41 -32.04
N GLU B 184 8.95 -5.31 -32.84
CA GLU B 184 9.20 -5.33 -34.26
C GLU B 184 8.18 -4.55 -35.06
N ASN B 185 7.04 -4.20 -34.46
CA ASN B 185 6.00 -3.45 -35.17
C ASN B 185 6.43 -1.99 -35.33
N ASP B 186 6.51 -1.54 -36.57
CA ASP B 186 6.88 -0.17 -36.86
C ASP B 186 5.68 0.76 -36.96
N SER B 187 4.47 0.25 -36.78
CA SER B 187 3.24 1.02 -36.90
C SER B 187 2.33 0.72 -35.72
N MET B 188 2.88 0.80 -34.52
CA MET B 188 2.11 0.56 -33.30
C MET B 188 1.07 1.65 -33.13
N GLU B 189 -0.20 1.27 -33.17
CA GLU B 189 -1.32 2.18 -33.07
C GLU B 189 -1.87 2.12 -31.65
N VAL B 190 -1.77 3.22 -30.93
CA VAL B 190 -2.14 3.30 -29.52
C VAL B 190 -3.33 4.23 -29.38
N THR B 191 -4.17 3.97 -28.38
CA THR B 191 -5.33 4.81 -28.06
C THR B 191 -4.99 5.59 -26.79
N THR B 192 -4.54 6.83 -26.96
CA THR B 192 -4.08 7.66 -25.86
C THR B 192 -5.24 8.47 -25.29
N HIS B 193 -4.91 9.44 -24.44
CA HIS B 193 -5.84 10.46 -24.00
C HIS B 193 -5.39 11.80 -24.57
N PHE B 194 -6.34 12.56 -25.10
CA PHE B 194 -6.08 13.90 -25.57
C PHE B 194 -6.96 14.86 -24.76
N GLN B 195 -6.93 16.14 -25.12
CA GLN B 195 -7.64 17.15 -24.34
C GLN B 195 -8.08 18.30 -25.24
N LYS B 196 -9.37 18.58 -25.22
CA LYS B 196 -9.92 19.80 -25.81
C LYS B 196 -10.05 20.85 -24.72
N LYS B 197 -10.23 22.10 -25.13
CA LYS B 197 -10.37 23.17 -24.16
C LYS B 197 -11.24 24.28 -24.71
N LYS B 198 -11.89 25.00 -23.79
CA LYS B 198 -12.75 26.13 -24.12
C LYS B 198 -12.84 27.01 -22.88
N ARG B 199 -12.90 28.32 -23.09
CA ARG B 199 -12.93 29.28 -21.99
C ARG B 199 -14.38 29.52 -21.59
N ILE B 200 -14.78 28.93 -20.47
CA ILE B 200 -16.15 28.99 -19.98
C ILE B 200 -16.19 29.85 -18.73
N ARG B 201 -17.17 30.73 -18.66
CA ARG B 201 -17.33 31.58 -17.48
C ARG B 201 -17.88 30.78 -16.32
N ASP B 202 -17.19 30.81 -15.19
CA ASP B 202 -17.66 30.14 -14.00
C ASP B 202 -18.77 30.96 -13.35
N ASN B 203 -19.91 30.33 -13.11
CA ASN B 203 -21.06 31.04 -12.54
C ASN B 203 -21.09 30.94 -11.02
N HIS B 204 -19.95 31.24 -10.40
CA HIS B 204 -19.84 31.44 -8.97
C HIS B 204 -19.05 32.67 -8.58
N SER B 205 -18.17 33.17 -9.45
CA SER B 205 -17.38 34.34 -9.18
C SER B 205 -17.26 35.28 -10.37
N LYS B 206 -17.93 34.98 -11.49
CA LYS B 206 -17.90 35.73 -12.75
C LYS B 206 -16.46 35.88 -13.27
N LYS B 207 -15.85 34.72 -13.53
CA LYS B 207 -14.44 34.64 -13.87
C LYS B 207 -14.26 33.67 -15.02
N MET B 208 -13.40 34.03 -15.97
CA MET B 208 -13.16 33.19 -17.14
C MET B 208 -12.10 32.15 -16.83
N ILE B 209 -12.45 30.88 -17.00
CA ILE B 209 -11.53 29.77 -16.79
C ILE B 209 -11.64 28.82 -17.96
N THR B 210 -10.51 28.27 -18.38
CA THR B 210 -10.46 27.35 -19.51
C THR B 210 -10.77 25.94 -19.01
N GLN B 211 -11.93 25.42 -19.38
CA GLN B 211 -12.35 24.08 -18.98
C GLN B 211 -11.85 23.07 -20.00
N ARG B 212 -11.40 21.92 -19.51
CA ARG B 212 -10.78 20.92 -20.36
C ARG B 212 -11.60 19.64 -20.38
N THR B 213 -11.67 19.03 -21.56
CA THR B 213 -12.48 17.84 -21.82
C THR B 213 -11.56 16.71 -22.25
N ILE B 214 -11.18 15.85 -21.30
CA ILE B 214 -10.27 14.75 -21.62
C ILE B 214 -11.04 13.63 -22.27
N GLY B 215 -10.59 13.22 -23.46
CA GLY B 215 -11.24 12.18 -24.24
C GLY B 215 -10.25 11.08 -24.59
N LYS B 216 -10.48 10.46 -25.75
CA LYS B 216 -9.62 9.39 -26.24
C LYS B 216 -9.36 9.61 -27.73
N LYS B 217 -8.17 9.23 -28.17
CA LYS B 217 -7.80 9.39 -29.57
C LYS B 217 -6.80 8.31 -29.93
N ARG B 218 -6.94 7.78 -31.15
CA ARG B 218 -6.04 6.76 -31.65
C ARG B 218 -4.90 7.42 -32.41
N VAL B 219 -3.69 7.27 -31.90
CA VAL B 219 -2.49 7.83 -32.52
C VAL B 219 -1.57 6.68 -32.88
N LYS B 220 -0.71 6.92 -33.86
CA LYS B 220 0.17 5.90 -34.40
C LYS B 220 1.61 6.24 -34.05
N LEU B 221 2.33 5.27 -33.50
CA LEU B 221 3.70 5.49 -33.06
C LEU B 221 4.67 5.15 -34.18
N THR B 222 5.94 5.09 -33.85
CA THR B 222 6.99 4.59 -34.72
C THR B 222 7.58 3.33 -34.07
N LYS B 223 8.65 2.81 -34.66
CA LYS B 223 9.38 1.76 -33.98
C LYS B 223 10.25 2.34 -32.87
N LYS B 224 10.89 3.48 -33.15
CA LYS B 224 11.74 4.11 -32.16
C LYS B 224 10.92 4.76 -31.05
N ASN B 225 9.74 5.30 -31.38
CA ASN B 225 8.89 5.91 -30.37
C ASN B 225 8.35 4.87 -29.39
N TYR B 226 7.90 3.73 -29.91
CA TYR B 226 7.44 2.65 -29.04
C TYR B 226 8.60 2.04 -28.28
N LEU B 227 9.80 2.04 -28.86
CA LEU B 227 10.94 1.50 -28.13
C LEU B 227 11.39 2.43 -27.01
N ILE B 228 11.23 3.74 -27.19
CA ILE B 228 11.53 4.68 -26.13
C ILE B 228 10.48 4.58 -25.03
N ARG B 229 9.19 4.50 -25.41
CA ARG B 229 8.13 4.40 -24.42
C ARG B 229 8.14 3.07 -23.68
N ALA B 230 8.63 2.00 -24.30
CA ALA B 230 8.71 0.71 -23.60
C ALA B 230 9.87 0.66 -22.63
N LEU B 231 10.93 1.43 -22.86
CA LEU B 231 12.11 1.47 -22.01
C LEU B 231 12.12 2.70 -21.12
N THR B 232 10.96 3.19 -20.69
CA THR B 232 10.84 4.43 -19.95
C THR B 232 10.40 4.13 -18.53
N LEU B 233 11.15 4.63 -17.56
CA LEU B 233 10.71 4.68 -16.18
C LEU B 233 10.14 6.05 -15.87
N ASN B 234 9.15 6.09 -14.99
CA ASN B 234 8.56 7.35 -14.56
C ASN B 234 9.19 7.76 -13.25
N THR B 235 9.89 8.88 -13.25
CA THR B 235 10.62 9.35 -12.09
C THR B 235 9.84 10.45 -11.39
N MET B 236 9.58 10.24 -10.10
CA MET B 236 8.92 11.26 -9.28
C MET B 236 9.65 11.34 -7.95
N THR B 237 9.44 12.44 -7.24
CA THR B 237 10.05 12.61 -5.93
C THR B 237 9.43 11.64 -4.93
N LYS B 238 10.23 11.26 -3.94
CA LYS B 238 9.72 10.48 -2.82
C LYS B 238 9.29 11.42 -1.72
N ASP B 239 8.04 11.31 -1.31
CA ASP B 239 7.48 12.14 -0.25
C ASP B 239 7.33 11.32 1.02
N ALA B 240 7.19 12.05 2.14
CA ALA B 240 7.05 11.50 3.49
C ALA B 240 8.23 10.61 3.88
N GLU B 241 9.41 10.98 3.40
CA GLU B 241 10.63 10.23 3.70
C GLU B 241 11.33 10.86 4.89
N ARG B 242 11.66 10.02 5.87
CA ARG B 242 12.26 10.49 7.11
C ARG B 242 13.78 10.35 7.07
N GLY B 243 14.45 11.21 7.83
CA GLY B 243 15.87 11.06 8.07
C GLY B 243 16.78 11.74 7.08
N LYS B 244 16.26 12.51 6.14
CA LYS B 244 17.08 13.19 5.15
C LYS B 244 16.67 14.66 5.08
N LEU B 245 17.66 15.51 4.82
CA LEU B 245 17.40 16.94 4.65
C LEU B 245 16.91 17.24 3.25
N LYS B 246 17.45 16.58 2.24
CA LYS B 246 17.16 16.86 0.85
C LYS B 246 16.41 15.69 0.22
N ARG B 247 15.60 16.01 -0.79
CA ARG B 247 14.71 15.02 -1.38
C ARG B 247 15.45 14.22 -2.45
N ARG B 248 14.80 13.15 -2.89
CA ARG B 248 15.36 12.26 -3.88
C ARG B 248 14.26 11.77 -4.81
N ALA B 249 14.66 11.33 -5.99
CA ALA B 249 13.73 10.86 -7.00
C ALA B 249 13.76 9.35 -7.08
N ILE B 250 12.61 8.72 -6.95
CA ILE B 250 12.45 7.30 -7.18
C ILE B 250 11.78 7.11 -8.52
N ALA B 251 11.79 5.88 -9.02
CA ALA B 251 11.26 5.58 -10.34
C ALA B 251 10.25 4.46 -10.27
N THR B 252 9.42 4.40 -11.30
CA THR B 252 8.34 3.44 -11.43
C THR B 252 8.48 2.78 -12.79
N PRO B 253 8.49 1.44 -12.84
CA PRO B 253 8.69 0.75 -14.12
C PRO B 253 7.44 0.79 -14.98
N GLY B 254 7.65 0.54 -16.27
CA GLY B 254 6.56 0.42 -17.21
C GLY B 254 5.95 -0.97 -17.17
N MET B 255 5.05 -1.23 -18.13
CA MET B 255 4.35 -2.51 -18.15
C MET B 255 5.10 -3.57 -18.93
N GLN B 256 5.92 -3.18 -19.91
CA GLN B 256 6.69 -4.13 -20.69
C GLN B 256 7.88 -4.71 -19.95
N ILE B 257 8.13 -4.30 -18.71
CA ILE B 257 9.25 -4.80 -17.93
C ILE B 257 8.80 -5.42 -16.60
N ARG B 258 7.52 -5.37 -16.27
CA ARG B 258 7.06 -5.78 -14.95
C ARG B 258 7.14 -7.29 -14.74
N GLY B 259 6.81 -8.07 -15.76
CA GLY B 259 6.82 -9.53 -15.60
C GLY B 259 8.21 -10.10 -15.54
N PHE B 260 9.13 -9.54 -16.34
CA PHE B 260 10.53 -9.96 -16.31
C PHE B 260 11.17 -9.63 -14.97
N VAL B 261 10.90 -8.43 -14.44
CA VAL B 261 11.37 -8.05 -13.12
C VAL B 261 10.74 -8.92 -12.06
N TYR B 262 9.48 -9.33 -12.24
CA TYR B 262 8.83 -10.25 -11.31
C TYR B 262 9.55 -11.59 -11.26
N PHE B 263 9.93 -12.12 -12.42
CA PHE B 263 10.60 -13.42 -12.44
C PHE B 263 12.02 -13.34 -11.89
N VAL B 264 12.73 -12.24 -12.19
CA VAL B 264 14.09 -12.07 -11.67
C VAL B 264 14.06 -11.89 -10.16
N GLU B 265 13.13 -11.08 -9.64
CA GLU B 265 13.03 -10.92 -8.20
C GLU B 265 12.47 -12.16 -7.51
N LEU B 266 11.70 -12.99 -8.23
CA LEU B 266 11.29 -14.28 -7.67
C LEU B 266 12.49 -15.22 -7.50
N LEU B 267 13.36 -15.25 -8.52
CA LEU B 267 14.60 -16.02 -8.42
C LEU B 267 15.47 -15.52 -7.27
N ALA B 268 15.64 -14.20 -7.17
CA ALA B 268 16.49 -13.64 -6.12
C ALA B 268 15.86 -13.77 -4.74
N ARG B 269 14.54 -13.82 -4.65
CA ARG B 269 13.89 -14.06 -3.37
C ARG B 269 14.04 -15.51 -2.94
N ASN B 270 14.01 -16.45 -3.89
CA ASN B 270 14.29 -17.84 -3.56
C ASN B 270 15.75 -18.03 -3.16
N ILE B 271 16.66 -17.23 -3.73
CA ILE B 271 18.05 -17.27 -3.29
C ILE B 271 18.19 -16.72 -1.88
N CYS B 272 17.63 -15.53 -1.62
CA CYS B 272 17.83 -14.84 -0.36
C CYS B 272 17.10 -15.49 0.81
N GLU B 273 16.10 -16.33 0.56
CA GLU B 273 15.39 -16.98 1.65
C GLU B 273 16.18 -18.11 2.29
N ARG B 274 17.27 -18.56 1.68
CA ARG B 274 18.10 -19.62 2.23
C ARG B 274 19.50 -19.17 2.57
N LEU B 275 19.88 -17.94 2.22
CA LEU B 275 21.12 -17.35 2.69
C LEU B 275 20.87 -16.72 4.05
N GLU B 276 21.61 -17.17 5.06
CA GLU B 276 21.42 -16.69 6.41
C GLU B 276 22.03 -15.32 6.66
N GLN B 277 22.82 -14.81 5.72
CA GLN B 277 23.48 -13.52 5.85
C GLN B 277 22.73 -12.40 5.16
N SER B 278 21.45 -12.60 4.86
CA SER B 278 20.64 -11.59 4.20
C SER B 278 19.54 -11.13 5.13
N GLY B 279 19.30 -9.82 5.19
CA GLY B 279 18.24 -9.27 6.00
C GLY B 279 16.94 -9.10 5.23
N LEU B 280 16.69 -10.00 4.29
CA LEU B 280 15.50 -10.00 3.45
C LEU B 280 15.09 -11.45 3.23
N PRO B 281 13.79 -11.73 3.06
CA PRO B 281 12.60 -10.87 3.17
C PRO B 281 12.00 -10.88 4.56
N VAL B 282 12.84 -10.74 5.58
CA VAL B 282 12.45 -11.03 6.94
C VAL B 282 11.61 -9.89 7.51
N GLY B 283 10.87 -10.21 8.57
CA GLY B 283 10.13 -9.23 9.34
C GLY B 283 10.95 -8.67 10.48
N GLY B 284 10.29 -8.33 11.57
CA GLY B 284 10.97 -7.72 12.70
C GLY B 284 11.70 -8.70 13.58
N ASN B 285 10.96 -9.68 14.10
CA ASN B 285 11.54 -10.62 15.05
C ASN B 285 12.44 -11.64 14.37
N GLU B 286 12.22 -11.94 13.09
CA GLU B 286 13.19 -12.73 12.34
C GLU B 286 14.48 -11.95 12.12
N LYS B 287 14.39 -10.62 12.00
CA LYS B 287 15.61 -9.83 11.89
C LYS B 287 16.33 -9.75 13.22
N LYS B 288 15.59 -9.73 14.34
CA LYS B 288 16.22 -9.83 15.65
C LYS B 288 16.91 -11.18 15.84
N ALA B 289 16.26 -12.25 15.37
CA ALA B 289 16.87 -13.57 15.40
C ALA B 289 18.11 -13.65 14.51
N LYS B 290 18.12 -12.93 13.39
CA LYS B 290 19.30 -12.94 12.53
C LYS B 290 20.44 -12.14 13.13
N LEU B 291 20.14 -11.05 13.82
CA LEU B 291 21.17 -10.33 14.59
C LEU B 291 21.77 -11.23 15.67
N ALA B 292 20.93 -11.97 16.38
CA ALA B 292 21.43 -12.91 17.38
C ALA B 292 22.22 -14.06 16.75
N ASN B 293 21.83 -14.51 15.56
CA ASN B 293 22.54 -15.60 14.90
C ASN B 293 23.91 -15.16 14.42
N VAL B 294 24.02 -13.96 13.85
CA VAL B 294 25.34 -13.50 13.45
C VAL B 294 26.18 -13.06 14.63
N ILE B 295 25.56 -12.75 15.78
CA ILE B 295 26.36 -12.46 16.96
C ILE B 295 26.81 -13.74 17.66
N LYS B 296 26.13 -14.86 17.44
CA LYS B 296 26.55 -16.11 18.05
C LYS B 296 27.48 -16.91 17.16
N LYS B 297 27.35 -16.76 15.83
CA LYS B 297 28.25 -17.43 14.90
C LYS B 297 29.68 -16.90 15.04
N MET B 298 29.81 -15.60 15.28
CA MET B 298 31.12 -14.96 15.37
C MET B 298 31.57 -14.69 16.80
N MET B 299 30.96 -15.36 17.77
CA MET B 299 31.39 -15.25 19.17
C MET B 299 32.30 -16.39 19.59
N ALA B 300 32.46 -17.40 18.75
CA ALA B 300 33.22 -18.61 19.08
C ALA B 300 34.70 -18.28 19.17
N LYS B 301 35.21 -18.20 20.39
CA LYS B 301 36.64 -18.01 20.62
C LYS B 301 37.40 -19.31 20.39
N SER B 302 37.99 -19.48 19.20
CA SER B 302 38.83 -20.65 18.96
C SER B 302 40.15 -20.55 19.72
N THR B 303 40.60 -19.33 20.05
CA THR B 303 41.76 -19.13 20.89
C THR B 303 41.39 -18.17 22.03
N ASP B 304 42.38 -17.73 22.78
CA ASP B 304 42.13 -16.89 23.94
C ASP B 304 42.14 -15.39 23.62
N GLU B 305 42.80 -14.99 22.54
CA GLU B 305 42.91 -13.57 22.17
C GLU B 305 42.39 -13.42 20.74
N GLU B 306 41.08 -13.25 20.60
CA GLU B 306 40.43 -13.05 19.31
C GLU B 306 39.65 -11.74 19.38
N LEU B 307 40.12 -10.72 18.66
CA LEU B 307 39.44 -9.45 18.62
C LEU B 307 38.29 -9.53 17.63
N SER B 308 37.08 -9.24 18.09
CA SER B 308 35.89 -9.26 17.24
C SER B 308 35.32 -7.85 17.19
N TYR B 309 35.37 -7.24 16.02
CA TYR B 309 34.86 -5.90 15.81
C TYR B 309 33.64 -5.96 14.90
N THR B 310 32.76 -4.98 15.02
CA THR B 310 31.55 -4.89 14.22
C THR B 310 31.48 -3.51 13.59
N ILE B 311 31.29 -3.50 12.28
CA ILE B 311 31.07 -2.30 11.50
C ILE B 311 29.58 -2.15 11.27
N THR B 312 29.01 -1.06 11.79
CA THR B 312 27.69 -0.62 11.39
C THR B 312 27.88 0.26 10.16
N GLY B 313 27.39 -0.18 9.02
CA GLY B 313 27.72 0.48 7.77
C GLY B 313 26.51 0.73 6.90
N ASP B 314 26.50 1.91 6.29
CA ASP B 314 25.64 2.21 5.15
C ASP B 314 26.52 2.30 3.92
N ASN B 315 25.91 2.12 2.75
CA ASN B 315 26.61 2.25 1.49
C ASN B 315 26.21 3.56 0.82
N THR B 316 27.20 4.31 0.34
CA THR B 316 26.95 5.61 -0.26
C THR B 316 26.66 5.45 -1.75
N LYS B 317 25.55 6.08 -2.18
CA LYS B 317 25.06 6.07 -3.56
C LYS B 317 24.90 4.63 -4.06
N TRP B 318 24.04 3.89 -3.36
CA TRP B 318 23.94 2.45 -3.56
C TRP B 318 23.33 2.11 -4.92
N ASN B 319 22.37 2.88 -5.37
CA ASN B 319 21.70 2.59 -6.62
C ASN B 319 22.40 3.20 -7.82
N GLU B 320 23.10 4.32 -7.62
CA GLU B 320 23.79 4.98 -8.72
C GLU B 320 25.00 4.21 -9.22
N ASN B 321 25.47 3.20 -8.48
CA ASN B 321 26.73 2.55 -8.78
C ASN B 321 26.63 1.09 -9.20
N GLN B 322 25.45 0.49 -9.14
CA GLN B 322 25.29 -0.90 -9.57
C GLN B 322 24.66 -0.92 -10.95
N ASN B 323 25.36 -1.54 -11.89
CA ASN B 323 24.97 -1.57 -13.28
C ASN B 323 24.02 -2.72 -13.56
N PRO B 324 23.18 -2.60 -14.59
CA PRO B 324 22.38 -3.75 -15.02
C PRO B 324 23.20 -4.83 -15.71
N ARG B 325 24.41 -4.50 -16.20
CA ARG B 325 25.25 -5.51 -16.83
C ARG B 325 25.85 -6.46 -15.82
N ILE B 326 26.14 -5.97 -14.61
CA ILE B 326 26.59 -6.82 -13.52
C ILE B 326 25.47 -7.75 -13.08
N PHE B 327 24.23 -7.25 -13.08
CA PHE B 327 23.08 -8.10 -12.78
C PHE B 327 22.82 -9.10 -13.90
N LEU B 328 23.13 -8.74 -15.15
CA LEU B 328 23.03 -9.68 -16.25
C LEU B 328 24.04 -10.82 -16.09
N ALA B 329 25.27 -10.48 -15.73
CA ALA B 329 26.29 -11.50 -15.49
C ALA B 329 25.95 -12.37 -14.27
N MET B 330 25.34 -11.77 -13.24
CA MET B 330 24.93 -12.53 -12.07
C MET B 330 23.78 -13.48 -12.40
N VAL B 331 22.80 -13.02 -13.18
CA VAL B 331 21.68 -13.89 -13.52
C VAL B 331 22.06 -14.91 -14.58
N LEU B 332 23.17 -14.71 -15.30
CA LEU B 332 23.65 -15.75 -16.19
C LEU B 332 24.58 -16.74 -15.50
N ARG B 333 25.17 -16.34 -14.36
CA ARG B 333 25.99 -17.27 -13.60
C ARG B 333 25.18 -18.05 -12.57
N ILE B 334 24.13 -17.47 -12.01
CA ILE B 334 23.27 -18.18 -11.06
C ILE B 334 22.50 -19.29 -11.76
N THR B 335 22.09 -19.03 -13.01
CA THR B 335 21.31 -19.98 -13.79
C THR B 335 22.20 -20.85 -14.67
N ALA B 336 23.38 -21.22 -14.17
CA ALA B 336 24.29 -22.06 -14.93
C ALA B 336 23.75 -23.49 -15.00
N GLY B 337 23.79 -24.07 -16.20
CA GLY B 337 23.28 -25.41 -16.41
C GLY B 337 21.78 -25.51 -16.55
N GLN B 338 21.07 -24.39 -16.57
CA GLN B 338 19.63 -24.35 -16.71
C GLN B 338 19.27 -24.32 -18.19
N PRO B 339 17.99 -24.57 -18.56
CA PRO B 339 17.60 -24.45 -19.97
C PRO B 339 17.74 -23.03 -20.49
N GLU B 340 18.02 -22.93 -21.79
CA GLU B 340 18.35 -21.64 -22.39
C GLU B 340 17.15 -20.71 -22.51
N TRP B 341 15.93 -21.25 -22.56
CA TRP B 341 14.76 -20.39 -22.54
C TRP B 341 14.62 -19.71 -21.18
N PHE B 342 14.96 -20.42 -20.10
CA PHE B 342 14.87 -19.86 -18.76
C PHE B 342 15.96 -18.83 -18.53
N ARG B 343 17.17 -19.10 -19.05
CA ARG B 343 18.26 -18.14 -18.96
C ARG B 343 17.96 -16.88 -19.76
N ASP B 344 17.38 -17.01 -20.95
CA ASP B 344 17.03 -15.83 -21.74
C ASP B 344 15.90 -15.04 -21.11
N LEU B 345 14.89 -15.73 -20.57
CA LEU B 345 13.77 -15.06 -19.93
C LEU B 345 14.19 -14.32 -18.67
N LEU B 346 15.11 -14.91 -17.89
CA LEU B 346 15.61 -14.18 -16.74
C LEU B 346 16.63 -13.12 -17.13
N ALA B 347 17.22 -13.21 -18.32
CA ALA B 347 18.17 -12.20 -18.74
C ALA B 347 17.52 -11.03 -19.46
N VAL B 348 16.21 -11.10 -19.76
CA VAL B 348 15.53 -9.99 -20.43
C VAL B 348 15.57 -8.71 -19.58
N ALA B 349 15.26 -8.84 -18.28
CA ALA B 349 15.13 -7.65 -17.43
C ALA B 349 16.43 -6.87 -17.21
N PRO B 350 17.62 -7.47 -17.01
CA PRO B 350 18.83 -6.63 -17.02
C PRO B 350 19.16 -6.03 -18.38
N ILE B 351 18.76 -6.67 -19.47
CA ILE B 351 18.96 -6.07 -20.79
C ILE B 351 18.06 -4.85 -20.96
N MET B 352 16.80 -4.96 -20.54
CA MET B 352 15.90 -3.80 -20.62
C MET B 352 16.29 -2.71 -19.65
N PHE B 353 16.90 -3.06 -18.53
CA PHE B 353 17.36 -2.04 -17.60
C PHE B 353 18.70 -1.43 -18.00
N SER B 354 19.47 -2.10 -18.84
CA SER B 354 20.69 -1.47 -19.32
C SER B 354 20.42 -0.53 -20.49
N ASN B 355 19.36 -0.76 -21.23
CA ASN B 355 18.97 0.09 -22.35
C ASN B 355 17.89 1.09 -21.96
N LYS B 356 17.73 1.35 -20.67
CA LYS B 356 16.56 2.07 -20.20
C LYS B 356 16.68 3.56 -20.47
N VAL B 357 15.61 4.27 -20.13
CA VAL B 357 15.53 5.71 -20.28
C VAL B 357 14.63 6.21 -19.16
N ALA B 358 14.88 7.43 -18.71
CA ALA B 358 14.19 7.98 -17.55
C ALA B 358 13.39 9.19 -17.99
N ARG B 359 12.09 9.15 -17.74
CA ARG B 359 11.24 10.30 -18.02
C ARG B 359 11.57 11.42 -17.04
N LEU B 360 11.67 12.64 -17.57
CA LEU B 360 12.25 13.75 -16.82
C LEU B 360 11.22 14.56 -16.06
N GLY B 361 10.15 13.93 -15.59
CA GLY B 361 9.23 14.61 -14.70
C GLY B 361 8.26 15.52 -15.43
N ARG B 362 7.76 16.50 -14.66
CA ARG B 362 6.69 17.39 -15.11
C ARG B 362 7.20 18.78 -15.45
N GLY B 363 8.45 18.89 -15.87
CA GLY B 363 8.95 20.17 -16.33
C GLY B 363 9.32 21.10 -15.19
N TYR B 364 9.11 22.39 -15.42
CA TYR B 364 9.39 23.42 -14.44
C TYR B 364 8.30 24.47 -14.52
N MET B 365 8.31 25.39 -13.57
CA MET B 365 7.36 26.49 -13.55
C MET B 365 8.09 27.79 -13.80
N PHE B 366 7.65 28.53 -14.81
CA PHE B 366 8.28 29.76 -15.25
C PHE B 366 7.33 30.91 -14.96
N GLU B 367 7.86 32.01 -14.44
CA GLU B 367 7.06 33.10 -13.93
C GLU B 367 7.32 34.37 -14.72
N SER B 368 6.25 34.99 -15.23
CA SER B 368 6.33 36.28 -15.91
C SER B 368 5.86 37.35 -14.93
N LYS B 369 6.79 38.21 -14.52
CA LYS B 369 6.50 39.26 -13.56
C LYS B 369 5.92 40.51 -14.21
N SER B 370 6.13 40.71 -15.51
CA SER B 370 5.54 41.86 -16.17
C SER B 370 4.06 41.63 -16.43
N MET B 371 3.70 40.46 -16.94
CA MET B 371 2.32 40.10 -17.21
C MET B 371 1.65 39.38 -16.05
N HIS B 372 2.42 39.11 -14.98
CA HIS B 372 1.93 38.50 -13.73
C HIS B 372 1.29 37.14 -13.98
N LEU B 373 1.95 36.32 -14.78
CA LEU B 373 1.45 34.99 -15.07
C LEU B 373 2.51 33.95 -14.75
N ARG B 374 2.15 32.68 -14.93
CA ARG B 374 3.07 31.59 -14.73
C ARG B 374 2.64 30.46 -15.66
N THR B 375 3.60 29.61 -16.01
CA THR B 375 3.31 28.47 -16.86
C THR B 375 4.26 27.34 -16.54
N GLN B 376 3.71 26.14 -16.37
CA GLN B 376 4.53 24.95 -16.19
C GLN B 376 4.86 24.41 -17.57
N ILE B 377 6.09 24.57 -17.98
CA ILE B 377 6.52 24.00 -19.26
C ILE B 377 7.07 22.61 -18.99
N SER B 378 6.79 21.69 -19.92
CA SER B 378 7.08 20.28 -19.69
C SER B 378 8.55 20.00 -19.92
N ALA B 379 8.96 18.78 -19.62
CA ALA B 379 10.35 18.40 -19.78
C ALA B 379 10.74 18.21 -21.22
N GLU B 380 9.77 18.00 -22.11
CA GLU B 380 10.05 17.90 -23.53
C GLU B 380 10.35 19.27 -24.14
N ASN B 381 9.79 20.33 -23.59
CA ASN B 381 10.04 21.69 -24.07
C ASN B 381 11.30 22.30 -23.47
N LEU B 382 12.00 21.60 -22.57
CA LEU B 382 13.17 22.17 -21.93
C LEU B 382 14.38 22.18 -22.83
N SER B 383 14.42 21.33 -23.86
CA SER B 383 15.56 21.29 -24.77
C SER B 383 15.39 22.22 -25.97
N ASP B 384 14.41 23.12 -25.93
CA ASP B 384 14.26 24.13 -26.97
C ASP B 384 13.91 25.48 -26.36
N ILE B 385 14.34 25.74 -25.14
CA ILE B 385 14.17 27.04 -24.49
C ILE B 385 15.57 27.56 -24.16
N ASN B 386 15.78 28.85 -24.39
CA ASN B 386 17.09 29.47 -24.22
C ASN B 386 17.54 29.42 -22.77
N LEU B 387 18.82 29.15 -22.57
CA LEU B 387 19.34 28.85 -21.23
C LEU B 387 19.39 30.04 -20.30
N ARG B 388 19.10 31.26 -20.75
CA ARG B 388 19.12 32.40 -19.84
C ARG B 388 17.90 32.46 -18.95
N TYR B 389 16.87 31.66 -19.20
CA TYR B 389 15.64 31.66 -18.42
C TYR B 389 15.67 30.68 -17.26
N PHE B 390 16.84 30.30 -16.76
CA PHE B 390 16.95 29.34 -15.69
C PHE B 390 17.77 29.94 -14.54
N ASN B 391 17.75 29.26 -13.40
CA ASN B 391 18.70 29.58 -12.36
C ASN B 391 20.03 28.89 -12.66
N GLU B 392 21.01 29.08 -11.78
CA GLU B 392 22.35 28.57 -12.06
C GLU B 392 22.41 27.05 -11.97
N ASP B 393 21.72 26.48 -10.97
CA ASP B 393 21.75 25.04 -10.79
C ASP B 393 21.03 24.31 -11.92
N THR B 394 19.91 24.85 -12.37
CA THR B 394 19.19 24.24 -13.48
C THR B 394 19.90 24.47 -14.81
N LYS B 395 20.62 25.58 -14.95
CA LYS B 395 21.48 25.78 -16.11
C LYS B 395 22.56 24.72 -16.19
N LYS B 396 23.24 24.48 -15.06
CA LYS B 396 24.25 23.44 -15.00
C LYS B 396 23.67 22.06 -15.28
N LYS B 397 22.49 21.78 -14.73
CA LYS B 397 21.87 20.47 -14.92
C LYS B 397 21.43 20.24 -16.36
N ILE B 398 20.84 21.25 -16.99
CA ILE B 398 20.38 21.08 -18.36
C ILE B 398 21.56 21.02 -19.33
N GLU B 399 22.60 21.82 -19.08
CA GLU B 399 23.78 21.76 -19.93
C GLU B 399 24.55 20.46 -19.76
N LYS B 400 24.46 19.82 -18.59
CA LYS B 400 25.08 18.50 -18.42
C LYS B 400 24.23 17.39 -19.02
N ILE B 401 22.91 17.51 -18.99
CA ILE B 401 22.03 16.43 -19.42
C ILE B 401 21.61 16.55 -20.88
N ARG B 402 22.02 17.63 -21.57
CA ARG B 402 21.57 17.92 -22.92
C ARG B 402 21.96 16.85 -23.94
N HIS B 403 23.13 16.24 -23.80
CA HIS B 403 23.56 15.23 -24.74
C HIS B 403 22.98 13.84 -24.45
N LEU B 404 22.18 13.72 -23.40
CA LEU B 404 21.58 12.45 -23.02
C LEU B 404 20.09 12.38 -23.34
N MET B 405 19.49 13.46 -23.81
CA MET B 405 18.05 13.50 -24.03
C MET B 405 17.68 12.80 -25.33
N VAL B 406 16.70 11.91 -25.26
CA VAL B 406 16.12 11.25 -26.42
C VAL B 406 14.60 11.32 -26.25
N GLU B 407 13.97 12.27 -26.95
CA GLU B 407 12.52 12.43 -27.05
C GLU B 407 11.88 12.67 -25.68
N GLY B 408 12.33 13.74 -25.03
CA GLY B 408 11.77 14.16 -23.76
C GLY B 408 12.21 13.34 -22.56
N THR B 409 13.03 12.32 -22.75
CA THR B 409 13.54 11.48 -21.68
C THR B 409 15.06 11.45 -21.76
N ALA B 410 15.69 11.23 -20.61
CA ALA B 410 17.15 11.21 -20.54
C ALA B 410 17.65 9.77 -20.45
N SER B 411 18.71 9.48 -21.17
CA SER B 411 19.30 8.15 -21.17
C SER B 411 19.99 7.86 -19.85
N LEU B 412 19.71 6.68 -19.29
CA LEU B 412 20.24 6.29 -17.99
C LEU B 412 20.78 4.86 -18.06
N SER B 413 21.66 4.61 -19.03
CA SER B 413 22.25 3.29 -19.16
C SER B 413 23.10 2.83 -17.97
N PRO B 414 23.94 3.64 -17.32
CA PRO B 414 24.55 3.16 -16.07
C PRO B 414 23.61 3.27 -14.90
N GLY B 415 23.88 2.47 -13.89
CA GLY B 415 23.19 2.57 -12.62
C GLY B 415 21.77 2.03 -12.65
N MET B 416 21.25 1.79 -11.46
CA MET B 416 19.89 1.33 -11.23
C MET B 416 19.12 2.41 -10.50
N MET B 417 17.79 2.40 -10.65
CA MET B 417 16.96 3.31 -9.88
C MET B 417 16.60 2.67 -8.54
N MET B 418 15.90 3.42 -7.71
CA MET B 418 15.73 3.05 -6.31
C MET B 418 14.63 2.01 -6.15
N GLY B 419 15.04 0.79 -5.78
CA GLY B 419 14.08 -0.24 -5.41
C GLY B 419 13.70 -1.22 -6.50
N MET B 420 14.43 -1.27 -7.61
CA MET B 420 14.05 -2.15 -8.71
C MET B 420 14.51 -3.58 -8.47
N PHE B 421 15.82 -3.78 -8.44
CA PHE B 421 16.39 -5.09 -8.16
C PHE B 421 16.85 -5.12 -6.71
N ASN B 422 15.86 -5.11 -5.83
CA ASN B 422 16.13 -4.99 -4.40
C ASN B 422 16.66 -6.28 -3.80
N MET B 423 16.38 -7.42 -4.42
CA MET B 423 16.78 -8.71 -3.90
C MET B 423 17.99 -9.30 -4.59
N LEU B 424 18.35 -8.80 -5.77
CA LEU B 424 19.52 -9.30 -6.49
C LEU B 424 20.80 -8.61 -6.00
N SER B 425 20.69 -7.32 -5.69
CA SER B 425 21.82 -6.62 -5.08
C SER B 425 22.12 -7.15 -3.69
N THR B 426 21.10 -7.69 -3.01
CA THR B 426 21.34 -8.40 -1.76
C THR B 426 22.15 -9.67 -1.99
N VAL B 427 21.91 -10.36 -3.11
CA VAL B 427 22.71 -11.53 -3.46
C VAL B 427 24.16 -11.14 -3.70
N LEU B 428 24.38 -10.00 -4.37
CA LEU B 428 25.75 -9.52 -4.59
C LEU B 428 26.44 -9.15 -3.28
N GLY B 429 25.73 -8.45 -2.39
CA GLY B 429 26.31 -8.09 -1.11
C GLY B 429 26.59 -9.28 -0.22
N VAL B 430 25.71 -10.28 -0.24
CA VAL B 430 25.92 -11.50 0.54
C VAL B 430 27.07 -12.31 -0.06
N SER B 431 27.30 -12.22 -1.38
CA SER B 431 28.48 -12.85 -1.95
C SER B 431 29.77 -12.19 -1.48
N VAL B 432 29.76 -10.86 -1.36
CA VAL B 432 30.93 -10.17 -0.81
C VAL B 432 31.14 -10.54 0.67
N LEU B 433 30.05 -10.66 1.43
CA LEU B 433 30.17 -11.09 2.82
C LEU B 433 30.63 -12.54 2.94
N ASN B 434 30.27 -13.37 1.97
CA ASN B 434 30.61 -14.79 1.98
C ASN B 434 32.02 -15.04 1.48
N LEU B 435 32.66 -14.03 0.86
CA LEU B 435 34.06 -14.17 0.45
C LEU B 435 34.97 -14.44 1.64
N GLY B 436 34.77 -13.74 2.74
CA GLY B 436 35.72 -13.77 3.84
C GLY B 436 35.49 -14.78 4.95
N GLN B 437 35.57 -16.06 4.65
CA GLN B 437 35.52 -17.09 5.67
C GLN B 437 36.92 -17.56 6.04
N ARG B 438 37.03 -18.28 7.16
CA ARG B 438 38.33 -18.70 7.65
C ARG B 438 38.95 -19.77 6.77
N GLU B 439 38.14 -20.69 6.26
CA GLU B 439 38.60 -21.80 5.44
C GLU B 439 38.66 -21.45 3.96
N ILE B 440 38.48 -20.17 3.60
CA ILE B 440 38.52 -19.72 2.22
C ILE B 440 39.57 -18.63 2.02
N LEU B 441 39.60 -17.63 2.91
CA LEU B 441 40.59 -16.57 2.81
C LEU B 441 42.00 -17.06 3.08
N LYS B 442 42.14 -18.03 4.01
CA LYS B 442 43.42 -18.55 4.49
C LYS B 442 44.33 -17.46 5.04
N ARG B 443 43.73 -16.44 5.65
CA ARG B 443 44.42 -15.27 6.18
C ARG B 443 44.20 -15.20 7.68
N THR B 444 44.83 -14.21 8.31
CA THR B 444 44.77 -14.05 9.76
C THR B 444 43.52 -13.33 10.24
N TYR B 445 42.52 -13.16 9.37
CA TYR B 445 41.25 -12.56 9.75
C TYR B 445 40.14 -13.30 9.04
N TRP B 446 38.91 -13.06 9.49
CA TRP B 446 37.73 -13.58 8.83
C TRP B 446 36.58 -12.67 9.17
N TRP B 447 35.48 -12.79 8.43
CA TRP B 447 34.32 -11.97 8.73
C TRP B 447 33.04 -12.72 8.44
N ASP B 448 31.94 -12.14 8.90
CA ASP B 448 30.60 -12.60 8.58
C ASP B 448 29.67 -11.43 8.76
N GLY B 449 28.69 -11.29 7.88
CA GLY B 449 27.89 -10.11 7.96
C GLY B 449 26.40 -10.34 7.88
N LEU B 450 25.67 -9.27 7.62
CA LEU B 450 24.22 -9.32 7.46
C LEU B 450 23.85 -8.21 6.50
N GLN B 451 23.20 -8.54 5.39
CA GLN B 451 23.05 -7.64 4.27
C GLN B 451 21.57 -7.43 3.96
N SER B 452 21.10 -6.21 4.14
CA SER B 452 19.79 -5.78 3.65
C SER B 452 19.97 -5.27 2.23
N SER B 453 19.02 -4.47 1.73
CA SER B 453 19.14 -3.90 0.40
C SER B 453 20.38 -3.02 0.27
N ASP B 454 20.61 -2.11 1.23
CA ASP B 454 21.79 -1.27 1.19
C ASP B 454 22.47 -1.05 2.53
N ASP B 455 21.94 -1.58 3.63
CA ASP B 455 22.54 -1.45 4.95
C ASP B 455 23.26 -2.74 5.30
N PHE B 456 24.37 -2.64 6.04
CA PHE B 456 25.07 -3.86 6.40
C PHE B 456 25.65 -3.73 7.81
N ALA B 457 25.88 -4.90 8.41
CA ALA B 457 26.48 -5.01 9.74
C ALA B 457 27.51 -6.13 9.66
N LEU B 458 28.77 -5.77 9.54
CA LEU B 458 29.84 -6.71 9.22
C LEU B 458 30.70 -6.96 10.45
N ILE B 459 30.86 -8.23 10.83
CA ILE B 459 31.64 -8.60 12.01
C ILE B 459 32.95 -9.21 11.54
N ILE B 460 34.05 -8.54 11.84
CA ILE B 460 35.38 -8.99 11.49
C ILE B 460 36.07 -9.50 12.75
N ASN B 461 36.55 -10.74 12.71
CA ASN B 461 37.36 -11.27 13.78
C ASN B 461 38.80 -11.42 13.30
N GLY B 462 39.73 -11.18 14.21
CA GLY B 462 41.15 -11.34 13.94
C GLY B 462 41.87 -11.61 15.23
N HIS B 463 43.19 -11.53 15.23
CA HIS B 463 43.96 -11.74 16.45
C HIS B 463 44.58 -10.47 17.01
N PHE B 464 44.91 -9.52 16.15
CA PHE B 464 45.39 -8.22 16.57
C PHE B 464 44.56 -7.16 15.86
N LYS B 465 44.68 -5.91 16.30
CA LYS B 465 43.89 -4.85 15.70
C LYS B 465 44.37 -4.50 14.29
N GLU B 466 45.63 -4.81 13.97
CA GLU B 466 46.11 -4.70 12.61
C GLU B 466 45.41 -5.71 11.69
N ASP B 467 45.10 -6.90 12.21
CA ASP B 467 44.33 -7.86 11.43
C ASP B 467 42.90 -7.40 11.21
N ILE B 468 42.33 -6.69 12.19
CA ILE B 468 41.00 -6.11 12.02
C ILE B 468 41.03 -5.02 10.95
N GLN B 469 42.07 -4.18 10.97
CA GLN B 469 42.21 -3.14 9.95
C GLN B 469 42.44 -3.75 8.56
N GLN B 470 43.18 -4.85 8.49
CA GLN B 470 43.40 -5.52 7.22
C GLN B 470 42.13 -6.16 6.70
N GLY B 471 41.30 -6.71 7.59
CA GLY B 471 40.01 -7.23 7.17
C GLY B 471 39.06 -6.14 6.71
N VAL B 472 39.12 -4.97 7.37
CA VAL B 472 38.32 -3.81 6.96
C VAL B 472 38.73 -3.37 5.56
N ASN B 473 40.03 -3.27 5.31
CA ASN B 473 40.52 -2.84 4.00
C ASN B 473 40.21 -3.87 2.93
N HIS B 474 40.28 -5.15 3.26
CA HIS B 474 40.00 -6.19 2.27
C HIS B 474 38.52 -6.21 1.90
N PHE B 475 37.63 -6.09 2.90
CA PHE B 475 36.20 -5.99 2.62
C PHE B 475 35.87 -4.76 1.80
N TYR B 476 36.45 -3.61 2.16
CA TYR B 476 36.15 -2.36 1.48
C TYR B 476 36.64 -2.36 0.04
N ARG B 477 37.83 -2.91 -0.20
CA ARG B 477 38.37 -2.93 -1.54
C ARG B 477 37.68 -3.98 -2.41
N THR B 478 37.28 -5.12 -1.84
CA THR B 478 36.50 -6.10 -2.60
C THR B 478 35.11 -5.57 -2.91
N CYS B 479 34.54 -4.75 -2.02
CA CYS B 479 33.29 -4.07 -2.34
C CYS B 479 33.47 -3.06 -3.46
N LYS B 480 34.58 -2.32 -3.44
CA LYS B 480 34.86 -1.36 -4.50
C LYS B 480 35.07 -2.03 -5.85
N LEU B 481 35.57 -3.27 -5.84
CA LEU B 481 35.73 -4.03 -7.08
C LEU B 481 34.41 -4.35 -7.77
N VAL B 482 33.31 -4.42 -7.04
CA VAL B 482 32.04 -4.85 -7.61
C VAL B 482 31.00 -3.74 -7.61
N GLY B 483 31.41 -2.50 -7.36
CA GLY B 483 30.48 -1.39 -7.41
C GLY B 483 29.74 -1.13 -6.13
N ILE B 484 30.37 -1.38 -4.99
CA ILE B 484 29.77 -1.17 -3.68
C ILE B 484 30.68 -0.24 -2.90
N ASN B 485 30.19 0.94 -2.55
CA ASN B 485 30.99 1.92 -1.86
C ASN B 485 30.43 2.06 -0.45
N MET B 486 31.17 1.54 0.52
CA MET B 486 30.80 1.72 1.92
C MET B 486 30.97 3.19 2.30
N SER B 487 29.93 3.77 2.87
CA SER B 487 29.96 5.18 3.25
C SER B 487 30.87 5.37 4.45
N GLN B 488 32.03 5.98 4.23
CA GLN B 488 32.93 6.24 5.35
C GLN B 488 32.41 7.31 6.28
N LYS B 489 31.49 8.17 5.81
CA LYS B 489 30.85 9.11 6.70
C LYS B 489 29.91 8.41 7.66
N LYS B 490 29.10 7.48 7.16
CA LYS B 490 27.99 6.91 7.90
C LYS B 490 28.25 5.48 8.36
N SER B 491 29.51 5.07 8.45
CA SER B 491 29.86 3.77 9.01
C SER B 491 30.79 3.98 10.19
N TYR B 492 30.69 3.09 11.17
CA TYR B 492 31.62 3.14 12.29
C TYR B 492 31.84 1.74 12.83
N ILE B 493 33.02 1.52 13.37
CA ILE B 493 33.42 0.21 13.86
C ILE B 493 33.60 0.32 15.38
N ASN B 494 33.08 -0.67 16.10
CA ASN B 494 33.31 -0.79 17.52
C ASN B 494 33.59 -2.27 17.80
N LYS B 495 33.68 -2.64 19.07
CA LYS B 495 33.82 -4.06 19.36
C LYS B 495 32.46 -4.75 19.22
N THR B 496 32.47 -6.07 19.35
CA THR B 496 31.26 -6.86 19.19
C THR B 496 30.42 -6.79 20.45
N GLY B 497 29.13 -6.54 20.29
CA GLY B 497 28.19 -6.54 21.39
C GLY B 497 27.13 -5.46 21.29
N THR B 498 27.47 -4.31 20.70
CA THR B 498 26.48 -3.30 20.34
C THR B 498 26.70 -2.90 18.90
N PHE B 499 25.63 -2.91 18.11
CA PHE B 499 25.67 -2.41 16.74
C PHE B 499 24.25 -2.04 16.31
N GLU B 500 24.11 -1.71 15.02
CA GLU B 500 22.83 -1.30 14.46
C GLU B 500 22.71 -1.82 13.04
N PHE B 501 21.52 -2.33 12.69
CA PHE B 501 21.26 -2.86 11.36
C PHE B 501 19.82 -2.55 11.01
N THR B 502 19.64 -1.64 10.04
CA THR B 502 18.34 -1.19 9.52
C THR B 502 17.42 -0.70 10.63
N SER B 503 17.98 0.17 11.48
CA SER B 503 17.33 0.72 12.68
C SER B 503 16.89 -0.35 13.66
N PHE B 504 17.57 -1.50 13.66
CA PHE B 504 17.50 -2.44 14.76
C PHE B 504 18.76 -2.25 15.59
N PHE B 505 18.59 -1.89 16.85
CA PHE B 505 19.72 -1.55 17.72
C PHE B 505 19.99 -2.73 18.63
N TYR B 506 21.12 -3.39 18.42
CA TYR B 506 21.54 -4.52 19.23
C TYR B 506 22.48 -4.04 20.32
N ARG B 507 22.16 -4.39 21.56
CA ARG B 507 23.02 -4.10 22.71
C ARG B 507 22.97 -5.30 23.65
N TYR B 508 24.03 -6.11 23.61
CA TYR B 508 24.34 -7.13 24.62
C TYR B 508 23.22 -8.17 24.77
N GLY B 509 22.57 -8.50 23.66
CA GLY B 509 21.49 -9.45 23.69
C GLY B 509 20.11 -8.83 23.75
N PHE B 510 20.00 -7.52 23.56
CA PHE B 510 18.72 -6.81 23.59
C PHE B 510 18.60 -6.02 22.30
N VAL B 511 17.56 -6.30 21.52
CA VAL B 511 17.33 -5.63 20.24
C VAL B 511 16.15 -4.69 20.40
N ALA B 512 16.35 -3.43 20.02
CA ALA B 512 15.29 -2.43 19.96
C ALA B 512 14.93 -2.21 18.51
N ASN B 513 13.65 -2.39 18.18
CA ASN B 513 13.14 -2.26 16.82
C ASN B 513 12.58 -0.85 16.64
N PHE B 514 13.22 -0.07 15.77
CA PHE B 514 12.68 1.23 15.40
C PHE B 514 12.80 1.47 13.91
N SER B 515 12.70 0.39 13.12
CA SER B 515 12.67 0.55 11.67
C SER B 515 11.34 1.11 11.21
N MET B 516 10.25 0.64 11.79
CA MET B 516 8.91 1.05 11.40
C MET B 516 8.47 2.24 12.23
N GLU B 517 7.92 3.25 11.56
CA GLU B 517 7.35 4.39 12.26
C GLU B 517 6.05 3.97 12.93
N LEU B 518 5.78 4.56 14.10
CA LEU B 518 4.55 4.25 14.81
C LEU B 518 3.36 4.87 14.09
N PRO B 519 2.28 4.14 13.87
CA PRO B 519 1.16 4.67 13.08
C PRO B 519 0.32 5.65 13.89
N SER B 520 -0.74 6.16 13.25
CA SER B 520 -1.56 7.17 13.89
C SER B 520 -2.45 6.60 14.98
N PHE B 521 -2.82 5.31 14.86
CA PHE B 521 -3.84 4.66 15.69
C PHE B 521 -5.13 5.48 15.70
N GLY B 522 -5.57 5.84 14.51
CA GLY B 522 -6.77 6.62 14.36
C GLY B 522 -7.73 5.96 13.40
N VAL B 523 -8.73 6.72 12.95
CA VAL B 523 -9.76 6.20 12.06
C VAL B 523 -9.15 5.96 10.68
N ALA B 524 -9.50 4.82 10.07
CA ALA B 524 -9.00 4.52 8.73
C ALA B 524 -9.81 5.22 7.65
N GLY B 525 -11.13 5.22 7.78
CA GLY B 525 -11.97 6.00 6.89
C GLY B 525 -12.82 5.21 5.91
N ASN B 526 -13.24 4.00 6.29
CA ASN B 526 -14.17 3.23 5.48
C ASN B 526 -15.63 3.40 5.91
N ASN B 527 -15.94 2.98 7.13
CA ASN B 527 -17.25 3.14 7.77
C ASN B 527 -17.04 2.91 9.26
N GLU B 528 -18.11 2.71 10.01
CA GLU B 528 -17.95 2.60 11.45
C GLU B 528 -17.44 1.22 11.87
N SER B 529 -18.08 0.15 11.38
CA SER B 529 -17.66 -1.19 11.76
C SER B 529 -16.30 -1.55 11.16
N ALA B 530 -16.05 -1.10 9.93
CA ALA B 530 -14.78 -1.39 9.28
C ALA B 530 -13.62 -0.68 9.97
N ASP B 531 -13.83 0.56 10.39
CA ASP B 531 -12.76 1.26 11.09
C ASP B 531 -12.55 0.71 12.49
N MET B 532 -13.60 0.22 13.14
CA MET B 532 -13.41 -0.44 14.44
C MET B 532 -12.57 -1.71 14.31
N SER B 533 -12.88 -2.54 13.30
CA SER B 533 -12.12 -3.76 13.06
C SER B 533 -10.68 -3.47 12.66
N ILE B 534 -10.49 -2.47 11.79
CA ILE B 534 -9.15 -2.09 11.34
C ILE B 534 -8.33 -1.51 12.48
N GLY B 535 -8.97 -0.73 13.37
CA GLY B 535 -8.24 -0.14 14.48
C GLY B 535 -7.77 -1.17 15.49
N THR B 536 -8.66 -2.10 15.86
CA THR B 536 -8.23 -3.13 16.81
C THR B 536 -7.22 -4.08 16.17
N THR B 537 -7.34 -4.36 14.87
CA THR B 537 -6.35 -5.22 14.21
C THR B 537 -5.01 -4.53 14.05
N VAL B 538 -5.00 -3.20 13.86
CA VAL B 538 -3.75 -2.46 13.78
C VAL B 538 -3.04 -2.45 15.12
N ILE B 539 -3.79 -2.25 16.21
CA ILE B 539 -3.18 -2.28 17.55
C ILE B 539 -2.65 -3.67 17.87
N LYS B 540 -3.39 -4.73 17.49
CA LYS B 540 -2.96 -6.09 17.77
C LYS B 540 -1.72 -6.47 16.95
N THR B 541 -1.68 -6.07 15.67
CA THR B 541 -0.52 -6.37 14.84
C THR B 541 0.71 -5.61 15.30
N ASN B 542 0.54 -4.38 15.80
CA ASN B 542 1.69 -3.67 16.34
C ASN B 542 2.13 -4.24 17.68
N MET B 543 1.21 -4.83 18.44
CA MET B 543 1.62 -5.56 19.64
C MET B 543 2.42 -6.82 19.29
N ILE B 544 2.10 -7.46 18.16
CA ILE B 544 2.81 -8.67 17.79
C ILE B 544 4.07 -8.34 17.01
N ASN B 545 3.91 -7.71 15.85
CA ASN B 545 5.00 -7.65 14.88
C ASN B 545 5.80 -6.36 14.94
N ASN B 546 5.21 -5.26 15.36
CA ASN B 546 5.91 -3.97 15.38
C ASN B 546 6.32 -3.54 16.79
N ASP B 547 6.24 -4.44 17.77
CA ASP B 547 6.80 -4.28 19.13
C ASP B 547 6.23 -3.07 19.86
N LEU B 548 4.94 -3.16 20.15
CA LEU B 548 4.24 -2.16 20.95
C LEU B 548 4.12 -2.68 22.38
N GLY B 549 4.31 -1.80 23.35
CA GLY B 549 4.23 -2.18 24.74
C GLY B 549 2.80 -2.42 25.19
N PRO B 550 2.62 -3.03 26.36
CA PRO B 550 1.25 -3.24 26.86
C PRO B 550 0.53 -1.95 27.25
N ALA B 551 1.18 -1.11 28.05
CA ALA B 551 0.58 0.17 28.44
C ALA B 551 0.49 1.13 27.26
N THR B 552 1.46 1.07 26.34
CA THR B 552 1.37 1.88 25.13
C THR B 552 0.22 1.41 24.24
N ALA B 553 -0.05 0.10 24.23
CA ALA B 553 -1.20 -0.38 23.49
C ALA B 553 -2.51 0.03 24.15
N GLN B 554 -2.54 0.10 25.49
CA GLN B 554 -3.74 0.58 26.16
C GLN B 554 -4.00 2.05 25.85
N MET B 555 -2.94 2.87 25.82
CA MET B 555 -3.12 4.26 25.42
C MET B 555 -3.47 4.38 23.95
N ALA B 556 -3.02 3.45 23.11
CA ALA B 556 -3.42 3.45 21.71
C ALA B 556 -4.89 3.10 21.56
N ILE B 557 -5.39 2.18 22.39
CA ILE B 557 -6.82 1.85 22.40
C ILE B 557 -7.65 3.06 22.79
N GLN B 558 -7.22 3.77 23.84
CA GLN B 558 -7.95 4.94 24.29
C GLN B 558 -7.91 6.08 23.28
N LEU B 559 -6.75 6.28 22.62
CA LEU B 559 -6.64 7.32 21.61
C LEU B 559 -7.45 6.99 20.36
N PHE B 560 -7.46 5.71 19.96
CA PHE B 560 -8.26 5.30 18.81
C PHE B 560 -9.74 5.43 19.10
N ILE B 561 -10.18 5.10 20.32
CA ILE B 561 -11.59 5.21 20.66
C ILE B 561 -12.02 6.67 20.74
N LYS B 562 -11.14 7.54 21.24
CA LYS B 562 -11.42 8.97 21.26
C LYS B 562 -11.52 9.54 19.85
N ASP B 563 -10.61 9.15 18.97
CA ASP B 563 -10.62 9.65 17.60
C ASP B 563 -11.81 9.09 16.82
N TYR B 564 -12.13 7.82 17.05
CA TYR B 564 -13.27 7.19 16.39
C TYR B 564 -14.59 7.80 16.85
N ARG B 565 -14.66 8.20 18.12
CA ARG B 565 -15.86 8.85 18.61
C ARG B 565 -15.98 10.28 18.12
N TYR B 566 -14.85 10.96 17.89
CA TYR B 566 -14.95 12.29 17.28
C TYR B 566 -15.36 12.20 15.82
N THR B 567 -14.74 11.29 15.06
CA THR B 567 -14.89 11.29 13.60
C THR B 567 -16.30 10.92 13.18
N TYR B 568 -16.88 9.90 13.79
CA TYR B 568 -18.21 9.45 13.43
C TYR B 568 -19.29 10.00 14.35
N ARG B 569 -18.94 10.97 15.21
CA ARG B 569 -19.86 11.72 16.06
C ARG B 569 -20.63 10.80 17.00
N CYS B 570 -19.95 9.78 17.51
CA CYS B 570 -20.61 8.70 18.22
C CYS B 570 -20.15 8.65 19.66
N HIS B 571 -20.14 9.79 20.34
CA HIS B 571 -19.86 9.84 21.76
C HIS B 571 -20.94 9.11 22.54
N ARG B 572 -20.66 8.85 23.82
CA ARG B 572 -21.56 8.08 24.65
C ARG B 572 -22.85 8.84 24.92
N GLY B 573 -23.88 8.10 25.32
CA GLY B 573 -25.18 8.70 25.54
C GLY B 573 -25.24 9.61 26.74
N ASP B 574 -24.41 9.34 27.75
CA ASP B 574 -24.35 10.17 28.94
C ASP B 574 -23.34 11.32 28.81
N THR B 575 -22.89 11.64 27.60
CA THR B 575 -22.03 12.79 27.41
C THR B 575 -22.83 14.08 27.40
N ASN B 576 -22.19 15.15 27.83
CA ASN B 576 -22.78 16.48 27.79
C ASN B 576 -22.47 17.21 26.50
N LEU B 577 -21.67 16.62 25.62
CA LEU B 577 -21.44 17.20 24.30
C LEU B 577 -22.69 17.06 23.45
N GLU B 578 -22.91 18.06 22.59
CA GLU B 578 -24.10 18.12 21.76
C GLU B 578 -23.66 18.22 20.30
N THR B 579 -23.34 17.09 19.70
CA THR B 579 -22.96 17.05 18.29
C THR B 579 -24.22 16.93 17.44
N ARG B 580 -24.07 16.59 16.16
CA ARG B 580 -25.23 16.43 15.30
C ARG B 580 -26.04 15.20 15.66
N ARG B 581 -25.37 14.07 15.90
CA ARG B 581 -26.05 12.81 16.17
C ARG B 581 -26.37 12.58 17.65
N THR B 582 -26.16 13.58 18.51
CA THR B 582 -26.25 13.32 19.94
C THR B 582 -27.70 13.19 20.41
N LYS B 583 -28.65 13.75 19.67
CA LYS B 583 -30.04 13.61 20.08
C LYS B 583 -30.56 12.20 19.79
N SER B 584 -30.25 11.65 18.62
CA SER B 584 -30.69 10.30 18.31
C SER B 584 -29.94 9.26 19.15
N ILE B 585 -28.66 9.50 19.40
CA ILE B 585 -27.88 8.61 20.27
C ILE B 585 -28.36 8.70 21.71
N LYS B 586 -28.78 9.89 22.15
CA LYS B 586 -29.35 10.04 23.49
C LYS B 586 -30.69 9.35 23.60
N ARG B 587 -31.50 9.41 22.53
CA ARG B 587 -32.77 8.67 22.50
C ARG B 587 -32.53 7.17 22.57
N LEU B 588 -31.53 6.67 21.84
CA LEU B 588 -31.20 5.25 21.89
C LEU B 588 -30.63 4.84 23.23
N TRP B 589 -29.92 5.76 23.91
CA TRP B 589 -29.37 5.44 25.22
C TRP B 589 -30.46 5.40 26.29
N THR B 590 -31.45 6.27 26.18
CA THR B 590 -32.47 6.37 27.23
C THR B 590 -33.49 5.23 27.18
N GLU B 591 -33.59 4.52 26.06
CA GLU B 591 -34.58 3.45 25.92
C GLU B 591 -33.94 2.06 25.87
N THR B 592 -32.67 1.95 26.24
CA THR B 592 -31.95 0.69 26.20
C THR B 592 -31.73 0.19 27.63
N ILE B 593 -32.10 -1.07 27.87
CA ILE B 593 -32.02 -1.63 29.22
C ILE B 593 -30.57 -1.92 29.59
N SER B 594 -29.89 -2.71 28.78
CA SER B 594 -28.49 -3.04 28.99
C SER B 594 -27.67 -2.12 28.08
N LYS B 595 -27.17 -1.02 28.65
CA LYS B 595 -26.38 -0.06 27.89
C LYS B 595 -25.00 -0.56 27.55
N ALA B 596 -24.53 -1.64 28.19
CA ALA B 596 -23.23 -2.20 27.91
C ALA B 596 -23.16 -2.92 26.58
N GLY B 597 -24.28 -3.18 25.93
CA GLY B 597 -24.29 -3.94 24.70
C GLY B 597 -24.33 -3.05 23.47
N LEU B 598 -24.60 -1.77 23.66
CA LEU B 598 -24.58 -0.82 22.56
C LEU B 598 -23.17 -0.67 22.00
N LEU B 599 -23.08 -0.57 20.68
CA LEU B 599 -21.78 -0.39 20.05
C LEU B 599 -21.24 1.00 20.33
N VAL B 600 -19.93 1.16 20.11
CA VAL B 600 -19.30 2.48 20.25
C VAL B 600 -19.85 3.44 19.23
N ALA B 601 -20.21 2.93 18.05
CA ALA B 601 -20.88 3.75 17.05
C ALA B 601 -22.31 4.09 17.44
N ASP B 602 -22.89 3.39 18.41
CA ASP B 602 -24.22 3.66 18.91
C ASP B 602 -24.20 4.26 20.32
N GLY B 603 -23.06 4.79 20.74
CA GLY B 603 -22.97 5.46 22.02
C GLY B 603 -22.72 4.56 23.19
N GLY B 604 -22.33 3.32 22.97
CA GLY B 604 -22.05 2.42 24.07
C GLY B 604 -20.65 2.61 24.60
N PRO B 605 -20.33 1.87 25.65
CA PRO B 605 -18.98 1.96 26.23
C PRO B 605 -17.95 1.31 25.33
N ASN B 606 -16.69 1.49 25.70
CA ASN B 606 -15.59 0.83 25.03
C ASN B 606 -15.45 -0.57 25.61
N PRO B 607 -15.65 -1.62 24.80
CA PRO B 607 -15.52 -2.98 25.34
C PRO B 607 -14.11 -3.51 25.31
N TYR B 608 -13.20 -2.87 24.58
CA TYR B 608 -11.91 -3.45 24.27
C TYR B 608 -10.91 -3.17 25.36
N ASN B 609 -9.93 -4.07 25.45
CA ASN B 609 -8.81 -3.96 26.35
C ASN B 609 -7.66 -4.69 25.67
N LEU B 610 -6.64 -5.06 26.45
CA LEU B 610 -5.48 -5.74 25.87
C LEU B 610 -5.81 -7.16 25.44
N ARG B 611 -6.75 -7.82 26.12
CA ARG B 611 -6.92 -9.25 25.93
C ARG B 611 -7.83 -9.62 24.75
N ASN B 612 -8.71 -8.73 24.32
CA ASN B 612 -9.74 -9.09 23.34
C ASN B 612 -9.72 -8.17 22.15
N LEU B 613 -8.53 -7.88 21.62
CA LEU B 613 -8.43 -7.12 20.39
C LEU B 613 -8.68 -7.96 19.15
N HIS B 614 -8.71 -9.29 19.27
CA HIS B 614 -8.92 -10.17 18.13
C HIS B 614 -10.39 -10.46 17.86
N ILE B 615 -11.29 -9.93 18.68
CA ILE B 615 -12.72 -10.25 18.62
C ILE B 615 -13.44 -9.05 18.05
N PRO B 616 -14.33 -9.23 17.06
CA PRO B 616 -15.09 -8.09 16.52
C PRO B 616 -16.06 -7.52 17.55
N GLU B 617 -16.48 -6.29 17.29
CA GLU B 617 -17.25 -5.54 18.27
C GLU B 617 -18.67 -6.07 18.40
N VAL B 618 -19.30 -6.42 17.28
CA VAL B 618 -20.66 -6.97 17.33
C VAL B 618 -20.65 -8.35 17.95
N CYS B 619 -19.56 -9.10 17.77
CA CYS B 619 -19.43 -10.39 18.43
C CYS B 619 -19.16 -10.23 19.92
N LEU B 620 -18.39 -9.20 20.30
CA LEU B 620 -17.96 -9.05 21.68
C LEU B 620 -19.09 -8.60 22.59
N LYS B 621 -20.05 -7.84 22.06
CA LYS B 621 -21.16 -7.32 22.85
C LYS B 621 -22.47 -8.02 22.55
N TRP B 622 -22.43 -9.16 21.87
CA TRP B 622 -23.64 -9.84 21.40
C TRP B 622 -24.47 -10.39 22.56
N SER B 623 -23.83 -10.87 23.62
CA SER B 623 -24.56 -11.39 24.76
C SER B 623 -25.09 -10.30 25.68
N LEU B 624 -24.76 -9.04 25.43
CA LEU B 624 -25.22 -7.94 26.25
C LEU B 624 -26.20 -7.03 25.54
N MET B 625 -26.50 -7.29 24.27
CA MET B 625 -27.38 -6.43 23.51
C MET B 625 -28.83 -6.64 23.91
N ASP B 626 -29.63 -5.60 23.74
CA ASP B 626 -31.07 -5.78 23.78
C ASP B 626 -31.50 -6.58 22.55
N PRO B 627 -32.53 -7.43 22.68
CA PRO B 627 -32.95 -8.23 21.52
C PRO B 627 -33.56 -7.38 20.41
N ASP B 628 -34.29 -6.33 20.77
CA ASP B 628 -34.78 -5.39 19.77
C ASP B 628 -33.64 -4.61 19.14
N TYR B 629 -32.62 -4.27 19.94
CA TYR B 629 -31.49 -3.53 19.40
C TYR B 629 -30.62 -4.40 18.52
N ARG B 630 -30.41 -5.67 18.90
CA ARG B 630 -29.64 -6.56 18.04
C ARG B 630 -30.46 -7.02 16.84
N GLY B 631 -31.77 -6.89 16.89
CA GLY B 631 -32.60 -7.17 15.73
C GLY B 631 -32.57 -6.03 14.75
N ARG B 632 -32.62 -4.79 15.26
CA ARG B 632 -32.54 -3.63 14.38
C ARG B 632 -31.14 -3.43 13.82
N LEU B 633 -30.12 -3.75 14.62
CA LEU B 633 -28.74 -3.55 14.20
C LEU B 633 -28.34 -4.58 13.14
N CYS B 634 -28.56 -5.86 13.42
CA CYS B 634 -28.22 -6.93 12.51
C CYS B 634 -29.41 -7.32 11.63
N ASN B 635 -30.25 -6.36 11.28
CA ASN B 635 -31.41 -6.64 10.43
C ASN B 635 -30.94 -7.01 9.04
N PRO B 636 -31.37 -8.16 8.50
CA PRO B 636 -30.93 -8.57 7.17
C PRO B 636 -31.68 -7.93 6.03
N ASN B 637 -32.45 -6.86 6.29
CA ASN B 637 -33.13 -6.09 5.26
C ASN B 637 -32.80 -4.61 5.39
N ASN B 638 -31.60 -4.31 5.88
CA ASN B 638 -31.23 -2.93 6.14
C ASN B 638 -30.88 -2.22 4.83
N PRO B 639 -31.26 -0.95 4.69
CA PRO B 639 -31.05 -0.25 3.42
C PRO B 639 -29.65 0.29 3.20
N PHE B 640 -28.72 0.09 4.13
CA PHE B 640 -27.40 0.69 4.01
C PHE B 640 -26.42 -0.20 3.27
N VAL B 641 -26.44 -1.50 3.53
CA VAL B 641 -25.61 -2.45 2.82
C VAL B 641 -26.28 -2.79 1.49
N HIS B 642 -25.48 -2.92 0.42
CA HIS B 642 -26.00 -3.29 -0.88
C HIS B 642 -26.58 -4.69 -0.85
N HIS B 643 -27.72 -4.87 -1.51
CA HIS B 643 -28.47 -6.12 -1.50
C HIS B 643 -28.44 -6.74 -2.89
N MET B 644 -27.73 -7.86 -3.01
CA MET B 644 -27.67 -8.59 -4.27
C MET B 644 -29.00 -9.31 -4.51
N GLU B 645 -29.52 -9.19 -5.73
CA GLU B 645 -30.76 -9.89 -6.06
C GLU B 645 -30.50 -11.37 -6.25
N VAL B 646 -31.49 -12.18 -5.87
CA VAL B 646 -31.37 -13.64 -5.83
C VAL B 646 -31.22 -14.25 -7.21
N LEU B 664 -36.79 -9.99 -4.87
CA LEU B 664 -36.24 -10.56 -3.63
C LEU B 664 -34.72 -10.48 -3.63
N GLU B 665 -34.16 -10.16 -2.47
CA GLU B 665 -32.72 -10.12 -2.27
C GLU B 665 -32.34 -11.03 -1.10
N TYR B 666 -31.04 -11.23 -0.93
CA TYR B 666 -30.53 -12.10 0.10
C TYR B 666 -30.56 -11.40 1.46
N ASP B 667 -30.28 -12.18 2.50
CA ASP B 667 -30.09 -11.61 3.83
C ASP B 667 -28.76 -10.87 3.88
N ALA B 668 -28.79 -9.65 4.42
CA ALA B 668 -27.56 -8.91 4.68
C ALA B 668 -27.02 -9.33 6.04
N VAL B 669 -25.83 -9.93 6.05
CA VAL B 669 -25.21 -10.38 7.29
C VAL B 669 -24.26 -9.33 7.86
N ALA B 670 -24.27 -8.12 7.30
CA ALA B 670 -23.49 -7.01 7.82
C ALA B 670 -24.39 -6.04 8.54
N THR B 671 -23.85 -5.40 9.57
CA THR B 671 -24.61 -4.50 10.41
C THR B 671 -24.89 -3.19 9.68
N THR B 672 -25.71 -2.35 10.30
CA THR B 672 -26.09 -1.09 9.68
C THR B 672 -24.99 -0.05 9.71
N HIS B 673 -23.91 -0.29 10.42
CA HIS B 673 -22.76 0.60 10.45
C HIS B 673 -21.78 0.33 9.32
N SER B 674 -22.04 -0.68 8.49
CA SER B 674 -21.23 -0.95 7.31
C SER B 674 -21.78 -0.25 6.08
N TRP B 675 -22.03 1.04 6.18
CA TRP B 675 -22.57 1.80 5.08
C TRP B 675 -21.46 2.20 4.11
N THR B 676 -21.84 3.00 3.11
CA THR B 676 -20.91 3.42 2.07
C THR B 676 -20.85 4.95 2.01
N PRO B 677 -19.68 5.55 2.09
CA PRO B 677 -19.60 7.01 2.04
C PRO B 677 -19.73 7.55 0.63
N LYS B 678 -20.17 8.79 0.54
CA LYS B 678 -20.33 9.46 -0.75
C LYS B 678 -18.97 9.75 -1.36
N ARG B 679 -18.77 9.35 -2.60
CA ARG B 679 -17.47 9.41 -3.24
C ARG B 679 -17.37 10.63 -4.14
N ASN B 680 -16.17 11.21 -4.17
CA ASN B 680 -15.86 12.33 -5.05
C ASN B 680 -14.54 12.02 -5.74
N ARG B 681 -14.61 11.60 -7.00
CA ARG B 681 -13.45 11.44 -7.85
C ARG B 681 -13.30 12.57 -8.84
N SER B 682 -13.86 13.73 -8.52
CA SER B 682 -13.86 14.85 -9.44
C SER B 682 -12.50 15.53 -9.48
N ILE B 683 -12.20 16.13 -10.63
CA ILE B 683 -10.97 16.87 -10.86
C ILE B 683 -11.39 18.26 -11.34
N LEU B 684 -10.66 19.28 -10.88
CA LEU B 684 -11.04 20.67 -11.13
C LEU B 684 -11.03 21.02 -12.60
N ASN B 685 -12.14 21.59 -13.07
CA ASN B 685 -12.36 22.06 -14.44
C ASN B 685 -12.16 20.96 -15.49
N THR B 686 -12.36 19.70 -15.13
CA THR B 686 -12.03 18.57 -15.98
C THR B 686 -13.30 17.79 -16.29
N ASN B 687 -13.59 17.64 -17.58
CA ASN B 687 -14.73 16.86 -18.04
C ASN B 687 -14.24 15.47 -18.44
N GLN B 688 -13.94 14.65 -17.44
CA GLN B 688 -13.43 13.30 -17.66
C GLN B 688 -14.56 12.29 -17.85
N ARG B 689 -15.48 12.60 -18.77
CA ARG B 689 -16.59 11.73 -19.09
C ARG B 689 -16.22 10.66 -20.09
N GLY B 690 -15.33 10.97 -21.03
CA GLY B 690 -14.94 10.02 -22.06
C GLY B 690 -13.99 8.93 -21.59
N ILE B 691 -13.42 9.06 -20.40
CA ILE B 691 -12.46 8.07 -19.91
C ILE B 691 -12.95 7.33 -18.67
N LEU B 692 -13.93 7.84 -17.93
CA LEU B 692 -14.50 7.13 -16.79
C LEU B 692 -15.61 6.19 -17.21
N GLU B 693 -15.92 6.11 -18.51
CA GLU B 693 -17.00 5.26 -18.98
C GLU B 693 -16.58 3.80 -19.03
N ASP B 694 -15.30 3.53 -19.33
CA ASP B 694 -14.84 2.16 -19.52
C ASP B 694 -14.83 1.38 -18.21
N GLU B 695 -14.59 2.06 -17.09
CA GLU B 695 -14.64 1.40 -15.79
C GLU B 695 -16.06 0.95 -15.46
N ARG B 696 -17.06 1.80 -15.71
CA ARG B 696 -18.43 1.41 -15.44
C ARG B 696 -18.94 0.36 -16.42
N ILE B 697 -18.42 0.37 -17.65
CA ILE B 697 -18.74 -0.69 -18.61
C ILE B 697 -18.16 -2.03 -18.14
N TYR B 698 -16.91 -2.03 -17.68
CA TYR B 698 -16.30 -3.23 -17.12
C TYR B 698 -17.03 -3.72 -15.87
N GLN B 699 -17.53 -2.78 -15.05
CA GLN B 699 -18.29 -3.17 -13.87
C GLN B 699 -19.63 -3.79 -14.24
N LYS B 700 -20.30 -3.25 -15.26
CA LYS B 700 -21.55 -3.86 -15.72
C LYS B 700 -21.31 -5.24 -16.30
N CYS B 701 -20.20 -5.43 -17.02
CA CYS B 701 -19.87 -6.73 -17.57
C CYS B 701 -19.60 -7.75 -16.47
N CYS B 702 -18.85 -7.35 -15.44
CA CYS B 702 -18.59 -8.26 -14.33
C CYS B 702 -19.86 -8.56 -13.53
N GLN B 703 -20.77 -7.59 -13.44
CA GLN B 703 -22.02 -7.82 -12.72
C GLN B 703 -22.93 -8.79 -13.46
N VAL B 704 -23.04 -8.66 -14.78
CA VAL B 704 -23.91 -9.58 -15.51
C VAL B 704 -23.26 -10.96 -15.62
N PHE B 705 -21.92 -11.04 -15.62
CA PHE B 705 -21.28 -12.34 -15.55
C PHE B 705 -21.48 -13.00 -14.20
N GLU B 706 -21.53 -12.21 -13.12
CA GLU B 706 -21.85 -12.77 -11.81
C GLU B 706 -23.33 -13.16 -11.72
N LYS B 707 -24.18 -12.51 -12.50
CA LYS B 707 -25.57 -12.96 -12.61
C LYS B 707 -25.66 -14.33 -13.26
N PHE B 708 -24.90 -14.55 -14.33
CA PHE B 708 -24.92 -15.85 -14.99
C PHE B 708 -24.17 -16.90 -14.18
N PHE B 709 -22.91 -16.60 -13.82
CA PHE B 709 -22.08 -17.52 -13.03
C PHE B 709 -22.01 -17.03 -11.59
N PRO B 710 -22.72 -17.65 -10.66
CA PRO B 710 -22.81 -17.09 -9.30
C PRO B 710 -21.56 -17.22 -8.46
N SER B 711 -20.55 -17.98 -8.91
CA SER B 711 -19.33 -18.18 -8.13
C SER B 711 -18.19 -17.30 -8.59
N SER B 712 -18.46 -16.27 -9.40
CA SER B 712 -17.38 -15.51 -10.01
C SER B 712 -16.70 -14.59 -9.01
N THR B 713 -17.37 -14.24 -7.92
CA THR B 713 -16.78 -13.38 -6.91
C THR B 713 -16.03 -14.16 -5.84
N TYR B 714 -16.43 -15.40 -5.58
CA TYR B 714 -15.74 -16.22 -4.59
C TYR B 714 -14.44 -16.76 -5.15
N ARG B 715 -14.52 -17.54 -6.21
CA ARG B 715 -13.36 -18.13 -6.87
C ARG B 715 -13.30 -17.60 -8.29
N ARG B 716 -12.13 -17.13 -8.72
CA ARG B 716 -12.03 -16.46 -10.02
C ARG B 716 -12.23 -17.46 -11.15
N PRO B 717 -13.06 -17.14 -12.14
CA PRO B 717 -13.41 -18.13 -13.16
C PRO B 717 -12.28 -18.32 -14.15
N ILE B 718 -12.00 -19.59 -14.46
CA ILE B 718 -10.94 -19.98 -15.37
C ILE B 718 -11.57 -20.29 -16.72
N GLY B 719 -10.99 -19.75 -17.79
CA GLY B 719 -11.50 -20.07 -19.11
C GLY B 719 -10.65 -19.41 -20.16
N MET B 720 -10.98 -19.73 -21.42
CA MET B 720 -10.34 -19.11 -22.57
C MET B 720 -11.32 -18.67 -23.63
N ALA B 721 -12.60 -19.05 -23.53
CA ALA B 721 -13.61 -18.52 -24.43
C ALA B 721 -13.97 -17.09 -24.01
N SER B 722 -14.80 -16.44 -24.82
CA SER B 722 -15.21 -15.08 -24.50
C SER B 722 -16.17 -15.08 -23.32
N MET B 723 -16.45 -13.88 -22.81
CA MET B 723 -17.44 -13.78 -21.74
C MET B 723 -18.84 -14.00 -22.28
N LEU B 724 -19.13 -13.47 -23.48
CA LEU B 724 -20.46 -13.59 -24.06
C LEU B 724 -20.74 -15.03 -24.47
N ASP B 725 -19.73 -15.74 -24.96
CA ASP B 725 -19.91 -17.13 -25.36
C ASP B 725 -20.16 -18.02 -24.15
N ALA B 726 -19.45 -17.77 -23.04
CA ALA B 726 -19.67 -18.53 -21.82
C ALA B 726 -21.02 -18.22 -21.21
N MET B 727 -21.48 -16.97 -21.33
CA MET B 727 -22.78 -16.62 -20.76
C MET B 727 -23.93 -17.18 -21.60
N LEU B 728 -23.77 -17.22 -22.92
CA LEU B 728 -24.78 -17.86 -23.76
C LEU B 728 -24.81 -19.37 -23.55
N SER B 729 -23.64 -19.99 -23.38
CA SER B 729 -23.60 -21.42 -23.08
C SER B 729 -24.17 -21.73 -21.71
N ARG B 730 -24.06 -20.79 -20.76
CA ARG B 730 -24.69 -20.99 -19.46
C ARG B 730 -26.20 -20.82 -19.56
N ALA B 731 -26.66 -19.83 -20.35
CA ALA B 731 -28.09 -19.55 -20.46
C ALA B 731 -28.84 -20.67 -21.16
N ARG B 732 -28.24 -21.23 -22.22
CA ARG B 732 -28.90 -22.30 -22.96
C ARG B 732 -29.10 -23.54 -22.10
N ILE B 733 -28.04 -24.00 -21.43
CA ILE B 733 -28.21 -25.20 -20.62
C ILE B 733 -28.93 -24.93 -19.31
N ASP B 734 -28.96 -23.68 -18.81
CA ASP B 734 -29.80 -23.39 -17.66
C ASP B 734 -31.27 -23.47 -18.03
N ALA B 735 -31.62 -22.96 -19.21
CA ALA B 735 -32.98 -23.10 -19.70
C ALA B 735 -33.35 -24.55 -19.95
N ARG B 736 -32.39 -25.34 -20.46
CA ARG B 736 -32.67 -26.75 -20.73
C ARG B 736 -32.84 -27.56 -19.44
N ILE B 737 -32.00 -27.31 -18.43
CA ILE B 737 -32.12 -28.00 -17.15
C ILE B 737 -33.41 -27.60 -16.44
N ASP B 738 -33.77 -26.31 -16.49
CA ASP B 738 -35.00 -25.87 -15.85
C ASP B 738 -36.23 -26.36 -16.61
N LEU B 739 -36.13 -26.57 -17.92
CA LEU B 739 -37.23 -27.15 -18.67
C LEU B 739 -37.42 -28.62 -18.36
N GLU B 740 -36.32 -29.39 -18.40
CA GLU B 740 -36.39 -30.83 -18.18
C GLU B 740 -36.62 -31.21 -16.72
N SER B 741 -36.61 -30.25 -15.79
CA SER B 741 -36.76 -30.57 -14.38
C SER B 741 -37.71 -29.59 -13.69
N GLY B 742 -38.72 -29.12 -14.40
CA GLY B 742 -39.73 -28.33 -13.72
C GLY B 742 -40.01 -26.93 -14.23
N ARG B 743 -39.64 -25.93 -13.44
CA ARG B 743 -40.17 -24.56 -13.37
C ARG B 743 -40.02 -23.73 -14.65
N ILE B 744 -39.49 -24.18 -15.78
CA ILE B 744 -39.51 -23.39 -17.01
C ILE B 744 -40.28 -24.18 -18.07
N SER B 745 -41.28 -23.54 -18.67
CA SER B 745 -42.09 -24.16 -19.70
C SER B 745 -41.37 -24.16 -21.04
N SER B 746 -41.97 -24.82 -22.02
CA SER B 746 -41.38 -24.85 -23.35
C SER B 746 -41.51 -23.52 -24.07
N GLN B 747 -42.51 -22.71 -23.71
CA GLN B 747 -42.57 -21.35 -24.22
C GLN B 747 -41.41 -20.52 -23.69
N ASP B 748 -41.11 -20.66 -22.39
CA ASP B 748 -40.00 -19.93 -21.79
C ASP B 748 -38.66 -20.43 -22.30
N PHE B 749 -38.52 -21.75 -22.46
CA PHE B 749 -37.30 -22.32 -23.02
C PHE B 749 -37.08 -21.88 -24.45
N SER B 750 -38.15 -21.85 -25.26
CA SER B 750 -38.05 -21.39 -26.63
C SER B 750 -37.72 -19.90 -26.69
N GLU B 751 -38.25 -19.11 -25.76
CA GLU B 751 -37.95 -17.68 -25.74
C GLU B 751 -36.49 -17.43 -25.36
N ILE B 752 -35.97 -18.20 -24.40
CA ILE B 752 -34.57 -18.05 -24.00
C ILE B 752 -33.63 -18.48 -25.13
N THR B 753 -33.97 -19.57 -25.83
CA THR B 753 -33.11 -20.01 -26.94
C THR B 753 -33.18 -19.07 -28.13
N ASN B 754 -34.36 -18.50 -28.40
CA ASN B 754 -34.48 -17.53 -29.49
C ASN B 754 -33.75 -16.23 -29.16
N THR B 755 -33.76 -15.83 -27.89
CA THR B 755 -33.00 -14.64 -27.50
C THR B 755 -31.50 -14.91 -27.53
N CYS B 756 -31.07 -16.14 -27.24
CA CYS B 756 -29.66 -16.49 -27.40
C CYS B 756 -29.25 -16.47 -28.87
N LYS B 757 -30.15 -16.92 -29.75
CA LYS B 757 -29.91 -16.80 -31.19
C LYS B 757 -29.83 -15.34 -31.63
N ALA B 758 -30.67 -14.48 -31.05
CA ALA B 758 -30.64 -13.06 -31.40
C ALA B 758 -29.36 -12.39 -30.89
N ILE B 759 -28.89 -12.79 -29.70
CA ILE B 759 -27.65 -12.24 -29.16
C ILE B 759 -26.46 -12.69 -30.00
N GLU B 760 -26.45 -13.96 -30.44
CA GLU B 760 -25.40 -14.41 -31.34
C GLU B 760 -25.48 -13.74 -32.71
N ALA B 761 -26.70 -13.40 -33.16
CA ALA B 761 -26.85 -12.73 -34.44
C ALA B 761 -26.34 -11.30 -34.37
N LEU B 762 -26.58 -10.60 -33.26
CA LEU B 762 -25.98 -9.29 -33.08
C LEU B 762 -24.48 -9.38 -32.81
N LYS B 763 -24.00 -10.50 -32.29
CA LYS B 763 -22.56 -10.72 -32.17
C LYS B 763 -21.90 -10.85 -33.53
N ARG B 764 -22.57 -11.52 -34.47
CA ARG B 764 -22.02 -11.70 -35.82
C ARG B 764 -21.97 -10.37 -36.57
N GLN B 765 -23.12 -9.74 -36.77
CA GLN B 765 -23.24 -8.56 -37.62
C GLN B 765 -23.30 -7.27 -36.82
N GLY B 766 -22.57 -7.20 -35.70
CA GLY B 766 -22.50 -5.98 -34.92
C GLY B 766 -21.55 -4.95 -35.50
N GLY C 7 -41.01 -16.93 -15.46
CA GLY C 7 -40.00 -15.99 -15.89
C GLY C 7 -38.83 -15.89 -14.92
N SER C 8 -37.86 -16.79 -15.09
CA SER C 8 -36.67 -16.82 -14.22
C SER C 8 -35.40 -16.49 -14.99
N GLY C 9 -35.11 -17.21 -16.06
CA GLY C 9 -33.89 -17.03 -16.82
C GLY C 9 -34.00 -16.09 -17.99
N MET C 10 -35.17 -15.49 -18.20
CA MET C 10 -35.34 -14.56 -19.32
C MET C 10 -35.05 -13.12 -18.93
N GLU C 11 -35.06 -12.80 -17.65
CA GLU C 11 -34.71 -11.46 -17.20
C GLU C 11 -33.24 -11.16 -17.44
N ARG C 12 -32.36 -12.08 -17.01
CA ARG C 12 -30.93 -11.88 -17.22
C ARG C 12 -30.55 -12.03 -18.69
N ILE C 13 -31.32 -12.81 -19.45
CA ILE C 13 -31.04 -12.96 -20.87
C ILE C 13 -31.48 -11.72 -21.63
N LYS C 14 -32.55 -11.05 -21.20
CA LYS C 14 -32.90 -9.78 -21.84
C LYS C 14 -31.99 -8.66 -21.39
N GLU C 15 -31.46 -8.74 -20.16
CA GLU C 15 -30.42 -7.82 -19.72
C GLU C 15 -29.16 -7.94 -20.58
N LEU C 16 -28.75 -9.18 -20.87
CA LEU C 16 -27.62 -9.41 -21.76
C LEU C 16 -27.93 -8.95 -23.19
N MET C 17 -29.18 -9.09 -23.63
CA MET C 17 -29.55 -8.58 -24.96
C MET C 17 -29.44 -7.06 -25.01
N GLU C 18 -29.89 -6.37 -23.95
CA GLU C 18 -29.76 -4.93 -23.90
C GLU C 18 -28.31 -4.49 -23.82
N MET C 19 -27.46 -5.27 -23.17
CA MET C 19 -26.05 -4.91 -23.09
C MET C 19 -25.33 -5.13 -24.41
N VAL C 20 -25.63 -6.23 -25.11
CA VAL C 20 -25.03 -6.50 -26.41
C VAL C 20 -25.57 -5.54 -27.47
N LYS C 21 -26.74 -4.94 -27.23
CA LYS C 21 -27.25 -3.87 -28.11
C LYS C 21 -26.30 -2.66 -28.16
N ASN C 22 -25.60 -2.38 -27.07
CA ASN C 22 -24.57 -1.34 -27.10
C ASN C 22 -23.32 -1.87 -27.78
N SER C 23 -22.68 -1.01 -28.58
CA SER C 23 -21.55 -1.45 -29.41
C SER C 23 -20.29 -1.66 -28.59
N ARG C 24 -19.99 -0.74 -27.66
CA ARG C 24 -18.78 -0.86 -26.85
C ARG C 24 -18.85 -2.05 -25.90
N MET C 25 -20.02 -2.29 -25.31
CA MET C 25 -20.19 -3.46 -24.46
C MET C 25 -20.15 -4.75 -25.27
N ARG C 26 -20.64 -4.73 -26.51
CA ARG C 26 -20.53 -5.91 -27.37
C ARG C 26 -19.08 -6.22 -27.69
N GLU C 27 -18.30 -5.19 -28.02
CA GLU C 27 -16.87 -5.35 -28.29
C GLU C 27 -16.14 -5.88 -27.06
N ILE C 28 -16.48 -5.37 -25.88
CA ILE C 28 -15.77 -5.75 -24.66
C ILE C 28 -16.16 -7.17 -24.23
N LEU C 29 -17.44 -7.52 -24.35
CA LEU C 29 -17.89 -8.86 -23.99
C LEU C 29 -17.40 -9.91 -24.96
N THR C 30 -17.24 -9.57 -26.24
CA THR C 30 -16.73 -10.57 -27.18
C THR C 30 -15.21 -10.69 -27.15
N THR C 31 -14.50 -9.60 -26.86
CA THR C 31 -13.04 -9.65 -26.96
C THR C 31 -12.39 -10.14 -25.66
N THR C 32 -12.90 -9.71 -24.51
CA THR C 32 -12.28 -10.10 -23.24
C THR C 32 -12.72 -11.50 -22.86
N SER C 33 -11.75 -12.38 -22.63
CA SER C 33 -12.03 -13.76 -22.25
C SER C 33 -12.37 -13.84 -20.78
N VAL C 34 -12.66 -15.06 -20.32
CA VAL C 34 -12.97 -15.29 -18.91
C VAL C 34 -11.71 -15.21 -18.06
N ASP C 35 -10.53 -15.38 -18.64
CA ASP C 35 -9.31 -15.15 -17.90
C ASP C 35 -8.98 -13.67 -17.80
N HIS C 36 -9.36 -12.89 -18.81
CA HIS C 36 -9.12 -11.44 -18.78
C HIS C 36 -10.12 -10.69 -17.92
N MET C 37 -11.26 -11.32 -17.60
CA MET C 37 -12.22 -10.68 -16.71
C MET C 37 -11.72 -10.63 -15.27
N ALA C 38 -10.69 -11.40 -14.93
CA ALA C 38 -10.00 -11.26 -13.66
C ALA C 38 -9.08 -10.05 -13.63
N VAL C 39 -8.83 -9.43 -14.78
CA VAL C 39 -8.00 -8.23 -14.87
C VAL C 39 -8.87 -6.97 -14.93
N ILE C 40 -9.91 -6.99 -15.76
CA ILE C 40 -10.78 -5.81 -15.91
C ILE C 40 -11.76 -5.65 -14.77
N LYS C 41 -11.80 -6.59 -13.82
CA LYS C 41 -12.58 -6.37 -12.62
C LYS C 41 -11.96 -5.30 -11.74
N LYS C 42 -10.62 -5.24 -11.73
CA LYS C 42 -9.88 -4.27 -10.93
C LYS C 42 -9.50 -3.02 -11.72
N TYR C 43 -10.14 -2.79 -12.85
CA TYR C 43 -9.89 -1.59 -13.64
C TYR C 43 -10.42 -0.37 -12.91
N THR C 44 -9.56 0.61 -12.64
CA THR C 44 -9.93 1.81 -11.91
C THR C 44 -9.38 3.03 -12.64
N SER C 45 -10.27 3.81 -13.24
CA SER C 45 -9.91 5.04 -13.93
C SER C 45 -10.54 6.20 -13.17
N GLY C 46 -9.71 6.95 -12.45
CA GLY C 46 -10.18 8.07 -11.68
C GLY C 46 -9.18 8.52 -10.64
N ARG C 47 -9.34 9.74 -10.16
CA ARG C 47 -8.43 10.30 -9.17
C ARG C 47 -8.65 9.64 -7.82
N GLN C 48 -7.60 9.05 -7.28
CA GLN C 48 -7.70 8.32 -6.02
C GLN C 48 -7.45 9.24 -4.84
N GLU C 49 -8.21 9.03 -3.77
CA GLU C 49 -8.04 9.80 -2.54
C GLU C 49 -6.75 9.37 -1.85
N LYS C 50 -5.84 10.32 -1.65
CA LYS C 50 -4.55 9.98 -1.08
C LYS C 50 -4.61 9.79 0.43
N ASN C 51 -5.53 10.47 1.10
CA ASN C 51 -5.74 10.31 2.54
C ASN C 51 -7.21 10.01 2.78
N PRO C 52 -7.59 8.74 2.94
CA PRO C 52 -8.99 8.43 3.26
C PRO C 52 -9.39 8.82 4.68
N ALA C 53 -8.43 8.89 5.61
CA ALA C 53 -8.75 9.27 6.97
C ALA C 53 -9.14 10.74 7.06
N LEU C 54 -8.33 11.61 6.45
CA LEU C 54 -8.63 13.03 6.42
C LEU C 54 -9.90 13.31 5.64
N ARG C 55 -10.13 12.56 4.56
CA ARG C 55 -11.32 12.75 3.76
C ARG C 55 -12.57 12.30 4.49
N MET C 56 -12.47 11.26 5.31
CA MET C 56 -13.61 10.88 6.14
C MET C 56 -13.83 11.90 7.24
N LYS C 57 -12.76 12.51 7.76
CA LYS C 57 -12.88 13.55 8.77
C LYS C 57 -13.65 14.77 8.25
N TRP C 58 -13.32 15.22 7.04
CA TRP C 58 -14.05 16.38 6.52
C TRP C 58 -15.33 16.02 5.78
N MET C 59 -15.54 14.75 5.45
CA MET C 59 -16.82 14.35 4.87
C MET C 59 -17.87 14.12 5.95
N MET C 60 -17.46 13.68 7.14
CA MET C 60 -18.41 13.48 8.23
C MET C 60 -18.88 14.79 8.84
N ALA C 61 -18.16 15.89 8.60
CA ALA C 61 -18.61 17.21 9.04
C ALA C 61 -19.70 17.79 8.16
N MET C 62 -20.02 17.14 7.05
CA MET C 62 -21.12 17.56 6.21
C MET C 62 -22.40 16.84 6.61
N LYS C 63 -23.53 17.34 6.11
CA LYS C 63 -24.83 16.85 6.57
C LYS C 63 -25.12 15.45 6.08
N TYR C 64 -24.75 15.16 4.83
CA TYR C 64 -25.14 13.90 4.18
C TYR C 64 -23.89 13.24 3.58
N PRO C 65 -23.16 12.46 4.37
CA PRO C 65 -21.98 11.77 3.84
C PRO C 65 -22.23 10.36 3.31
N ILE C 66 -23.36 9.76 3.60
CA ILE C 66 -23.65 8.39 3.22
C ILE C 66 -24.41 8.40 1.90
N SER C 67 -24.12 7.44 1.03
CA SER C 67 -24.88 7.25 -0.21
C SER C 67 -25.42 5.81 -0.20
N ALA C 68 -26.68 5.67 0.19
CA ALA C 68 -27.37 4.39 0.17
C ALA C 68 -28.43 4.41 -0.92
N SER C 69 -29.06 3.25 -1.13
CA SER C 69 -29.97 3.04 -2.25
C SER C 69 -31.28 3.83 -2.05
N SER C 70 -32.06 3.92 -3.13
CA SER C 70 -33.29 4.70 -3.10
C SER C 70 -34.41 4.04 -2.32
N ARG C 71 -34.28 2.74 -2.00
CA ARG C 71 -35.25 2.04 -1.17
C ARG C 71 -35.38 2.65 0.22
N ILE C 72 -34.32 3.33 0.69
CA ILE C 72 -34.34 4.05 1.95
C ILE C 72 -35.33 5.22 1.94
N ARG C 73 -35.80 5.65 0.76
CA ARG C 73 -36.86 6.64 0.70
C ARG C 73 -38.19 6.09 1.17
N GLU C 74 -38.35 4.77 1.28
CA GLU C 74 -39.59 4.20 1.77
C GLU C 74 -39.45 3.48 3.10
N MET C 75 -38.24 3.14 3.52
CA MET C 75 -38.04 2.40 4.75
C MET C 75 -37.97 3.31 5.97
N ILE C 76 -37.29 4.44 5.86
CA ILE C 76 -37.13 5.39 6.95
C ILE C 76 -37.88 6.66 6.59
N PRO C 77 -38.25 7.52 7.54
CA PRO C 77 -38.86 8.81 7.19
C PRO C 77 -37.81 9.79 6.66
N GLU C 78 -38.28 10.98 6.34
CA GLU C 78 -37.38 12.04 5.89
C GLU C 78 -36.93 12.95 7.02
N LYS C 79 -37.72 13.05 8.09
CA LYS C 79 -37.40 13.89 9.23
C LYS C 79 -37.51 13.06 10.51
N ASP C 80 -36.65 13.37 11.48
CA ASP C 80 -36.61 12.62 12.73
C ASP C 80 -37.64 13.18 13.71
N GLU C 81 -37.59 12.73 14.95
CA GLU C 81 -38.48 13.28 15.98
C GLU C 81 -38.04 14.66 16.43
N ASP C 82 -36.73 14.87 16.54
CA ASP C 82 -36.19 16.17 16.94
C ASP C 82 -35.97 17.10 15.76
N GLY C 83 -36.41 16.73 14.57
CA GLY C 83 -36.30 17.58 13.41
C GLY C 83 -35.08 17.35 12.55
N ASN C 84 -34.39 16.22 12.73
CA ASN C 84 -33.20 15.94 11.94
C ASN C 84 -33.62 15.32 10.61
N THR C 85 -33.19 15.96 9.52
CA THR C 85 -33.41 15.39 8.19
C THR C 85 -32.52 14.18 8.00
N LEU C 86 -33.10 13.11 7.45
CA LEU C 86 -32.39 11.84 7.34
C LEU C 86 -31.86 11.56 5.95
N TRP C 87 -32.51 12.05 4.90
CA TRP C 87 -31.98 11.89 3.56
C TRP C 87 -32.46 13.03 2.67
N THR C 88 -31.64 13.39 1.70
CA THR C 88 -32.01 14.29 0.61
C THR C 88 -31.60 13.65 -0.71
N ASN C 89 -32.24 14.13 -1.78
CA ASN C 89 -31.93 13.63 -3.11
C ASN C 89 -30.70 14.35 -3.66
N THR C 90 -30.32 14.00 -4.89
CA THR C 90 -29.23 14.65 -5.59
C THR C 90 -29.79 15.59 -6.65
N LYS C 91 -28.96 16.55 -7.07
CA LYS C 91 -29.39 17.55 -8.04
C LYS C 91 -29.46 16.92 -9.43
N ASP C 92 -30.70 16.69 -9.90
CA ASP C 92 -31.01 16.10 -11.21
C ASP C 92 -30.38 14.71 -11.37
N ALA C 93 -30.60 13.86 -10.37
CA ALA C 93 -30.11 12.48 -10.41
C ALA C 93 -31.16 11.61 -9.73
N GLY C 94 -32.04 11.02 -10.55
CA GLY C 94 -33.10 10.17 -10.05
C GLY C 94 -32.71 8.71 -9.98
N SER C 95 -31.40 8.43 -9.90
CA SER C 95 -30.90 7.08 -9.81
C SER C 95 -31.22 6.46 -8.45
N ASN C 96 -30.89 5.18 -8.33
CA ASN C 96 -31.17 4.43 -7.10
C ASN C 96 -30.02 4.58 -6.09
N ARG C 97 -29.73 5.84 -5.76
CA ARG C 97 -28.74 6.17 -4.75
C ARG C 97 -29.02 7.59 -4.28
N VAL C 98 -29.32 7.76 -3.00
CA VAL C 98 -29.56 9.08 -2.43
C VAL C 98 -28.58 9.31 -1.30
N LEU C 99 -28.45 10.59 -0.92
CA LEU C 99 -27.54 11.00 0.14
C LEU C 99 -28.22 10.87 1.49
N VAL C 100 -27.57 10.18 2.43
CA VAL C 100 -28.16 9.90 3.73
C VAL C 100 -27.31 10.53 4.83
N SER C 101 -27.94 10.73 5.96
CA SER C 101 -27.38 11.25 7.20
C SER C 101 -27.03 10.09 8.13
N PRO C 102 -26.08 10.28 9.05
CA PRO C 102 -25.85 9.24 10.06
C PRO C 102 -26.94 9.18 11.12
N ASN C 103 -27.75 10.24 11.23
CA ASN C 103 -28.96 10.17 12.05
C ASN C 103 -29.94 9.13 11.53
N ALA C 104 -29.90 8.86 10.22
CA ALA C 104 -30.69 7.77 9.66
C ALA C 104 -30.22 6.41 10.17
N VAL C 105 -28.90 6.23 10.31
CA VAL C 105 -28.36 4.98 10.82
C VAL C 105 -28.73 4.81 12.29
N THR C 106 -28.65 5.89 13.07
CA THR C 106 -29.04 5.81 14.47
C THR C 106 -30.55 5.58 14.60
N TRP C 107 -31.35 6.15 13.70
CA TRP C 107 -32.79 5.90 13.74
C TRP C 107 -33.11 4.46 13.36
N TRP C 108 -32.37 3.86 12.43
CA TRP C 108 -32.63 2.45 12.14
C TRP C 108 -32.22 1.58 13.31
N ASN C 109 -31.16 1.95 14.02
CA ASN C 109 -30.74 1.14 15.15
C ASN C 109 -31.58 1.35 16.40
N ARG C 110 -32.39 2.41 16.47
CA ARG C 110 -33.25 2.59 17.63
C ARG C 110 -34.74 2.43 17.36
N ALA C 111 -35.21 2.67 16.13
CA ALA C 111 -36.64 2.67 15.85
C ALA C 111 -36.96 2.08 14.49
N GLY C 112 -36.14 1.15 14.01
CA GLY C 112 -36.43 0.43 12.79
C GLY C 112 -37.13 -0.88 13.08
N PRO C 113 -37.33 -1.70 12.04
CA PRO C 113 -37.99 -3.00 12.25
C PRO C 113 -37.04 -4.04 12.82
N VAL C 114 -37.55 -4.79 13.80
CA VAL C 114 -36.82 -5.92 14.39
C VAL C 114 -36.90 -7.08 13.41
N SER C 115 -36.05 -8.10 13.61
CA SER C 115 -36.05 -9.25 12.73
C SER C 115 -35.64 -10.48 13.54
N ASP C 116 -35.29 -11.55 12.82
CA ASP C 116 -34.75 -12.76 13.43
C ASP C 116 -33.25 -12.81 13.19
N VAL C 117 -32.49 -13.07 14.25
CA VAL C 117 -31.04 -13.15 14.16
C VAL C 117 -30.64 -14.49 14.78
N VAL C 118 -30.60 -15.52 13.95
CA VAL C 118 -30.15 -16.84 14.39
C VAL C 118 -28.96 -17.34 13.59
N HIS C 119 -28.71 -16.80 12.41
CA HIS C 119 -27.57 -17.20 11.58
C HIS C 119 -26.35 -16.30 11.78
N TYR C 120 -26.50 -15.15 12.43
CA TYR C 120 -25.34 -14.33 12.77
C TYR C 120 -24.38 -14.98 13.76
N PRO C 121 -24.80 -15.75 14.78
CA PRO C 121 -23.83 -16.60 15.47
C PRO C 121 -23.47 -17.87 14.71
N ARG C 122 -24.18 -18.17 13.62
CA ARG C 122 -23.87 -19.34 12.80
C ARG C 122 -22.89 -18.99 11.68
N VAL C 123 -23.04 -17.81 11.09
CA VAL C 123 -22.07 -17.36 10.08
C VAL C 123 -20.74 -17.03 10.74
N TYR C 124 -20.78 -16.33 11.87
CA TYR C 124 -19.59 -15.88 12.57
C TYR C 124 -19.30 -16.73 13.79
N LYS C 125 -19.48 -18.05 13.67
CA LYS C 125 -19.25 -18.96 14.79
C LYS C 125 -17.79 -19.05 15.19
N MET C 126 -16.87 -18.70 14.28
CA MET C 126 -15.45 -18.69 14.62
C MET C 126 -15.12 -17.65 15.68
N TYR C 127 -15.66 -16.43 15.52
CA TYR C 127 -15.38 -15.37 16.47
C TYR C 127 -16.11 -15.60 17.80
N PHE C 128 -17.30 -16.19 17.76
CA PHE C 128 -17.97 -16.55 19.01
C PHE C 128 -17.26 -17.69 19.73
N ASP C 129 -16.64 -18.60 18.97
CA ASP C 129 -15.81 -19.62 19.61
C ASP C 129 -14.56 -19.00 20.23
N ARG C 130 -13.99 -17.99 19.58
CA ARG C 130 -12.85 -17.26 20.14
C ARG C 130 -13.23 -16.56 21.45
N LEU C 131 -14.39 -15.90 21.45
CA LEU C 131 -14.85 -15.19 22.65
C LEU C 131 -15.23 -16.16 23.77
N GLU C 132 -15.80 -17.31 23.44
CA GLU C 132 -16.13 -18.29 24.46
C GLU C 132 -14.88 -18.97 25.01
N ARG C 133 -13.83 -19.07 24.19
CA ARG C 133 -12.57 -19.61 24.69
C ARG C 133 -11.80 -18.61 25.54
N LEU C 134 -11.91 -17.31 25.21
CA LEU C 134 -11.21 -16.29 25.97
C LEU C 134 -11.92 -15.95 27.27
N THR C 135 -13.25 -15.97 27.26
CA THR C 135 -14.02 -15.64 28.46
C THR C 135 -13.84 -16.68 29.54
N HIS C 136 -13.75 -17.96 29.16
CA HIS C 136 -13.53 -19.04 30.11
C HIS C 136 -12.06 -19.37 30.28
N GLY C 137 -11.16 -18.57 29.73
CA GLY C 137 -9.75 -18.80 29.94
C GLY C 137 -9.33 -18.48 31.36
N THR C 138 -8.22 -19.11 31.78
CA THR C 138 -7.71 -19.00 33.14
C THR C 138 -6.29 -18.46 33.08
N PHE C 139 -6.09 -17.26 33.61
CA PHE C 139 -4.81 -16.57 33.50
C PHE C 139 -3.89 -16.91 34.65
N GLY C 140 -2.61 -17.13 34.32
CA GLY C 140 -1.59 -17.29 35.32
C GLY C 140 -0.81 -16.00 35.49
N PRO C 141 0.24 -16.04 36.30
CA PRO C 141 1.03 -14.82 36.55
C PRO C 141 1.91 -14.47 35.36
N VAL C 142 2.47 -13.27 35.42
CA VAL C 142 3.43 -12.80 34.43
C VAL C 142 4.83 -13.12 34.91
N LYS C 143 5.69 -13.56 33.99
CA LYS C 143 7.08 -13.85 34.30
C LYS C 143 7.97 -13.04 33.37
N PHE C 144 8.89 -12.28 33.93
CA PHE C 144 9.73 -11.36 33.18
C PHE C 144 11.10 -11.98 32.95
N TYR C 145 11.46 -12.18 31.69
CA TYR C 145 12.80 -12.59 31.30
C TYR C 145 13.01 -12.16 29.85
N ASN C 146 14.21 -12.39 29.34
CA ASN C 146 14.46 -12.09 27.94
C ASN C 146 13.77 -13.13 27.07
N GLN C 147 13.39 -12.70 25.86
CA GLN C 147 12.48 -13.46 25.01
C GLN C 147 13.17 -13.88 23.73
N VAL C 148 13.07 -15.17 23.40
CA VAL C 148 13.60 -15.73 22.16
C VAL C 148 12.41 -16.26 21.39
N LYS C 149 12.00 -15.54 20.35
CA LYS C 149 10.80 -15.86 19.59
C LYS C 149 11.18 -16.24 18.17
N VAL C 150 10.71 -17.40 17.73
CA VAL C 150 11.10 -18.00 16.45
C VAL C 150 9.96 -17.85 15.46
N ARG C 151 10.30 -17.47 14.22
CA ARG C 151 9.32 -17.29 13.16
C ARG C 151 8.90 -18.66 12.64
N LYS C 152 7.87 -19.23 13.28
CA LYS C 152 7.37 -20.56 12.95
C LYS C 152 6.04 -20.47 12.21
N ARG C 153 5.84 -21.40 11.27
CA ARG C 153 4.59 -21.48 10.54
C ARG C 153 3.58 -22.20 11.42
N VAL C 154 2.86 -21.43 12.23
CA VAL C 154 1.94 -21.98 13.20
C VAL C 154 0.52 -21.95 12.64
N ASP C 155 -0.39 -22.65 13.30
CA ASP C 155 -1.74 -22.87 12.81
C ASP C 155 -2.66 -21.78 13.35
N ILE C 156 -2.89 -20.74 12.56
CA ILE C 156 -3.78 -19.66 12.98
C ILE C 156 -5.24 -20.11 12.94
N ASN C 157 -5.66 -20.71 11.82
CA ASN C 157 -7.01 -21.24 11.65
C ASN C 157 -6.92 -22.76 11.59
N PRO C 158 -7.50 -23.50 12.54
CA PRO C 158 -7.28 -24.94 12.61
C PRO C 158 -7.94 -25.73 11.48
N GLY C 159 -9.19 -25.44 11.17
CA GLY C 159 -9.87 -26.10 10.08
C GLY C 159 -10.59 -27.35 10.54
N HIS C 160 -10.45 -28.43 9.77
CA HIS C 160 -11.11 -29.69 10.04
C HIS C 160 -10.08 -30.81 10.06
N LYS C 161 -10.40 -31.89 10.77
CA LYS C 161 -9.54 -33.05 10.81
C LYS C 161 -9.66 -33.84 9.50
N ASP C 162 -8.51 -34.38 9.06
CA ASP C 162 -8.37 -35.24 7.87
C ASP C 162 -8.75 -34.53 6.57
N LEU C 163 -8.77 -33.20 6.57
CA LEU C 163 -9.04 -32.41 5.37
C LEU C 163 -7.97 -31.35 5.24
N THR C 164 -7.23 -31.36 4.14
CA THR C 164 -6.23 -30.35 3.90
C THR C 164 -6.88 -29.05 3.43
N SER C 165 -6.05 -28.05 3.16
CA SER C 165 -6.55 -26.80 2.61
C SER C 165 -6.96 -26.97 1.15
N ARG C 166 -6.32 -27.91 0.44
CA ARG C 166 -6.66 -28.21 -0.94
C ARG C 166 -7.94 -29.01 -1.08
N GLU C 167 -8.40 -29.67 -0.03
CA GLU C 167 -9.63 -30.46 -0.08
C GLU C 167 -10.84 -29.73 0.44
N ALA C 168 -10.67 -28.88 1.46
CA ALA C 168 -11.81 -28.21 2.08
C ALA C 168 -12.42 -27.18 1.14
N GLN C 169 -11.59 -26.51 0.33
CA GLN C 169 -12.09 -25.54 -0.63
C GLN C 169 -12.90 -26.23 -1.73
N GLU C 170 -12.46 -27.41 -2.17
CA GLU C 170 -13.23 -28.20 -3.10
C GLU C 170 -14.53 -28.71 -2.48
N VAL C 171 -14.52 -29.03 -1.18
CA VAL C 171 -15.74 -29.43 -0.48
C VAL C 171 -16.75 -28.27 -0.47
N ILE C 172 -16.29 -27.06 -0.17
CA ILE C 172 -17.17 -25.90 -0.13
C ILE C 172 -17.71 -25.58 -1.52
N MET C 173 -16.84 -25.66 -2.54
CA MET C 173 -17.28 -25.42 -3.91
C MET C 173 -18.24 -26.49 -4.39
N GLU C 174 -18.16 -27.70 -3.86
CA GLU C 174 -19.19 -28.69 -4.21
C GLU C 174 -20.47 -28.47 -3.43
N VAL C 175 -20.40 -27.89 -2.23
CA VAL C 175 -21.62 -27.68 -1.43
C VAL C 175 -22.44 -26.52 -2.00
N VAL C 176 -21.83 -25.32 -2.10
CA VAL C 176 -22.63 -24.15 -2.39
C VAL C 176 -22.67 -23.77 -3.88
N PHE C 177 -21.72 -24.24 -4.69
CA PHE C 177 -21.68 -23.92 -6.12
C PHE C 177 -21.48 -25.19 -6.92
N PRO C 178 -22.47 -26.10 -6.95
CA PRO C 178 -22.20 -27.45 -7.42
C PRO C 178 -22.03 -27.57 -8.92
N ASN C 179 -22.56 -26.64 -9.71
CA ASN C 179 -22.36 -26.68 -11.15
C ASN C 179 -21.07 -26.03 -11.60
N GLU C 180 -20.57 -25.05 -10.84
CA GLU C 180 -19.40 -24.27 -11.22
C GLU C 180 -18.12 -24.85 -10.64
N VAL C 181 -17.88 -26.14 -10.85
CA VAL C 181 -16.74 -26.81 -10.23
C VAL C 181 -15.61 -26.97 -11.24
N GLY C 182 -15.88 -27.68 -12.33
CA GLY C 182 -14.86 -28.02 -13.29
C GLY C 182 -14.59 -29.51 -13.34
N ALA C 183 -13.32 -29.89 -13.47
CA ALA C 183 -12.93 -31.29 -13.57
C ALA C 183 -12.54 -31.92 -12.23
N ARG C 184 -12.72 -31.18 -11.13
CA ARG C 184 -12.29 -31.65 -9.82
C ARG C 184 -13.24 -32.72 -9.29
N THR C 185 -12.69 -33.70 -8.59
CA THR C 185 -13.46 -34.82 -8.06
C THR C 185 -13.14 -35.01 -6.59
N LEU C 186 -14.12 -35.58 -5.86
CA LEU C 186 -14.02 -35.72 -4.41
C LEU C 186 -13.48 -37.11 -4.07
N SER C 187 -12.39 -37.15 -3.32
CA SER C 187 -11.64 -38.38 -3.14
C SER C 187 -11.42 -38.76 -1.68
N SER C 188 -12.48 -38.74 -0.88
CA SER C 188 -12.40 -39.21 0.50
C SER C 188 -13.77 -39.72 0.92
N ASP C 189 -13.77 -40.53 1.98
CA ASP C 189 -14.99 -41.18 2.46
C ASP C 189 -15.70 -40.39 3.56
N ALA C 190 -14.99 -39.56 4.30
CA ALA C 190 -15.62 -38.61 5.20
C ALA C 190 -15.94 -37.30 4.53
N GLN C 191 -15.32 -37.02 3.38
CA GLN C 191 -15.63 -35.84 2.57
C GLN C 191 -17.09 -35.85 2.14
N LEU C 192 -17.59 -37.02 1.72
CA LEU C 192 -18.97 -37.10 1.23
C LEU C 192 -19.97 -36.99 2.38
N THR C 193 -19.63 -37.50 3.56
CA THR C 193 -20.52 -37.33 4.72
C THR C 193 -20.55 -35.88 5.18
N ILE C 194 -19.40 -35.22 5.16
CA ILE C 194 -19.34 -33.79 5.49
C ILE C 194 -20.13 -32.97 4.46
N THR C 195 -20.02 -33.35 3.19
CA THR C 195 -20.74 -32.67 2.11
C THR C 195 -22.26 -32.85 2.25
N LYS C 196 -22.69 -34.07 2.60
CA LYS C 196 -24.12 -34.33 2.82
C LYS C 196 -24.64 -33.57 4.03
N GLU C 197 -23.84 -33.49 5.10
CA GLU C 197 -24.27 -32.76 6.29
C GLU C 197 -24.34 -31.25 6.02
N LYS C 198 -23.41 -30.72 5.23
CA LYS C 198 -23.43 -29.29 4.94
C LYS C 198 -24.54 -28.94 3.96
N LYS C 199 -24.85 -29.83 3.00
CA LYS C 199 -26.01 -29.62 2.15
C LYS C 199 -27.32 -29.75 2.93
N GLU C 200 -27.33 -30.59 3.97
CA GLU C 200 -28.51 -30.72 4.81
C GLU C 200 -28.71 -29.49 5.69
N GLU C 201 -27.62 -28.96 6.25
CA GLU C 201 -27.73 -27.82 7.15
C GLU C 201 -28.11 -26.54 6.41
N LEU C 202 -27.71 -26.42 5.15
CA LEU C 202 -27.94 -25.21 4.36
C LEU C 202 -29.09 -25.39 3.38
N LYS C 203 -30.14 -26.11 3.78
CA LYS C 203 -31.32 -26.25 2.94
C LYS C 203 -32.09 -24.94 2.87
N ASN C 204 -32.55 -24.45 4.03
CA ASN C 204 -33.35 -23.23 4.09
C ASN C 204 -32.45 -22.09 4.56
N CYS C 205 -31.69 -21.52 3.62
CA CYS C 205 -30.91 -20.32 3.87
C CYS C 205 -31.32 -19.26 2.86
N LYS C 206 -31.88 -18.16 3.34
CA LYS C 206 -32.12 -17.01 2.48
C LYS C 206 -30.95 -16.04 2.53
N ILE C 207 -29.76 -16.58 2.33
CA ILE C 207 -28.49 -15.87 2.51
C ILE C 207 -27.75 -15.91 1.18
N SER C 208 -26.78 -15.01 1.04
CA SER C 208 -25.97 -15.00 -0.17
C SER C 208 -25.06 -16.22 -0.18
N PRO C 209 -24.81 -16.81 -1.37
CA PRO C 209 -23.95 -18.01 -1.42
C PRO C 209 -22.50 -17.74 -1.08
N ILE C 210 -22.04 -16.50 -1.25
CA ILE C 210 -20.69 -16.15 -0.81
C ILE C 210 -20.63 -16.14 0.71
N MET C 211 -21.74 -15.84 1.39
CA MET C 211 -21.71 -15.78 2.84
C MET C 211 -21.61 -17.17 3.46
N VAL C 212 -22.39 -18.13 2.95
CA VAL C 212 -22.23 -19.49 3.44
C VAL C 212 -20.93 -20.11 2.94
N ALA C 213 -20.44 -19.66 1.78
CA ALA C 213 -19.13 -20.09 1.32
C ALA C 213 -18.02 -19.66 2.28
N TYR C 214 -18.05 -18.40 2.71
CA TYR C 214 -17.04 -17.92 3.66
C TYR C 214 -17.26 -18.49 5.06
N MET C 215 -18.50 -18.81 5.43
CA MET C 215 -18.75 -19.45 6.72
C MET C 215 -18.18 -20.87 6.75
N LEU C 216 -18.41 -21.65 5.69
CA LEU C 216 -17.79 -22.96 5.58
C LEU C 216 -16.28 -22.86 5.41
N GLU C 217 -15.79 -21.73 4.86
CA GLU C 217 -14.35 -21.52 4.75
C GLU C 217 -13.72 -21.30 6.11
N ARG C 218 -14.30 -20.42 6.91
CA ARG C 218 -13.74 -20.18 8.24
C ARG C 218 -14.08 -21.28 9.23
N GLU C 219 -14.91 -22.25 8.85
CA GLU C 219 -14.99 -23.46 9.66
C GLU C 219 -14.04 -24.56 9.21
N LEU C 220 -13.84 -24.73 7.91
CA LEU C 220 -13.16 -25.90 7.36
C LEU C 220 -11.75 -25.64 6.83
N VAL C 221 -11.51 -24.51 6.18
CA VAL C 221 -10.22 -24.29 5.51
C VAL C 221 -9.18 -23.89 6.54
N ARG C 222 -8.06 -24.61 6.55
CA ARG C 222 -6.98 -24.38 7.51
C ARG C 222 -5.99 -23.39 6.94
N ARG C 223 -5.72 -22.32 7.69
CA ARG C 223 -4.70 -21.35 7.34
C ARG C 223 -3.53 -21.46 8.29
N THR C 224 -2.34 -21.20 7.77
CA THR C 224 -1.12 -21.13 8.58
C THR C 224 -0.34 -19.88 8.19
N ARG C 225 0.34 -19.30 9.18
CA ARG C 225 1.08 -18.07 8.95
C ARG C 225 2.31 -18.04 9.84
N PHE C 226 3.42 -17.55 9.29
CA PHE C 226 4.64 -17.38 10.06
C PHE C 226 4.45 -16.29 11.12
N LEU C 227 4.83 -16.61 12.36
CA LEU C 227 4.70 -15.67 13.46
C LEU C 227 5.79 -15.94 14.48
N PRO C 228 6.28 -14.91 15.18
CA PRO C 228 7.21 -15.16 16.29
C PRO C 228 6.53 -15.75 17.50
N ILE C 229 6.78 -17.04 17.77
CA ILE C 229 6.16 -17.75 18.87
C ILE C 229 7.25 -18.13 19.87
N ALA C 230 6.94 -17.95 21.16
CA ALA C 230 7.79 -18.43 22.26
C ALA C 230 6.85 -19.01 23.31
N GLY C 231 6.56 -20.29 23.21
CA GLY C 231 5.65 -20.95 24.12
C GLY C 231 4.90 -22.06 23.40
N ALA C 232 3.61 -22.15 23.72
CA ALA C 232 2.77 -23.18 23.12
C ALA C 232 2.37 -22.77 21.70
N THR C 233 2.61 -23.68 20.74
CA THR C 233 2.28 -23.44 19.35
C THR C 233 0.97 -24.09 18.94
N SER C 234 0.04 -24.29 19.87
CA SER C 234 -1.26 -24.82 19.54
C SER C 234 -2.10 -23.76 18.83
N SER C 235 -3.21 -24.19 18.23
CA SER C 235 -4.02 -23.29 17.42
C SER C 235 -4.77 -22.27 18.28
N THR C 236 -5.08 -22.61 19.52
CA THR C 236 -5.77 -21.71 20.43
C THR C 236 -4.82 -20.81 21.21
N TYR C 237 -3.53 -20.80 20.83
CA TYR C 237 -2.56 -19.90 21.43
C TYR C 237 -2.05 -18.84 20.46
N VAL C 238 -2.18 -19.06 19.15
CA VAL C 238 -1.78 -18.06 18.17
C VAL C 238 -2.78 -16.92 18.11
N GLU C 239 -4.02 -17.16 18.52
CA GLU C 239 -5.01 -16.08 18.55
C GLU C 239 -4.75 -15.11 19.70
N VAL C 240 -4.10 -15.56 20.76
CA VAL C 240 -3.81 -14.73 21.93
C VAL C 240 -2.32 -14.40 21.93
N LEU C 241 -1.73 -14.36 20.74
CA LEU C 241 -0.30 -14.07 20.60
C LEU C 241 0.05 -12.64 20.95
N HIS C 242 -0.91 -11.72 20.89
CA HIS C 242 -0.71 -10.36 21.35
C HIS C 242 -0.81 -10.24 22.87
N LEU C 243 -1.22 -11.29 23.56
CA LEU C 243 -1.52 -11.23 24.98
C LEU C 243 -0.61 -12.10 25.82
N THR C 244 -0.21 -13.27 25.31
CA THR C 244 0.54 -14.22 26.11
C THR C 244 2.05 -14.02 26.06
N GLN C 245 2.55 -13.14 25.19
CA GLN C 245 3.98 -12.89 25.14
C GLN C 245 4.23 -11.46 24.71
N GLY C 246 5.40 -10.96 25.08
CA GLY C 246 5.81 -9.61 24.72
C GLY C 246 7.26 -9.57 24.32
N THR C 247 7.97 -8.52 24.72
CA THR C 247 9.41 -8.44 24.50
C THR C 247 10.21 -8.85 25.73
N CYS C 248 9.72 -8.55 26.93
CA CYS C 248 10.43 -8.85 28.16
C CYS C 248 9.61 -9.66 29.14
N TRP C 249 8.44 -10.17 28.75
CA TRP C 249 7.58 -10.89 29.66
C TRP C 249 6.88 -12.02 28.91
N GLU C 250 6.11 -12.80 29.67
CA GLU C 250 5.34 -13.92 29.11
C GLU C 250 4.16 -14.19 30.01
N GLN C 251 2.97 -13.77 29.58
CA GLN C 251 1.74 -14.05 30.30
C GLN C 251 1.34 -15.50 30.09
N GLN C 252 1.15 -16.23 31.18
CA GLN C 252 0.73 -17.62 31.12
C GLN C 252 -0.79 -17.68 31.12
N TYR C 253 -1.36 -18.42 30.17
CA TYR C 253 -2.80 -18.43 29.96
C TYR C 253 -3.21 -19.75 29.33
N THR C 254 -4.20 -20.41 29.92
CA THR C 254 -4.76 -21.64 29.40
C THR C 254 -6.16 -21.34 28.87
N PRO C 255 -6.43 -21.58 27.57
CA PRO C 255 -7.76 -21.27 27.03
C PRO C 255 -8.83 -22.20 27.58
N GLY C 256 -10.03 -21.64 27.77
CA GLY C 256 -11.10 -22.38 28.41
C GLY C 256 -11.74 -23.36 27.45
N GLY C 257 -11.64 -24.65 27.75
CA GLY C 257 -12.20 -25.68 26.90
C GLY C 257 -11.24 -26.82 26.65
#